data_9ILS
# 
_entry.id   9ILS 
# 
_audit_conform.dict_name       mmcif_pdbx.dic 
_audit_conform.dict_version    5.403 
_audit_conform.dict_location   http://mmcif.pdb.org/dictionaries/ascii/mmcif_pdbx.dic 
# 
loop_
_database_2.database_id 
_database_2.database_code 
_database_2.pdbx_database_accession 
_database_2.pdbx_DOI 
PDB   9ILS         pdb_00009ils 10.2210/pdb9ils/pdb 
WWPDB D_1300049010 ?            ?                   
# 
loop_
_pdbx_audit_revision_history.ordinal 
_pdbx_audit_revision_history.data_content_type 
_pdbx_audit_revision_history.major_revision 
_pdbx_audit_revision_history.minor_revision 
_pdbx_audit_revision_history.revision_date 
_pdbx_audit_revision_history.part_number 
1 'Structure model' 1 0 2025-03-05 ? 
2 'Structure model' 1 1 2025-05-28 ? 
# 
_pdbx_audit_revision_details.ordinal             1 
_pdbx_audit_revision_details.revision_ordinal    1 
_pdbx_audit_revision_details.data_content_type   'Structure model' 
_pdbx_audit_revision_details.provider            repository 
_pdbx_audit_revision_details.type                'Initial release' 
_pdbx_audit_revision_details.description         ? 
_pdbx_audit_revision_details.details             ? 
# 
_pdbx_audit_revision_group.ordinal             1 
_pdbx_audit_revision_group.revision_ordinal    2 
_pdbx_audit_revision_group.data_content_type   'Structure model' 
_pdbx_audit_revision_group.group               'Database references' 
# 
loop_
_pdbx_audit_revision_category.ordinal 
_pdbx_audit_revision_category.revision_ordinal 
_pdbx_audit_revision_category.data_content_type 
_pdbx_audit_revision_category.category 
1 2 'Structure model' citation        
2 2 'Structure model' citation_author 
# 
loop_
_pdbx_audit_revision_item.ordinal 
_pdbx_audit_revision_item.revision_ordinal 
_pdbx_audit_revision_item.data_content_type 
_pdbx_audit_revision_item.item 
1 2 'Structure model' '_citation.journal_volume'          
2 2 'Structure model' '_citation.page_first'              
3 2 'Structure model' '_citation.page_last'               
4 2 'Structure model' '_citation_author.identifier_ORCID' 
# 
_pdbx_database_status.status_code                     REL 
_pdbx_database_status.status_code_sf                  REL 
_pdbx_database_status.status_code_mr                  ? 
_pdbx_database_status.entry_id                        9ILS 
_pdbx_database_status.recvd_initial_deposition_date   2024-07-01 
_pdbx_database_status.SG_entry                        N 
_pdbx_database_status.deposit_site                    PDBJ 
_pdbx_database_status.process_site                    PDBJ 
_pdbx_database_status.status_code_cs                  ? 
_pdbx_database_status.status_code_nmr_data            ? 
_pdbx_database_status.methods_development_category    ? 
_pdbx_database_status.pdb_format_compatible           Y 
# 
_pdbx_contact_author.id                 2 
_pdbx_contact_author.email              xiewei6@mail.sysu.edu.cn 
_pdbx_contact_author.name_first         Wei 
_pdbx_contact_author.name_last          Xie 
_pdbx_contact_author.name_mi            ? 
_pdbx_contact_author.role               'principal investigator/group leader' 
_pdbx_contact_author.identifier_ORCID   0000-0003-2410-2135 
# 
loop_
_audit_author.name 
_audit_author.pdbx_ordinal 
_audit_author.identifier_ORCID 
'Xie, W.'  1 ? 
'Chen, R.' 2 ? 
'Zhao, H.' 3 ? 
# 
_citation.abstract                  ? 
_citation.abstract_id_CAS           ? 
_citation.book_id_ISBN              ? 
_citation.book_publisher            ? 
_citation.book_publisher_city       ? 
_citation.book_title                ? 
_citation.coordinate_linkage        ? 
_citation.country                   NE 
_citation.database_id_Medline       ? 
_citation.details                   ? 
_citation.id                        primary 
_citation.journal_abbrev            'Febs Lett.' 
_citation.journal_id_ASTM           FEBLAL 
_citation.journal_id_CSD            0165 
_citation.journal_id_ISSN           0014-5793 
_citation.journal_full              ? 
_citation.journal_issue             ? 
_citation.journal_volume            599 
_citation.language                  ? 
_citation.page_first                1246 
_citation.page_last                 1259 
_citation.title                     'Structural insights into the Shigella flexneri GmvAT toxin-antitoxin system.' 
_citation.year                      2025 
_citation.database_id_CSD           ? 
_citation.pdbx_database_id_DOI      10.1002/1873-3468.70015 
_citation.pdbx_database_id_PubMed   39973444 
_citation.pdbx_database_id_patent   ? 
_citation.unpublished_flag          ? 
# 
loop_
_citation_author.citation_id 
_citation_author.name 
_citation_author.ordinal 
_citation_author.identifier_ORCID 
primary 'Chen, R.'  1  ? 
primary 'Zhao, H.'  2  ? 
primary 'Zhou, J.'  3  ? 
primary 'Liu, A.'   4  ? 
primary 'Guo, Y.'   5  ? 
primary 'Wu, K.'    6  ? 
primary 'Xiang, Y.' 7  ? 
primary 'Lei, J.'   8  ? 
primary 'Jiang, S.' 9  ? 
primary 'Xie, W.'   10 ? 
# 
loop_
_entity.id 
_entity.type 
_entity.src_method 
_entity.pdbx_description 
_entity.formula_weight 
_entity.pdbx_number_of_molecules 
_entity.pdbx_ec 
_entity.pdbx_mutation 
_entity.pdbx_fragment 
_entity.details 
1 polymer     man N-acetyltransferase                 18870.719 1 ? Q100R ? ?                     
2 polymer     man 'DUF1778 domain-containing protein' 4973.642  1 ? ?     ? 'GenBank: UUR52005.1' 
3 non-polymer syn 'PHOSPHATE ION'                     94.971    1 ? ?     ? ?                     
4 water       nat water                               18.015    2 ? ?     ? ?                     
# 
_entity_name_com.entity_id   1 
_entity_name_com.name        GmvT 
# 
loop_
_entity_poly.entity_id 
_entity_poly.type 
_entity_poly.nstd_linkage 
_entity_poly.nstd_monomer 
_entity_poly.pdbx_seq_one_letter_code 
_entity_poly.pdbx_seq_one_letter_code_can 
_entity_poly.pdbx_strand_id 
_entity_poly.pdbx_target_identifier 
1 'polypeptide(L)' no no 
;MEINVTAPALLTDEHILQPFDCGNEVLSNWLRGRAMKNQMLNASRTFVICLEDTLRIVGYYSLATGSVTHAELGRSLRHN
MPNPVPVVLLGRLAVDVCTRGHGFGKWLLSDAIHRVVNLADQVGIKAVMVHAIDDDARAFYERFGFVQSVVAPNTLFYKV
LEHHHHHH
;
;MEINVTAPALLTDEHILQPFDCGNEVLSNWLRGRAMKNQMLNASRTFVICLEDTLRIVGYYSLATGSVTHAELGRSLRHN
MPNPVPVVLLGRLAVDVCTRGHGFGKWLLSDAIHRVVNLADQVGIKAVMVHAIDDDARAFYERFGFVQSVVAPNTLFYKV
LEHHHHHH
;
A ? 
2 'polypeptide(L)' no no MASQRLFVLDNERYDSFITQLEAPVQNAEGRERLMAVKPEWK MASQRLFVLDNERYDSFITQLEAPVQNAEGRERLMAVKPEWK B ? 
# 
loop_
_pdbx_entity_nonpoly.entity_id 
_pdbx_entity_nonpoly.name 
_pdbx_entity_nonpoly.comp_id 
3 'PHOSPHATE ION' PO4 
4 water           HOH 
# 
loop_
_entity_poly_seq.entity_id 
_entity_poly_seq.num 
_entity_poly_seq.mon_id 
_entity_poly_seq.hetero 
1 1   MET n 
1 2   GLU n 
1 3   ILE n 
1 4   ASN n 
1 5   VAL n 
1 6   THR n 
1 7   ALA n 
1 8   PRO n 
1 9   ALA n 
1 10  LEU n 
1 11  LEU n 
1 12  THR n 
1 13  ASP n 
1 14  GLU n 
1 15  HIS n 
1 16  ILE n 
1 17  LEU n 
1 18  GLN n 
1 19  PRO n 
1 20  PHE n 
1 21  ASP n 
1 22  CYS n 
1 23  GLY n 
1 24  ASN n 
1 25  GLU n 
1 26  VAL n 
1 27  LEU n 
1 28  SER n 
1 29  ASN n 
1 30  TRP n 
1 31  LEU n 
1 32  ARG n 
1 33  GLY n 
1 34  ARG n 
1 35  ALA n 
1 36  MET n 
1 37  LYS n 
1 38  ASN n 
1 39  GLN n 
1 40  MET n 
1 41  LEU n 
1 42  ASN n 
1 43  ALA n 
1 44  SER n 
1 45  ARG n 
1 46  THR n 
1 47  PHE n 
1 48  VAL n 
1 49  ILE n 
1 50  CYS n 
1 51  LEU n 
1 52  GLU n 
1 53  ASP n 
1 54  THR n 
1 55  LEU n 
1 56  ARG n 
1 57  ILE n 
1 58  VAL n 
1 59  GLY n 
1 60  TYR n 
1 61  TYR n 
1 62  SER n 
1 63  LEU n 
1 64  ALA n 
1 65  THR n 
1 66  GLY n 
1 67  SER n 
1 68  VAL n 
1 69  THR n 
1 70  HIS n 
1 71  ALA n 
1 72  GLU n 
1 73  LEU n 
1 74  GLY n 
1 75  ARG n 
1 76  SER n 
1 77  LEU n 
1 78  ARG n 
1 79  HIS n 
1 80  ASN n 
1 81  MET n 
1 82  PRO n 
1 83  ASN n 
1 84  PRO n 
1 85  VAL n 
1 86  PRO n 
1 87  VAL n 
1 88  VAL n 
1 89  LEU n 
1 90  LEU n 
1 91  GLY n 
1 92  ARG n 
1 93  LEU n 
1 94  ALA n 
1 95  VAL n 
1 96  ASP n 
1 97  VAL n 
1 98  CYS n 
1 99  THR n 
1 100 ARG n 
1 101 GLY n 
1 102 HIS n 
1 103 GLY n 
1 104 PHE n 
1 105 GLY n 
1 106 LYS n 
1 107 TRP n 
1 108 LEU n 
1 109 LEU n 
1 110 SER n 
1 111 ASP n 
1 112 ALA n 
1 113 ILE n 
1 114 HIS n 
1 115 ARG n 
1 116 VAL n 
1 117 VAL n 
1 118 ASN n 
1 119 LEU n 
1 120 ALA n 
1 121 ASP n 
1 122 GLN n 
1 123 VAL n 
1 124 GLY n 
1 125 ILE n 
1 126 LYS n 
1 127 ALA n 
1 128 VAL n 
1 129 MET n 
1 130 VAL n 
1 131 HIS n 
1 132 ALA n 
1 133 ILE n 
1 134 ASP n 
1 135 ASP n 
1 136 ASP n 
1 137 ALA n 
1 138 ARG n 
1 139 ALA n 
1 140 PHE n 
1 141 TYR n 
1 142 GLU n 
1 143 ARG n 
1 144 PHE n 
1 145 GLY n 
1 146 PHE n 
1 147 VAL n 
1 148 GLN n 
1 149 SER n 
1 150 VAL n 
1 151 VAL n 
1 152 ALA n 
1 153 PRO n 
1 154 ASN n 
1 155 THR n 
1 156 LEU n 
1 157 PHE n 
1 158 TYR n 
1 159 LYS n 
1 160 VAL n 
1 161 LEU n 
1 162 GLU n 
1 163 HIS n 
1 164 HIS n 
1 165 HIS n 
1 166 HIS n 
1 167 HIS n 
1 168 HIS n 
2 1   MET n 
2 2   ALA n 
2 3   SER n 
2 4   GLN n 
2 5   ARG n 
2 6   LEU n 
2 7   PHE n 
2 8   VAL n 
2 9   LEU n 
2 10  ASP n 
2 11  ASN n 
2 12  GLU n 
2 13  ARG n 
2 14  TYR n 
2 15  ASP n 
2 16  SER n 
2 17  PHE n 
2 18  ILE n 
2 19  THR n 
2 20  GLN n 
2 21  LEU n 
2 22  GLU n 
2 23  ALA n 
2 24  PRO n 
2 25  VAL n 
2 26  GLN n 
2 27  ASN n 
2 28  ALA n 
2 29  GLU n 
2 30  GLY n 
2 31  ARG n 
2 32  GLU n 
2 33  ARG n 
2 34  LEU n 
2 35  MET n 
2 36  ALA n 
2 37  VAL n 
2 38  LYS n 
2 39  PRO n 
2 40  GLU n 
2 41  TRP n 
2 42  LYS n 
# 
loop_
_entity_src_gen.entity_id 
_entity_src_gen.pdbx_src_id 
_entity_src_gen.pdbx_alt_source_flag 
_entity_src_gen.pdbx_seq_type 
_entity_src_gen.pdbx_beg_seq_num 
_entity_src_gen.pdbx_end_seq_num 
_entity_src_gen.gene_src_common_name 
_entity_src_gen.gene_src_genus 
_entity_src_gen.pdbx_gene_src_gene 
_entity_src_gen.gene_src_species 
_entity_src_gen.gene_src_strain 
_entity_src_gen.gene_src_tissue 
_entity_src_gen.gene_src_tissue_fraction 
_entity_src_gen.gene_src_details 
_entity_src_gen.pdbx_gene_src_fragment 
_entity_src_gen.pdbx_gene_src_scientific_name 
_entity_src_gen.pdbx_gene_src_ncbi_taxonomy_id 
_entity_src_gen.pdbx_gene_src_variant 
_entity_src_gen.pdbx_gene_src_cell_line 
_entity_src_gen.pdbx_gene_src_atcc 
_entity_src_gen.pdbx_gene_src_organ 
_entity_src_gen.pdbx_gene_src_organelle 
_entity_src_gen.pdbx_gene_src_cell 
_entity_src_gen.pdbx_gene_src_cellular_location 
_entity_src_gen.host_org_common_name 
_entity_src_gen.pdbx_host_org_scientific_name 
_entity_src_gen.pdbx_host_org_ncbi_taxonomy_id 
_entity_src_gen.host_org_genus 
_entity_src_gen.pdbx_host_org_gene 
_entity_src_gen.pdbx_host_org_organ 
_entity_src_gen.host_org_species 
_entity_src_gen.pdbx_host_org_tissue 
_entity_src_gen.pdbx_host_org_tissue_fraction 
_entity_src_gen.pdbx_host_org_strain 
_entity_src_gen.pdbx_host_org_variant 
_entity_src_gen.pdbx_host_org_cell_line 
_entity_src_gen.pdbx_host_org_atcc 
_entity_src_gen.pdbx_host_org_culture_collection 
_entity_src_gen.pdbx_host_org_cell 
_entity_src_gen.pdbx_host_org_organelle 
_entity_src_gen.pdbx_host_org_cellular_location 
_entity_src_gen.pdbx_host_org_vector_type 
_entity_src_gen.pdbx_host_org_vector 
_entity_src_gen.host_org_details 
_entity_src_gen.expression_system_id 
_entity_src_gen.plasmid_name 
_entity_src_gen.plasmid_details 
_entity_src_gen.pdbx_description 
1 1 sample 'Biological sequence' 1 168 ? ? CBL27_26410 ? ? ? ? ? ? 'Shigella sonnei' 624 ? ? ? ? ? ? ? ? 'Escherichia coli' 562 ? 
? ? ? ? ? ? ? ? ? ? ? ? ? ? ? ? ? ? ? ? 
2 1 sample 'Biological sequence' 1 42  ? ? ?           ? ? ? ? ? ? 'Shigella sonnei' 624 ? ? ? ? ? ? ? ? 'Escherichia coli' 562 ? 
? ? ? ? ? ? ? ? ? ? ? ? ? ? ? ? ? ? ? ? 
# 
loop_
_chem_comp.id 
_chem_comp.type 
_chem_comp.mon_nstd_flag 
_chem_comp.name 
_chem_comp.pdbx_synonyms 
_chem_comp.formula 
_chem_comp.formula_weight 
ALA 'L-peptide linking' y ALANINE         ? 'C3 H7 N O2'     89.093  
ARG 'L-peptide linking' y ARGININE        ? 'C6 H15 N4 O2 1' 175.209 
ASN 'L-peptide linking' y ASPARAGINE      ? 'C4 H8 N2 O3'    132.118 
ASP 'L-peptide linking' y 'ASPARTIC ACID' ? 'C4 H7 N O4'     133.103 
CYS 'L-peptide linking' y CYSTEINE        ? 'C3 H7 N O2 S'   121.158 
GLN 'L-peptide linking' y GLUTAMINE       ? 'C5 H10 N2 O3'   146.144 
GLU 'L-peptide linking' y 'GLUTAMIC ACID' ? 'C5 H9 N O4'     147.129 
GLY 'peptide linking'   y GLYCINE         ? 'C2 H5 N O2'     75.067  
HIS 'L-peptide linking' y HISTIDINE       ? 'C6 H10 N3 O2 1' 156.162 
HOH non-polymer         . WATER           ? 'H2 O'           18.015  
ILE 'L-peptide linking' y ISOLEUCINE      ? 'C6 H13 N O2'    131.173 
LEU 'L-peptide linking' y LEUCINE         ? 'C6 H13 N O2'    131.173 
LYS 'L-peptide linking' y LYSINE          ? 'C6 H15 N2 O2 1' 147.195 
MET 'L-peptide linking' y METHIONINE      ? 'C5 H11 N O2 S'  149.211 
PHE 'L-peptide linking' y PHENYLALANINE   ? 'C9 H11 N O2'    165.189 
PO4 non-polymer         . 'PHOSPHATE ION' ? 'O4 P -3'        94.971  
PRO 'L-peptide linking' y PROLINE         ? 'C5 H9 N O2'     115.130 
SER 'L-peptide linking' y SERINE          ? 'C3 H7 N O3'     105.093 
THR 'L-peptide linking' y THREONINE       ? 'C4 H9 N O3'     119.119 
TRP 'L-peptide linking' y TRYPTOPHAN      ? 'C11 H12 N2 O2'  204.225 
TYR 'L-peptide linking' y TYROSINE        ? 'C9 H11 N O3'    181.189 
VAL 'L-peptide linking' y VALINE          ? 'C5 H11 N O2'    117.146 
# 
loop_
_pdbx_poly_seq_scheme.asym_id 
_pdbx_poly_seq_scheme.entity_id 
_pdbx_poly_seq_scheme.seq_id 
_pdbx_poly_seq_scheme.mon_id 
_pdbx_poly_seq_scheme.ndb_seq_num 
_pdbx_poly_seq_scheme.pdb_seq_num 
_pdbx_poly_seq_scheme.auth_seq_num 
_pdbx_poly_seq_scheme.pdb_mon_id 
_pdbx_poly_seq_scheme.auth_mon_id 
_pdbx_poly_seq_scheme.pdb_strand_id 
_pdbx_poly_seq_scheme.pdb_ins_code 
_pdbx_poly_seq_scheme.hetero 
A 1 1   MET 1   1   ?   ?   ?   A . n 
A 1 2   GLU 2   2   2   GLU GLU A . n 
A 1 3   ILE 3   3   3   ILE ILE A . n 
A 1 4   ASN 4   4   4   ASN ASN A . n 
A 1 5   VAL 5   5   5   VAL VAL A . n 
A 1 6   THR 6   6   6   THR THR A . n 
A 1 7   ALA 7   7   7   ALA ALA A . n 
A 1 8   PRO 8   8   8   PRO PRO A . n 
A 1 9   ALA 9   9   9   ALA ALA A . n 
A 1 10  LEU 10  10  10  LEU LEU A . n 
A 1 11  LEU 11  11  11  LEU LEU A . n 
A 1 12  THR 12  12  12  THR THR A . n 
A 1 13  ASP 13  13  13  ASP ASP A . n 
A 1 14  GLU 14  14  14  GLU GLU A . n 
A 1 15  HIS 15  15  15  HIS HIS A . n 
A 1 16  ILE 16  16  16  ILE ILE A . n 
A 1 17  LEU 17  17  17  LEU LEU A . n 
A 1 18  GLN 18  18  18  GLN GLN A . n 
A 1 19  PRO 19  19  19  PRO PRO A . n 
A 1 20  PHE 20  20  20  PHE PHE A . n 
A 1 21  ASP 21  21  21  ASP ASP A . n 
A 1 22  CYS 22  22  22  CYS CYS A . n 
A 1 23  GLY 23  23  23  GLY GLY A . n 
A 1 24  ASN 24  24  24  ASN ASN A . n 
A 1 25  GLU 25  25  25  GLU GLU A . n 
A 1 26  VAL 26  26  26  VAL VAL A . n 
A 1 27  LEU 27  27  27  LEU LEU A . n 
A 1 28  SER 28  28  28  SER SER A . n 
A 1 29  ASN 29  29  29  ASN ASN A . n 
A 1 30  TRP 30  30  30  TRP TRP A . n 
A 1 31  LEU 31  31  31  LEU LEU A . n 
A 1 32  ARG 32  32  32  ARG ARG A . n 
A 1 33  GLY 33  33  33  GLY GLY A . n 
A 1 34  ARG 34  34  34  ARG ARG A . n 
A 1 35  ALA 35  35  35  ALA ALA A . n 
A 1 36  MET 36  36  36  MET MET A . n 
A 1 37  LYS 37  37  37  LYS LYS A . n 
A 1 38  ASN 38  38  38  ASN ASN A . n 
A 1 39  GLN 39  39  39  GLN GLN A . n 
A 1 40  MET 40  40  40  MET MET A . n 
A 1 41  LEU 41  41  41  LEU LEU A . n 
A 1 42  ASN 42  42  42  ASN ASN A . n 
A 1 43  ALA 43  43  43  ALA ALA A . n 
A 1 44  SER 44  44  44  SER SER A . n 
A 1 45  ARG 45  45  45  ARG ARG A . n 
A 1 46  THR 46  46  46  THR THR A . n 
A 1 47  PHE 47  47  47  PHE PHE A . n 
A 1 48  VAL 48  48  48  VAL VAL A . n 
A 1 49  ILE 49  49  49  ILE ILE A . n 
A 1 50  CYS 50  50  50  CYS CYS A . n 
A 1 51  LEU 51  51  51  LEU LEU A . n 
A 1 52  GLU 52  52  52  GLU GLU A . n 
A 1 53  ASP 53  53  53  ASP ASP A . n 
A 1 54  THR 54  54  54  THR THR A . n 
A 1 55  LEU 55  55  55  LEU LEU A . n 
A 1 56  ARG 56  56  56  ARG ARG A . n 
A 1 57  ILE 57  57  57  ILE ILE A . n 
A 1 58  VAL 58  58  58  VAL VAL A . n 
A 1 59  GLY 59  59  59  GLY GLY A . n 
A 1 60  TYR 60  60  60  TYR TYR A . n 
A 1 61  TYR 61  61  61  TYR TYR A . n 
A 1 62  SER 62  62  62  SER SER A . n 
A 1 63  LEU 63  63  63  LEU LEU A . n 
A 1 64  ALA 64  64  64  ALA ALA A . n 
A 1 65  THR 65  65  65  THR THR A . n 
A 1 66  GLY 66  66  66  GLY GLY A . n 
A 1 67  SER 67  67  67  SER SER A . n 
A 1 68  VAL 68  68  68  VAL VAL A . n 
A 1 69  THR 69  69  69  THR THR A . n 
A 1 70  HIS 70  70  70  HIS HIS A . n 
A 1 71  ALA 71  71  71  ALA ALA A . n 
A 1 72  GLU 72  72  72  GLU GLU A . n 
A 1 73  LEU 73  73  ?   ?   ?   A . n 
A 1 74  GLY 74  74  ?   ?   ?   A . n 
A 1 75  ARG 75  75  ?   ?   ?   A . n 
A 1 76  SER 76  76  ?   ?   ?   A . n 
A 1 77  LEU 77  77  ?   ?   ?   A . n 
A 1 78  ARG 78  78  ?   ?   ?   A . n 
A 1 79  HIS 79  79  ?   ?   ?   A . n 
A 1 80  ASN 80  80  ?   ?   ?   A . n 
A 1 81  MET 81  81  ?   ?   ?   A . n 
A 1 82  PRO 82  82  82  PRO PRO A . n 
A 1 83  ASN 83  83  83  ASN ASN A . n 
A 1 84  PRO 84  84  84  PRO PRO A . n 
A 1 85  VAL 85  85  85  VAL VAL A . n 
A 1 86  PRO 86  86  86  PRO PRO A . n 
A 1 87  VAL 87  87  87  VAL VAL A . n 
A 1 88  VAL 88  88  88  VAL VAL A . n 
A 1 89  LEU 89  89  89  LEU LEU A . n 
A 1 90  LEU 90  90  90  LEU LEU A . n 
A 1 91  GLY 91  91  91  GLY GLY A . n 
A 1 92  ARG 92  92  92  ARG ARG A . n 
A 1 93  LEU 93  93  93  LEU LEU A . n 
A 1 94  ALA 94  94  94  ALA ALA A . n 
A 1 95  VAL 95  95  95  VAL VAL A . n 
A 1 96  ASP 96  96  96  ASP ASP A . n 
A 1 97  VAL 97  97  97  VAL VAL A . n 
A 1 98  CYS 98  98  98  CYS CYS A . n 
A 1 99  THR 99  99  99  THR THR A . n 
A 1 100 ARG 100 100 100 ARG ARG A . n 
A 1 101 GLY 101 101 101 GLY GLY A . n 
A 1 102 HIS 102 102 102 HIS HIS A . n 
A 1 103 GLY 103 103 103 GLY GLY A . n 
A 1 104 PHE 104 104 104 PHE PHE A . n 
A 1 105 GLY 105 105 105 GLY GLY A . n 
A 1 106 LYS 106 106 106 LYS LYS A . n 
A 1 107 TRP 107 107 107 TRP TRP A . n 
A 1 108 LEU 108 108 108 LEU LEU A . n 
A 1 109 LEU 109 109 109 LEU LEU A . n 
A 1 110 SER 110 110 110 SER SER A . n 
A 1 111 ASP 111 111 111 ASP ASP A . n 
A 1 112 ALA 112 112 112 ALA ALA A . n 
A 1 113 ILE 113 113 113 ILE ILE A . n 
A 1 114 HIS 114 114 114 HIS HIS A . n 
A 1 115 ARG 115 115 115 ARG ARG A . n 
A 1 116 VAL 116 116 116 VAL VAL A . n 
A 1 117 VAL 117 117 117 VAL VAL A . n 
A 1 118 ASN 118 118 118 ASN ASN A . n 
A 1 119 LEU 119 119 119 LEU LEU A . n 
A 1 120 ALA 120 120 120 ALA ALA A . n 
A 1 121 ASP 121 121 121 ASP ASP A . n 
A 1 122 GLN 122 122 122 GLN GLN A . n 
A 1 123 VAL 123 123 123 VAL VAL A . n 
A 1 124 GLY 124 124 124 GLY GLY A . n 
A 1 125 ILE 125 125 125 ILE ILE A . n 
A 1 126 LYS 126 126 126 LYS LYS A . n 
A 1 127 ALA 127 127 127 ALA ALA A . n 
A 1 128 VAL 128 128 128 VAL VAL A . n 
A 1 129 MET 129 129 129 MET MET A . n 
A 1 130 VAL 130 130 130 VAL VAL A . n 
A 1 131 HIS 131 131 131 HIS HIS A . n 
A 1 132 ALA 132 132 132 ALA ALA A . n 
A 1 133 ILE 133 133 133 ILE ILE A . n 
A 1 134 ASP 134 134 134 ASP ASP A . n 
A 1 135 ASP 135 135 135 ASP ASP A . n 
A 1 136 ASP 136 136 136 ASP ASP A . n 
A 1 137 ALA 137 137 137 ALA ALA A . n 
A 1 138 ARG 138 138 138 ARG ARG A . n 
A 1 139 ALA 139 139 139 ALA ALA A . n 
A 1 140 PHE 140 140 140 PHE PHE A . n 
A 1 141 TYR 141 141 141 TYR TYR A . n 
A 1 142 GLU 142 142 142 GLU GLU A . n 
A 1 143 ARG 143 143 143 ARG ARG A . n 
A 1 144 PHE 144 144 144 PHE PHE A . n 
A 1 145 GLY 145 145 145 GLY GLY A . n 
A 1 146 PHE 146 146 146 PHE PHE A . n 
A 1 147 VAL 147 147 147 VAL VAL A . n 
A 1 148 GLN 148 148 148 GLN GLN A . n 
A 1 149 SER 149 149 149 SER SER A . n 
A 1 150 VAL 150 150 150 VAL VAL A . n 
A 1 151 VAL 151 151 151 VAL VAL A . n 
A 1 152 ALA 152 152 152 ALA ALA A . n 
A 1 153 PRO 153 153 153 PRO PRO A . n 
A 1 154 ASN 154 154 154 ASN ASN A . n 
A 1 155 THR 155 155 155 THR THR A . n 
A 1 156 LEU 156 156 156 LEU LEU A . n 
A 1 157 PHE 157 157 157 PHE PHE A . n 
A 1 158 TYR 158 158 158 TYR TYR A . n 
A 1 159 LYS 159 159 159 LYS LYS A . n 
A 1 160 VAL 160 160 160 VAL VAL A . n 
A 1 161 LEU 161 161 161 LEU LEU A . n 
A 1 162 GLU 162 162 162 GLU GLU A . n 
A 1 163 HIS 163 163 163 HIS HIS A . n 
A 1 164 HIS 164 164 164 HIS HIS A . n 
A 1 165 HIS 165 165 ?   ?   ?   A . n 
A 1 166 HIS 166 166 ?   ?   ?   A . n 
A 1 167 HIS 167 167 ?   ?   ?   A . n 
A 1 168 HIS 168 168 ?   ?   ?   A . n 
B 2 1   MET 1   59  ?   ?   ?   B . n 
B 2 2   ALA 2   60  ?   ?   ?   B . n 
B 2 3   SER 3   61  ?   ?   ?   B . n 
B 2 4   GLN 4   62  62  GLN GLN B . n 
B 2 5   ARG 5   63  63  ARG ARG B . n 
B 2 6   LEU 6   64  64  LEU LEU B . n 
B 2 7   PHE 7   65  65  PHE PHE B . n 
B 2 8   VAL 8   66  66  VAL VAL B . n 
B 2 9   LEU 9   67  67  LEU LEU B . n 
B 2 10  ASP 10  68  68  ASP ASP B . n 
B 2 11  ASN 11  69  69  ASN ASN B . n 
B 2 12  GLU 12  70  70  GLU GLU B . n 
B 2 13  ARG 13  71  71  ARG ARG B . n 
B 2 14  TYR 14  72  72  TYR TYR B . n 
B 2 15  ASP 15  73  73  ASP ASP B . n 
B 2 16  SER 16  74  74  SER SER B . n 
B 2 17  PHE 17  75  75  PHE PHE B . n 
B 2 18  ILE 18  76  76  ILE ILE B . n 
B 2 19  THR 19  77  77  THR THR B . n 
B 2 20  GLN 20  78  78  GLN GLN B . n 
B 2 21  LEU 21  79  79  LEU LEU B . n 
B 2 22  GLU 22  80  80  GLU GLU B . n 
B 2 23  ALA 23  81  81  ALA ALA B . n 
B 2 24  PRO 24  82  82  PRO PRO B . n 
B 2 25  VAL 25  83  83  VAL VAL B . n 
B 2 26  GLN 26  84  84  GLN GLN B . n 
B 2 27  ASN 27  85  85  ASN ASN B . n 
B 2 28  ALA 28  86  86  ALA ALA B . n 
B 2 29  GLU 29  87  87  GLU GLU B . n 
B 2 30  GLY 30  88  88  GLY GLY B . n 
B 2 31  ARG 31  89  89  ARG ARG B . n 
B 2 32  GLU 32  90  90  GLU GLU B . n 
B 2 33  ARG 33  91  91  ARG ARG B . n 
B 2 34  LEU 34  92  92  LEU LEU B . n 
B 2 35  MET 35  93  93  MET MET B . n 
B 2 36  ALA 36  94  94  ALA ALA B . n 
B 2 37  VAL 37  95  95  VAL VAL B . n 
B 2 38  LYS 38  96  96  LYS LYS B . n 
B 2 39  PRO 39  97  97  PRO PRO B . n 
B 2 40  GLU 40  98  98  GLU GLU B . n 
B 2 41  TRP 41  99  99  TRP TRP B . n 
B 2 42  LYS 42  100 100 LYS LYS B . n 
# 
_pdbx_entity_instance_feature.ordinal        1 
_pdbx_entity_instance_feature.comp_id        PO4 
_pdbx_entity_instance_feature.asym_id        ? 
_pdbx_entity_instance_feature.seq_num        ? 
_pdbx_entity_instance_feature.auth_comp_id   PO4 
_pdbx_entity_instance_feature.auth_asym_id   ? 
_pdbx_entity_instance_feature.auth_seq_num   ? 
_pdbx_entity_instance_feature.feature_type   'SUBJECT OF INVESTIGATION' 
_pdbx_entity_instance_feature.details        ? 
# 
loop_
_pdbx_nonpoly_scheme.asym_id 
_pdbx_nonpoly_scheme.entity_id 
_pdbx_nonpoly_scheme.mon_id 
_pdbx_nonpoly_scheme.ndb_seq_num 
_pdbx_nonpoly_scheme.pdb_seq_num 
_pdbx_nonpoly_scheme.auth_seq_num 
_pdbx_nonpoly_scheme.pdb_mon_id 
_pdbx_nonpoly_scheme.auth_mon_id 
_pdbx_nonpoly_scheme.pdb_strand_id 
_pdbx_nonpoly_scheme.pdb_ins_code 
C 3 PO4 1 201 1 PO4 PO4 A . 
D 4 HOH 1 301 2 HOH HOH A . 
D 4 HOH 2 302 1 HOH HOH A . 
# 
loop_
_pdbx_unobs_or_zero_occ_atoms.id 
_pdbx_unobs_or_zero_occ_atoms.PDB_model_num 
_pdbx_unobs_or_zero_occ_atoms.polymer_flag 
_pdbx_unobs_or_zero_occ_atoms.occupancy_flag 
_pdbx_unobs_or_zero_occ_atoms.auth_asym_id 
_pdbx_unobs_or_zero_occ_atoms.auth_comp_id 
_pdbx_unobs_or_zero_occ_atoms.auth_seq_id 
_pdbx_unobs_or_zero_occ_atoms.PDB_ins_code 
_pdbx_unobs_or_zero_occ_atoms.auth_atom_id 
_pdbx_unobs_or_zero_occ_atoms.label_alt_id 
_pdbx_unobs_or_zero_occ_atoms.label_asym_id 
_pdbx_unobs_or_zero_occ_atoms.label_comp_id 
_pdbx_unobs_or_zero_occ_atoms.label_seq_id 
_pdbx_unobs_or_zero_occ_atoms.label_atom_id 
1  1 Y 1 A GLN 18  ? CG  ? A GLN 18  CG  
2  1 Y 1 A GLN 18  ? CD  ? A GLN 18  CD  
3  1 Y 1 A GLN 18  ? OE1 ? A GLN 18  OE1 
4  1 Y 1 A GLN 18  ? NE2 ? A GLN 18  NE2 
5  1 Y 1 A LEU 27  ? CG  ? A LEU 27  CG  
6  1 Y 1 A LEU 27  ? CD1 ? A LEU 27  CD1 
7  1 Y 1 A LEU 27  ? CD2 ? A LEU 27  CD2 
8  1 Y 1 A ARG 32  ? CG  ? A ARG 32  CG  
9  1 Y 1 A ARG 32  ? CD  ? A ARG 32  CD  
10 1 Y 1 A ARG 32  ? NE  ? A ARG 32  NE  
11 1 Y 1 A ARG 32  ? CZ  ? A ARG 32  CZ  
12 1 Y 1 A ARG 32  ? NH1 ? A ARG 32  NH1 
13 1 Y 1 A ARG 32  ? NH2 ? A ARG 32  NH2 
14 1 Y 1 A ARG 34  ? CG  ? A ARG 34  CG  
15 1 Y 1 A ARG 34  ? CD  ? A ARG 34  CD  
16 1 Y 1 A ARG 34  ? NE  ? A ARG 34  NE  
17 1 Y 1 A ARG 34  ? CZ  ? A ARG 34  CZ  
18 1 Y 1 A ARG 34  ? NH1 ? A ARG 34  NH1 
19 1 Y 1 A ARG 34  ? NH2 ? A ARG 34  NH2 
20 1 Y 1 A MET 36  ? CG  ? A MET 36  CG  
21 1 Y 1 A MET 36  ? SD  ? A MET 36  SD  
22 1 Y 1 A MET 36  ? CE  ? A MET 36  CE  
23 1 Y 1 A LEU 51  ? CG  ? A LEU 51  CG  
24 1 Y 1 A LEU 51  ? CD1 ? A LEU 51  CD1 
25 1 Y 1 A LEU 51  ? CD2 ? A LEU 51  CD2 
26 1 Y 1 A ARG 100 ? CG  ? A ARG 100 CG  
27 1 Y 1 A ARG 100 ? CD  ? A ARG 100 CD  
28 1 Y 1 A ARG 100 ? NE  ? A ARG 100 NE  
29 1 Y 1 A ARG 100 ? CZ  ? A ARG 100 CZ  
30 1 Y 1 A ARG 100 ? NH1 ? A ARG 100 NH1 
31 1 Y 1 A ARG 100 ? NH2 ? A ARG 100 NH2 
32 1 Y 1 A LYS 106 ? CG  ? A LYS 106 CG  
33 1 Y 1 A LYS 106 ? CD  ? A LYS 106 CD  
34 1 Y 1 A LYS 106 ? CE  ? A LYS 106 CE  
35 1 Y 1 A LYS 106 ? NZ  ? A LYS 106 NZ  
36 1 Y 1 A HIS 131 ? CG  ? A HIS 131 CG  
37 1 Y 1 A HIS 131 ? ND1 ? A HIS 131 ND1 
38 1 Y 1 A HIS 131 ? CD2 ? A HIS 131 CD2 
39 1 Y 1 A HIS 131 ? CE1 ? A HIS 131 CE1 
40 1 Y 1 A HIS 131 ? NE2 ? A HIS 131 NE2 
41 1 Y 1 A ILE 133 ? CG1 ? A ILE 133 CG1 
42 1 Y 1 A ILE 133 ? CG2 ? A ILE 133 CG2 
43 1 Y 1 A ILE 133 ? CD1 ? A ILE 133 CD1 
44 1 Y 1 A TYR 141 ? OH  ? A TYR 141 OH  
45 1 Y 1 B LYS 96  ? CG  ? B LYS 38  CG  
46 1 Y 1 B LYS 96  ? CD  ? B LYS 38  CD  
47 1 Y 1 B LYS 96  ? CE  ? B LYS 38  CE  
48 1 Y 1 B LYS 96  ? NZ  ? B LYS 38  NZ  
49 1 Y 1 B GLU 98  ? CG  ? B GLU 40  CG  
50 1 Y 1 B GLU 98  ? CD  ? B GLU 40  CD  
51 1 Y 1 B GLU 98  ? OE1 ? B GLU 40  OE1 
52 1 Y 1 B GLU 98  ? OE2 ? B GLU 40  OE2 
53 1 Y 1 B LYS 100 ? CG  ? B LYS 42  CG  
54 1 Y 1 B LYS 100 ? CD  ? B LYS 42  CD  
55 1 Y 1 B LYS 100 ? CE  ? B LYS 42  CE  
56 1 Y 1 B LYS 100 ? NZ  ? B LYS 42  NZ  
# 
loop_
_software.citation_id 
_software.classification 
_software.compiler_name 
_software.compiler_version 
_software.contact_author 
_software.contact_author_email 
_software.date 
_software.description 
_software.dependencies 
_software.hardware 
_software.language 
_software.location 
_software.mods 
_software.name 
_software.os 
_software.os_version 
_software.type 
_software.version 
_software.pdbx_ordinal 
? refinement       ? ? ? ? ? ? ? ? ? ? ? PHENIX  ? ? ? 1.20.1_4487 1 
? 'data reduction' ? ? ? ? ? ? ? ? ? ? ? XDS     ? ? ? .           2 
? 'data scaling'   ? ? ? ? ? ? ? ? ? ? ? Aimless ? ? ? .           3 
? phasing          ? ? ? ? ? ? ? ? ? ? ? PHASER  ? ? ? .           4 
# 
_cell.angle_alpha                  90.000 
_cell.angle_alpha_esd              ? 
_cell.angle_beta                   90.000 
_cell.angle_beta_esd               ? 
_cell.angle_gamma                  120.000 
_cell.angle_gamma_esd              ? 
_cell.entry_id                     9ILS 
_cell.details                      ? 
_cell.formula_units_Z              ? 
_cell.length_a                     78.572 
_cell.length_a_esd                 ? 
_cell.length_b                     78.572 
_cell.length_b_esd                 ? 
_cell.length_c                     131.937 
_cell.length_c_esd                 ? 
_cell.volume                       705395.772 
_cell.volume_esd                   ? 
_cell.Z_PDB                        12 
_cell.reciprocal_angle_alpha       ? 
_cell.reciprocal_angle_beta        ? 
_cell.reciprocal_angle_gamma       ? 
_cell.reciprocal_angle_alpha_esd   ? 
_cell.reciprocal_angle_beta_esd    ? 
_cell.reciprocal_angle_gamma_esd   ? 
_cell.reciprocal_length_a          ? 
_cell.reciprocal_length_b          ? 
_cell.reciprocal_length_c          ? 
_cell.reciprocal_length_a_esd      ? 
_cell.reciprocal_length_b_esd      ? 
_cell.reciprocal_length_c_esd      ? 
_cell.pdbx_unique_axis             ? 
_cell.pdbx_esd_method              ? 
# 
_symmetry.entry_id                         9ILS 
_symmetry.cell_setting                     ? 
_symmetry.Int_Tables_number                179 
_symmetry.space_group_name_Hall            'P 65 2 (x,y,z+1/12)' 
_symmetry.space_group_name_H-M             'P 65 2 2' 
_symmetry.pdbx_full_space_group_name_H-M   ? 
# 
_exptl.absorpt_coefficient_mu     ? 
_exptl.absorpt_correction_T_max   ? 
_exptl.absorpt_correction_T_min   ? 
_exptl.absorpt_correction_type    ? 
_exptl.absorpt_process_details    ? 
_exptl.entry_id                   9ILS 
_exptl.crystals_number            1 
_exptl.details                    ? 
_exptl.method                     'X-RAY DIFFRACTION' 
_exptl.method_details             ? 
# 
_exptl_crystal.colour                       ? 
_exptl_crystal.density_diffrn               ? 
_exptl_crystal.density_Matthews             2.47 
_exptl_crystal.density_method               ? 
_exptl_crystal.density_percent_sol          50.11 
_exptl_crystal.description                  ? 
_exptl_crystal.F_000                        ? 
_exptl_crystal.id                           1 
_exptl_crystal.preparation                  ? 
_exptl_crystal.size_max                     ? 
_exptl_crystal.size_mid                     ? 
_exptl_crystal.size_min                     ? 
_exptl_crystal.size_rad                     ? 
_exptl_crystal.colour_lustre                ? 
_exptl_crystal.colour_modifier              ? 
_exptl_crystal.colour_primary               ? 
_exptl_crystal.density_meas                 ? 
_exptl_crystal.density_meas_esd             ? 
_exptl_crystal.density_meas_gt              ? 
_exptl_crystal.density_meas_lt              ? 
_exptl_crystal.density_meas_temp            ? 
_exptl_crystal.density_meas_temp_esd        ? 
_exptl_crystal.density_meas_temp_gt         ? 
_exptl_crystal.density_meas_temp_lt         ? 
_exptl_crystal.pdbx_crystal_image_url       ? 
_exptl_crystal.pdbx_crystal_image_format    ? 
_exptl_crystal.pdbx_mosaicity               ? 
_exptl_crystal.pdbx_mosaicity_esd           ? 
_exptl_crystal.pdbx_mosaic_method           ? 
_exptl_crystal.pdbx_mosaic_block_size       ? 
_exptl_crystal.pdbx_mosaic_block_size_esd   ? 
# 
_exptl_crystal_grow.apparatus       ? 
_exptl_crystal_grow.atmosphere      ? 
_exptl_crystal_grow.crystal_id      1 
_exptl_crystal_grow.details         ? 
_exptl_crystal_grow.method          'VAPOR DIFFUSION, SITTING DROP' 
_exptl_crystal_grow.method_ref      ? 
_exptl_crystal_grow.pH              ? 
_exptl_crystal_grow.pressure        ? 
_exptl_crystal_grow.pressure_esd    ? 
_exptl_crystal_grow.seeding         ? 
_exptl_crystal_grow.seeding_ref     ? 
_exptl_crystal_grow.temp_details    ? 
_exptl_crystal_grow.temp_esd        ? 
_exptl_crystal_grow.time            ? 
_exptl_crystal_grow.pdbx_details    '1.4-1.9 M KH2PO4 and 0.1 M HEPES pH 7.0.' 
_exptl_crystal_grow.pdbx_pH_range   ? 
_exptl_crystal_grow.temp            298 
# 
_diffrn.ambient_environment              ? 
_diffrn.ambient_temp                     100 
_diffrn.ambient_temp_details             ? 
_diffrn.ambient_temp_esd                 ? 
_diffrn.crystal_id                       1 
_diffrn.crystal_support                  ? 
_diffrn.crystal_treatment                ? 
_diffrn.details                          ? 
_diffrn.id                               1 
_diffrn.ambient_pressure                 ? 
_diffrn.ambient_pressure_esd             ? 
_diffrn.ambient_pressure_gt              ? 
_diffrn.ambient_pressure_lt              ? 
_diffrn.ambient_temp_gt                  ? 
_diffrn.ambient_temp_lt                  ? 
_diffrn.pdbx_serial_crystal_experiment   N 
# 
_diffrn_detector.details                      ? 
_diffrn_detector.detector                     PIXEL 
_diffrn_detector.diffrn_id                    1 
_diffrn_detector.type                         'DECTRIS PILATUS3 6M' 
_diffrn_detector.area_resol_mean              ? 
_diffrn_detector.dtime                        ? 
_diffrn_detector.pdbx_frames_total            ? 
_diffrn_detector.pdbx_collection_time_total   ? 
_diffrn_detector.pdbx_collection_date         2020-03-27 
_diffrn_detector.pdbx_frequency               ? 
_diffrn_detector.id                           ? 
_diffrn_detector.number_of_axes               ? 
# 
_diffrn_radiation.collimation                      ? 
_diffrn_radiation.diffrn_id                        1 
_diffrn_radiation.filter_edge                      ? 
_diffrn_radiation.inhomogeneity                    ? 
_diffrn_radiation.monochromator                    ? 
_diffrn_radiation.polarisn_norm                    ? 
_diffrn_radiation.polarisn_ratio                   ? 
_diffrn_radiation.probe                            ? 
_diffrn_radiation.type                             ? 
_diffrn_radiation.xray_symbol                      ? 
_diffrn_radiation.wavelength_id                    1 
_diffrn_radiation.pdbx_monochromatic_or_laue_m_l   M 
_diffrn_radiation.pdbx_wavelength_list             ? 
_diffrn_radiation.pdbx_wavelength                  ? 
_diffrn_radiation.pdbx_diffrn_protocol             'SINGLE WAVELENGTH' 
_diffrn_radiation.pdbx_analyzer                    ? 
_diffrn_radiation.pdbx_scattering_type             x-ray 
# 
_diffrn_radiation_wavelength.id           1 
_diffrn_radiation_wavelength.wavelength   0.979 
_diffrn_radiation_wavelength.wt           1.0 
# 
_diffrn_source.current                     ? 
_diffrn_source.details                     ? 
_diffrn_source.diffrn_id                   1 
_diffrn_source.power                       ? 
_diffrn_source.size                        ? 
_diffrn_source.source                      SYNCHROTRON 
_diffrn_source.target                      ? 
_diffrn_source.type                        'SSRF BEAMLINE BL19U1' 
_diffrn_source.voltage                     ? 
_diffrn_source.take-off_angle              ? 
_diffrn_source.pdbx_wavelength_list        0.979 
_diffrn_source.pdbx_wavelength             ? 
_diffrn_source.pdbx_synchrotron_beamline   BL19U1 
_diffrn_source.pdbx_synchrotron_site       SSRF 
# 
_reflns.B_iso_Wilson_estimate                          80.80 
_reflns.entry_id                                       9ILS 
_reflns.data_reduction_details                         ? 
_reflns.data_reduction_method                          ? 
_reflns.d_resolution_high                              2.75 
_reflns.d_resolution_low                               50 
_reflns.details                                        ? 
_reflns.limit_h_max                                    ? 
_reflns.limit_h_min                                    ? 
_reflns.limit_k_max                                    ? 
_reflns.limit_k_min                                    ? 
_reflns.limit_l_max                                    ? 
_reflns.limit_l_min                                    ? 
_reflns.number_all                                     ? 
_reflns.number_obs                                     6761 
_reflns.observed_criterion                             ? 
_reflns.observed_criterion_F_max                       ? 
_reflns.observed_criterion_F_min                       ? 
_reflns.observed_criterion_I_max                       ? 
_reflns.observed_criterion_I_min                       ? 
_reflns.observed_criterion_sigma_F                     ? 
_reflns.observed_criterion_sigma_I                     ? 
_reflns.percent_possible_obs                           100 
_reflns.R_free_details                                 ? 
_reflns.Rmerge_F_all                                   ? 
_reflns.Rmerge_F_obs                                   ? 
_reflns.Friedel_coverage                               ? 
_reflns.number_gt                                      ? 
_reflns.threshold_expression                           ? 
_reflns.pdbx_redundancy                                36.5 
_reflns.pdbx_netI_over_av_sigmaI                       ? 
_reflns.pdbx_netI_over_sigmaI                          43.5 
_reflns.pdbx_res_netI_over_av_sigmaI_2                 ? 
_reflns.pdbx_res_netI_over_sigmaI_2                    ? 
_reflns.pdbx_chi_squared                               ? 
_reflns.pdbx_scaling_rejects                           ? 
_reflns.pdbx_d_res_high_opt                            ? 
_reflns.pdbx_d_res_low_opt                             ? 
_reflns.pdbx_d_res_opt_method                          ? 
_reflns.phase_calculation_details                      ? 
_reflns.pdbx_Rrim_I_all                                ? 
_reflns.pdbx_Rpim_I_all                                ? 
_reflns.pdbx_d_opt                                     ? 
_reflns.pdbx_number_measured_all                       ? 
_reflns.pdbx_diffrn_id                                 1 
_reflns.pdbx_ordinal                                   1 
_reflns.pdbx_CC_half                                   1.00 
_reflns.pdbx_CC_star                                   ? 
_reflns.pdbx_R_split                                   ? 
_reflns.pdbx_Rmerge_I_obs                              0.132 
_reflns.pdbx_Rmerge_I_all                              ? 
_reflns.pdbx_Rsym_value                                ? 
_reflns.pdbx_CC_split_method                           ? 
_reflns.pdbx_aniso_diffraction_limit_axis_1_ortho[1]   ? 
_reflns.pdbx_aniso_diffraction_limit_axis_1_ortho[2]   ? 
_reflns.pdbx_aniso_diffraction_limit_axis_1_ortho[3]   ? 
_reflns.pdbx_aniso_diffraction_limit_axis_2_ortho[1]   ? 
_reflns.pdbx_aniso_diffraction_limit_axis_2_ortho[2]   ? 
_reflns.pdbx_aniso_diffraction_limit_axis_2_ortho[3]   ? 
_reflns.pdbx_aniso_diffraction_limit_axis_3_ortho[1]   ? 
_reflns.pdbx_aniso_diffraction_limit_axis_3_ortho[2]   ? 
_reflns.pdbx_aniso_diffraction_limit_axis_3_ortho[3]   ? 
_reflns.pdbx_aniso_diffraction_limit_1                 ? 
_reflns.pdbx_aniso_diffraction_limit_2                 ? 
_reflns.pdbx_aniso_diffraction_limit_3                 ? 
_reflns.pdbx_aniso_B_tensor_eigenvector_1_ortho[1]     ? 
_reflns.pdbx_aniso_B_tensor_eigenvector_1_ortho[2]     ? 
_reflns.pdbx_aniso_B_tensor_eigenvector_1_ortho[3]     ? 
_reflns.pdbx_aniso_B_tensor_eigenvector_2_ortho[1]     ? 
_reflns.pdbx_aniso_B_tensor_eigenvector_2_ortho[2]     ? 
_reflns.pdbx_aniso_B_tensor_eigenvector_2_ortho[3]     ? 
_reflns.pdbx_aniso_B_tensor_eigenvector_3_ortho[1]     ? 
_reflns.pdbx_aniso_B_tensor_eigenvector_3_ortho[2]     ? 
_reflns.pdbx_aniso_B_tensor_eigenvector_3_ortho[3]     ? 
_reflns.pdbx_aniso_B_tensor_eigenvalue_1               ? 
_reflns.pdbx_aniso_B_tensor_eigenvalue_2               ? 
_reflns.pdbx_aniso_B_tensor_eigenvalue_3               ? 
_reflns.pdbx_orthogonalization_convention              ? 
_reflns.pdbx_percent_possible_ellipsoidal              ? 
_reflns.pdbx_percent_possible_spherical                ? 
_reflns.pdbx_percent_possible_ellipsoidal_anomalous    ? 
_reflns.pdbx_percent_possible_spherical_anomalous      ? 
_reflns.pdbx_redundancy_anomalous                      ? 
_reflns.pdbx_CC_half_anomalous                         ? 
_reflns.pdbx_absDiff_over_sigma_anomalous              ? 
_reflns.pdbx_percent_possible_anomalous                ? 
_reflns.pdbx_observed_signal_threshold                 ? 
_reflns.pdbx_signal_type                               ? 
_reflns.pdbx_signal_details                            ? 
_reflns.pdbx_signal_software_id                        ? 
# 
_reflns_shell.d_res_high                                    2.75 
_reflns_shell.d_res_low                                     2.85 
_reflns_shell.meanI_over_sigI_all                           ? 
_reflns_shell.meanI_over_sigI_obs                           3 
_reflns_shell.number_measured_all                           ? 
_reflns_shell.number_measured_obs                           ? 
_reflns_shell.number_possible                               ? 
_reflns_shell.number_unique_all                             ? 
_reflns_shell.number_unique_obs                             658 
_reflns_shell.percent_possible_obs                          ? 
_reflns_shell.Rmerge_F_all                                  ? 
_reflns_shell.Rmerge_F_obs                                  ? 
_reflns_shell.meanI_over_sigI_gt                            ? 
_reflns_shell.meanI_over_uI_all                             ? 
_reflns_shell.meanI_over_uI_gt                              ? 
_reflns_shell.number_measured_gt                            ? 
_reflns_shell.number_unique_gt                              ? 
_reflns_shell.percent_possible_gt                           ? 
_reflns_shell.Rmerge_F_gt                                   ? 
_reflns_shell.Rmerge_I_gt                                   ? 
_reflns_shell.pdbx_redundancy                               ? 
_reflns_shell.pdbx_chi_squared                              ? 
_reflns_shell.pdbx_netI_over_sigmaI_all                     ? 
_reflns_shell.pdbx_netI_over_sigmaI_obs                     ? 
_reflns_shell.pdbx_Rrim_I_all                               ? 
_reflns_shell.pdbx_Rpim_I_all                               ? 
_reflns_shell.pdbx_rejects                                  ? 
_reflns_shell.pdbx_ordinal                                  1 
_reflns_shell.pdbx_diffrn_id                                1 
_reflns_shell.pdbx_CC_half                                  0.87 
_reflns_shell.pdbx_CC_star                                  ? 
_reflns_shell.pdbx_R_split                                  ? 
_reflns_shell.percent_possible_all                          ? 
_reflns_shell.Rmerge_I_all                                  ? 
_reflns_shell.Rmerge_I_obs                                  1.41 
_reflns_shell.pdbx_Rsym_value                               ? 
_reflns_shell.pdbx_percent_possible_ellipsoidal             ? 
_reflns_shell.pdbx_percent_possible_spherical               ? 
_reflns_shell.pdbx_percent_possible_ellipsoidal_anomalous   ? 
_reflns_shell.pdbx_percent_possible_spherical_anomalous     ? 
_reflns_shell.pdbx_redundancy_anomalous                     ? 
_reflns_shell.pdbx_CC_half_anomalous                        ? 
_reflns_shell.pdbx_absDiff_over_sigma_anomalous             ? 
_reflns_shell.pdbx_percent_possible_anomalous               ? 
# 
_refine.aniso_B[1][1]                            ? 
_refine.aniso_B[1][2]                            ? 
_refine.aniso_B[1][3]                            ? 
_refine.aniso_B[2][2]                            ? 
_refine.aniso_B[2][3]                            ? 
_refine.aniso_B[3][3]                            ? 
_refine.B_iso_max                                ? 
_refine.B_iso_mean                               79.50 
_refine.B_iso_min                                ? 
_refine.correlation_coeff_Fo_to_Fc               ? 
_refine.correlation_coeff_Fo_to_Fc_free          ? 
_refine.details                                  ? 
_refine.diff_density_max                         ? 
_refine.diff_density_max_esd                     ? 
_refine.diff_density_min                         ? 
_refine.diff_density_min_esd                     ? 
_refine.diff_density_rms                         ? 
_refine.diff_density_rms_esd                     ? 
_refine.entry_id                                 9ILS 
_refine.pdbx_refine_id                           'X-RAY DIFFRACTION' 
_refine.ls_abs_structure_details                 ? 
_refine.ls_abs_structure_Flack                   ? 
_refine.ls_abs_structure_Flack_esd               ? 
_refine.ls_abs_structure_Rogers                  ? 
_refine.ls_abs_structure_Rogers_esd              ? 
_refine.ls_d_res_high                            2.75 
_refine.ls_d_res_low                             29.68 
_refine.ls_extinction_coef                       ? 
_refine.ls_extinction_coef_esd                   ? 
_refine.ls_extinction_expression                 ? 
_refine.ls_extinction_method                     ? 
_refine.ls_goodness_of_fit_all                   ? 
_refine.ls_goodness_of_fit_all_esd               ? 
_refine.ls_goodness_of_fit_obs                   ? 
_refine.ls_goodness_of_fit_obs_esd               ? 
_refine.ls_hydrogen_treatment                    ? 
_refine.ls_matrix_type                           ? 
_refine.ls_number_constraints                    ? 
_refine.ls_number_parameters                     ? 
_refine.ls_number_reflns_all                     ? 
_refine.ls_number_reflns_obs                     6362 
_refine.ls_number_reflns_R_free                  308 
_refine.ls_number_reflns_R_work                  6054 
_refine.ls_number_restraints                     ? 
_refine.ls_percent_reflns_obs                    94.74 
_refine.ls_percent_reflns_R_free                 4.84 
_refine.ls_R_factor_all                          ? 
_refine.ls_R_factor_obs                          0.2501 
_refine.ls_R_factor_R_free                       0.2770 
_refine.ls_R_factor_R_free_error                 ? 
_refine.ls_R_factor_R_free_error_details         ? 
_refine.ls_R_factor_R_work                       0.2487 
_refine.ls_R_Fsqd_factor_obs                     ? 
_refine.ls_R_I_factor_obs                        ? 
_refine.ls_redundancy_reflns_all                 ? 
_refine.ls_redundancy_reflns_obs                 ? 
_refine.ls_restrained_S_all                      ? 
_refine.ls_restrained_S_obs                      ? 
_refine.ls_shift_over_esd_max                    ? 
_refine.ls_shift_over_esd_mean                   ? 
_refine.ls_structure_factor_coef                 ? 
_refine.ls_weighting_details                     ? 
_refine.ls_weighting_scheme                      ? 
_refine.ls_wR_factor_all                         ? 
_refine.ls_wR_factor_obs                         ? 
_refine.ls_wR_factor_R_free                      ? 
_refine.ls_wR_factor_R_work                      ? 
_refine.occupancy_max                            ? 
_refine.occupancy_min                            ? 
_refine.solvent_model_details                    'FLAT BULK SOLVENT MODEL' 
_refine.solvent_model_param_bsol                 ? 
_refine.solvent_model_param_ksol                 ? 
_refine.pdbx_R_complete                          ? 
_refine.ls_R_factor_gt                           ? 
_refine.ls_goodness_of_fit_gt                    ? 
_refine.ls_goodness_of_fit_ref                   ? 
_refine.ls_shift_over_su_max                     ? 
_refine.ls_shift_over_su_max_lt                  ? 
_refine.ls_shift_over_su_mean                    ? 
_refine.ls_shift_over_su_mean_lt                 ? 
_refine.pdbx_ls_sigma_I                          ? 
_refine.pdbx_ls_sigma_F                          1.38 
_refine.pdbx_ls_sigma_Fsqd                       ? 
_refine.pdbx_data_cutoff_high_absF               ? 
_refine.pdbx_data_cutoff_high_rms_absF           ? 
_refine.pdbx_data_cutoff_low_absF                ? 
_refine.pdbx_isotropic_thermal_model             ? 
_refine.pdbx_ls_cross_valid_method               'FREE R-VALUE' 
_refine.pdbx_method_to_determine_struct          'MOLECULAR REPLACEMENT' 
_refine.pdbx_starting_model                      7AK8 
_refine.pdbx_stereochemistry_target_values       'GeoStd + Monomer Library + CDL v1.2' 
_refine.pdbx_R_Free_selection_details            ? 
_refine.pdbx_stereochem_target_val_spec_case     ? 
_refine.pdbx_overall_ESU_R                       ? 
_refine.pdbx_overall_ESU_R_Free                  ? 
_refine.pdbx_solvent_vdw_probe_radii             1.1000 
_refine.pdbx_solvent_ion_probe_radii             ? 
_refine.pdbx_solvent_shrinkage_radii             0.9000 
_refine.pdbx_real_space_R                        ? 
_refine.pdbx_density_correlation                 ? 
_refine.pdbx_pd_number_of_powder_patterns        ? 
_refine.pdbx_pd_number_of_points                 ? 
_refine.pdbx_pd_meas_number_of_points            ? 
_refine.pdbx_pd_proc_ls_prof_R_factor            ? 
_refine.pdbx_pd_proc_ls_prof_wR_factor           ? 
_refine.pdbx_pd_Marquardt_correlation_coeff      ? 
_refine.pdbx_pd_Fsqrd_R_factor                   ? 
_refine.pdbx_pd_ls_matrix_band_width             ? 
_refine.pdbx_overall_phase_error                 33.6084 
_refine.pdbx_overall_SU_R_free_Cruickshank_DPI   ? 
_refine.pdbx_overall_SU_R_free_Blow_DPI          ? 
_refine.pdbx_overall_SU_R_Blow_DPI               ? 
_refine.pdbx_TLS_residual_ADP_flag               ? 
_refine.pdbx_diffrn_id                           1 
_refine.overall_SU_B                             ? 
_refine.overall_SU_ML                            0.3331 
_refine.overall_SU_R_Cruickshank_DPI             ? 
_refine.overall_SU_R_free                        ? 
_refine.overall_FOM_free_R_set                   ? 
_refine.overall_FOM_work_R_set                   ? 
_refine.pdbx_average_fsc_overall                 ? 
_refine.pdbx_average_fsc_work                    ? 
_refine.pdbx_average_fsc_free                    ? 
# 
_refine_hist.pdbx_refine_id                   'X-RAY DIFFRACTION' 
_refine_hist.cycle_id                         LAST 
_refine_hist.details                          ? 
_refine_hist.d_res_high                       2.75 
_refine_hist.d_res_low                        29.68 
_refine_hist.number_atoms_solvent             2 
_refine_hist.number_atoms_total               1484 
_refine_hist.number_reflns_all                ? 
_refine_hist.number_reflns_obs                ? 
_refine_hist.number_reflns_R_free             ? 
_refine_hist.number_reflns_R_work             ? 
_refine_hist.R_factor_all                     ? 
_refine_hist.R_factor_obs                     ? 
_refine_hist.R_factor_R_free                  ? 
_refine_hist.R_factor_R_work                  ? 
_refine_hist.pdbx_number_residues_total       ? 
_refine_hist.pdbx_B_iso_mean_ligand           ? 
_refine_hist.pdbx_B_iso_mean_solvent          ? 
_refine_hist.pdbx_number_atoms_protein        1477 
_refine_hist.pdbx_number_atoms_nucleic_acid   0 
_refine_hist.pdbx_number_atoms_ligand         5 
_refine_hist.pdbx_number_atoms_lipid          ? 
_refine_hist.pdbx_number_atoms_carb           ? 
_refine_hist.pdbx_pseudo_atom_details         ? 
# 
loop_
_refine_ls_restr.pdbx_refine_id 
_refine_ls_restr.criterion 
_refine_ls_restr.dev_ideal 
_refine_ls_restr.dev_ideal_target 
_refine_ls_restr.number 
_refine_ls_restr.rejects 
_refine_ls_restr.type 
_refine_ls_restr.weight 
_refine_ls_restr.pdbx_restraint_function 
'X-RAY DIFFRACTION' ? 0.0096 ? 1512 ? f_bond_d           ? ? 
'X-RAY DIFFRACTION' ? 1.1621 ? 2062 ? f_angle_d          ? ? 
'X-RAY DIFFRACTION' ? 0.0636 ? 239  ? f_chiral_restr     ? ? 
'X-RAY DIFFRACTION' ? 0.0106 ? 268  ? f_plane_restr      ? ? 
'X-RAY DIFFRACTION' ? 6.1705 ? 204  ? f_dihedral_angle_d ? ? 
# 
loop_
_refine_ls_shell.pdbx_refine_id 
_refine_ls_shell.d_res_high 
_refine_ls_shell.d_res_low 
_refine_ls_shell.number_reflns_all 
_refine_ls_shell.number_reflns_obs 
_refine_ls_shell.number_reflns_R_free 
_refine_ls_shell.number_reflns_R_work 
_refine_ls_shell.percent_reflns_obs 
_refine_ls_shell.percent_reflns_R_free 
_refine_ls_shell.R_factor_all 
_refine_ls_shell.R_factor_obs 
_refine_ls_shell.R_factor_R_free_error 
_refine_ls_shell.R_factor_R_work 
_refine_ls_shell.redundancy_reflns_all 
_refine_ls_shell.redundancy_reflns_obs 
_refine_ls_shell.wR_factor_all 
_refine_ls_shell.wR_factor_obs 
_refine_ls_shell.wR_factor_R_free 
_refine_ls_shell.wR_factor_R_work 
_refine_ls_shell.pdbx_R_complete 
_refine_ls_shell.pdbx_total_number_of_bins_used 
_refine_ls_shell.pdbx_phase_error 
_refine_ls_shell.pdbx_fsc_work 
_refine_ls_shell.pdbx_fsc_free 
_refine_ls_shell.R_factor_R_free 
'X-RAY DIFFRACTION' 2.75 3.47  . . 151 2829 91.52 . . . . 0.2758 . . . . . . . . . . . 0.3552 
'X-RAY DIFFRACTION' 3.47 29.68 . . 157 3225 97.77 . . . . 0.2420 . . . . . . . . . . . 0.2575 
# 
_struct.entry_id                     9ILS 
_struct.title                        'The GmvT toxin in complex with the C-terminal fragment of its antitoxin' 
_struct.pdbx_model_details           ? 
_struct.pdbx_formula_weight          ? 
_struct.pdbx_formula_weight_method   ? 
_struct.pdbx_model_type_details      ? 
_struct.pdbx_CASP_flag               N 
# 
_struct_keywords.entry_id        9ILS 
_struct_keywords.text            'toxin-antitoxin system, GNAT, acetylation, AcCoA, GmvAT, TOXIN' 
_struct_keywords.pdbx_keywords   TOXIN 
# 
loop_
_struct_asym.id 
_struct_asym.pdbx_blank_PDB_chainid_flag 
_struct_asym.pdbx_modified 
_struct_asym.entity_id 
_struct_asym.details 
A N N 1 ? 
B N N 2 ? 
C N N 3 ? 
D N N 4 ? 
# 
loop_
_struct_ref.id 
_struct_ref.db_name 
_struct_ref.db_code 
_struct_ref.pdbx_db_accession 
_struct_ref.pdbx_db_isoform 
_struct_ref.entity_id 
_struct_ref.pdbx_seq_one_letter_code 
_struct_ref.pdbx_align_begin 
1 UNP A0A200L144_SHISO A0A200L144 ? 1 
;MEINVTAPALLTDEHILQPFDCGNEVLSNWLRGRAMKNQMLNASRTFVICLEDTLRIVGYYSLATGSVTHAELGRSLRHN
MPNPVPVVLLGRLAVDVCTQGHGFGKWLLSDAIHRVVNLADQVGIKAVMVHAIDDDARAFYERFGFVQSVVAPNTLFYKV

;
1 
2 PDB 9ILS             9ILS       ? 2 ? 1 
# 
loop_
_struct_ref_seq.align_id 
_struct_ref_seq.ref_id 
_struct_ref_seq.pdbx_PDB_id_code 
_struct_ref_seq.pdbx_strand_id 
_struct_ref_seq.seq_align_beg 
_struct_ref_seq.pdbx_seq_align_beg_ins_code 
_struct_ref_seq.seq_align_end 
_struct_ref_seq.pdbx_seq_align_end_ins_code 
_struct_ref_seq.pdbx_db_accession 
_struct_ref_seq.db_align_beg 
_struct_ref_seq.pdbx_db_align_beg_ins_code 
_struct_ref_seq.db_align_end 
_struct_ref_seq.pdbx_db_align_end_ins_code 
_struct_ref_seq.pdbx_auth_seq_align_beg 
_struct_ref_seq.pdbx_auth_seq_align_end 
1 1 9ILS A 1 ? 160 ? A0A200L144 1  ? 160 ? 1  160 
2 2 9ILS B 1 ? 42  ? 9ILS       59 ? 100 ? 59 100 
# 
loop_
_struct_ref_seq_dif.align_id 
_struct_ref_seq_dif.pdbx_pdb_id_code 
_struct_ref_seq_dif.mon_id 
_struct_ref_seq_dif.pdbx_pdb_strand_id 
_struct_ref_seq_dif.seq_num 
_struct_ref_seq_dif.pdbx_pdb_ins_code 
_struct_ref_seq_dif.pdbx_seq_db_name 
_struct_ref_seq_dif.pdbx_seq_db_accession_code 
_struct_ref_seq_dif.db_mon_id 
_struct_ref_seq_dif.pdbx_seq_db_seq_num 
_struct_ref_seq_dif.details 
_struct_ref_seq_dif.pdbx_auth_seq_num 
_struct_ref_seq_dif.pdbx_ordinal 
1 9ILS ARG A 100 ? UNP A0A200L144 GLN 100 'engineered mutation' 100 1 
1 9ILS LEU A 161 ? UNP A0A200L144 ?   ?   'expression tag'      161 2 
1 9ILS GLU A 162 ? UNP A0A200L144 ?   ?   'expression tag'      162 3 
1 9ILS HIS A 163 ? UNP A0A200L144 ?   ?   'expression tag'      163 4 
1 9ILS HIS A 164 ? UNP A0A200L144 ?   ?   'expression tag'      164 5 
1 9ILS HIS A 165 ? UNP A0A200L144 ?   ?   'expression tag'      165 6 
1 9ILS HIS A 166 ? UNP A0A200L144 ?   ?   'expression tag'      166 7 
1 9ILS HIS A 167 ? UNP A0A200L144 ?   ?   'expression tag'      167 8 
1 9ILS HIS A 168 ? UNP A0A200L144 ?   ?   'expression tag'      168 9 
# 
_pdbx_struct_assembly.id                   1 
_pdbx_struct_assembly.details              author_and_software_defined_assembly 
_pdbx_struct_assembly.method_details       PISA 
_pdbx_struct_assembly.oligomeric_details   dimeric 
_pdbx_struct_assembly.oligomeric_count     2 
# 
loop_
_pdbx_struct_assembly_prop.biol_id 
_pdbx_struct_assembly_prop.type 
_pdbx_struct_assembly_prop.value 
_pdbx_struct_assembly_prop.details 
1 'ABSA (A^2)' 3510  ? 
1 MORE         -30   ? 
1 'SSA (A^2)'  10050 ? 
# 
_pdbx_struct_assembly_gen.assembly_id       1 
_pdbx_struct_assembly_gen.oper_expression   1 
_pdbx_struct_assembly_gen.asym_id_list      A,B,C,D 
# 
_pdbx_struct_assembly_auth_evidence.id                     1 
_pdbx_struct_assembly_auth_evidence.assembly_id            1 
_pdbx_struct_assembly_auth_evidence.experimental_support   'gel filtration' 
_pdbx_struct_assembly_auth_evidence.details                ? 
# 
_pdbx_struct_oper_list.id                   1 
_pdbx_struct_oper_list.type                 'identity operation' 
_pdbx_struct_oper_list.name                 1_555 
_pdbx_struct_oper_list.symmetry_operation   x,y,z 
_pdbx_struct_oper_list.matrix[1][1]         1.0000000000 
_pdbx_struct_oper_list.matrix[1][2]         0.0000000000 
_pdbx_struct_oper_list.matrix[1][3]         0.0000000000 
_pdbx_struct_oper_list.vector[1]            0.0000000000 
_pdbx_struct_oper_list.matrix[2][1]         0.0000000000 
_pdbx_struct_oper_list.matrix[2][2]         1.0000000000 
_pdbx_struct_oper_list.matrix[2][3]         0.0000000000 
_pdbx_struct_oper_list.vector[2]            0.0000000000 
_pdbx_struct_oper_list.matrix[3][1]         0.0000000000 
_pdbx_struct_oper_list.matrix[3][2]         0.0000000000 
_pdbx_struct_oper_list.matrix[3][3]         1.0000000000 
_pdbx_struct_oper_list.vector[3]            0.0000000000 
# 
loop_
_struct_conf.conf_type_id 
_struct_conf.id 
_struct_conf.pdbx_PDB_helix_id 
_struct_conf.beg_label_comp_id 
_struct_conf.beg_label_asym_id 
_struct_conf.beg_label_seq_id 
_struct_conf.pdbx_beg_PDB_ins_code 
_struct_conf.end_label_comp_id 
_struct_conf.end_label_asym_id 
_struct_conf.end_label_seq_id 
_struct_conf.pdbx_end_PDB_ins_code 
_struct_conf.beg_auth_comp_id 
_struct_conf.beg_auth_asym_id 
_struct_conf.beg_auth_seq_id 
_struct_conf.end_auth_comp_id 
_struct_conf.end_auth_asym_id 
_struct_conf.end_auth_seq_id 
_struct_conf.pdbx_PDB_helix_class 
_struct_conf.details 
_struct_conf.pdbx_PDB_helix_length 
HELX_P HELX_P1 AA1 ASN A 24  ? GLY A 33  ? ASN A 24  GLY A 33  1 ? 10 
HELX_P HELX_P2 AA2 GLY A 33  ? ASN A 42  ? GLY A 33  ASN A 42  1 ? 10 
HELX_P HELX_P3 AA3 GLY A 103 ? ALA A 120 ? GLY A 103 ALA A 120 1 ? 18 
HELX_P HELX_P4 AA4 ASP A 134 ? ARG A 143 ? ASP A 134 ARG A 143 1 ? 10 
HELX_P HELX_P5 AA5 ASP B 10  ? ALA B 23  ? ASP B 68  ALA B 81  1 ? 14 
HELX_P HELX_P6 AA6 ASN B 27  ? VAL B 37  ? ASN B 85  VAL B 95  1 ? 11 
# 
_struct_conf_type.id          HELX_P 
_struct_conf_type.criteria    ? 
_struct_conf_type.reference   ? 
# 
loop_
_struct_sheet.id 
_struct_sheet.type 
_struct_sheet.number_strands 
_struct_sheet.details 
AA1 ? 7 ? 
AA2 ? 4 ? 
# 
loop_
_struct_sheet_order.sheet_id 
_struct_sheet_order.range_id_1 
_struct_sheet_order.range_id_2 
_struct_sheet_order.offset 
_struct_sheet_order.sense 
AA1 1 2 ? anti-parallel 
AA1 2 3 ? anti-parallel 
AA1 3 4 ? anti-parallel 
AA1 4 5 ? parallel      
AA1 5 6 ? anti-parallel 
AA1 6 7 ? anti-parallel 
AA2 1 2 ? anti-parallel 
AA2 2 3 ? anti-parallel 
AA2 3 4 ? parallel      
# 
loop_
_struct_sheet_range.sheet_id 
_struct_sheet_range.id 
_struct_sheet_range.beg_label_comp_id 
_struct_sheet_range.beg_label_asym_id 
_struct_sheet_range.beg_label_seq_id 
_struct_sheet_range.pdbx_beg_PDB_ins_code 
_struct_sheet_range.end_label_comp_id 
_struct_sheet_range.end_label_asym_id 
_struct_sheet_range.end_label_seq_id 
_struct_sheet_range.pdbx_end_PDB_ins_code 
_struct_sheet_range.beg_auth_comp_id 
_struct_sheet_range.beg_auth_asym_id 
_struct_sheet_range.beg_auth_seq_id 
_struct_sheet_range.end_auth_comp_id 
_struct_sheet_range.end_auth_asym_id 
_struct_sheet_range.end_auth_seq_id 
AA1 1 ALA A 9   ? LEU A 10  ? ALA A 9   LEU A 10  
AA1 2 ARG A 45  ? CYS A 50  ? ARG A 45  CYS A 50  
AA1 3 ILE A 57  ? HIS A 70  ? ILE A 57  HIS A 70  
AA1 4 VAL A 85  ? VAL A 95  ? VAL A 85  VAL A 95  
AA1 5 ALA A 127 ? HIS A 131 ? ALA A 127 HIS A 131 
AA1 6 THR A 155 ? LYS A 159 ? THR A 155 LYS A 159 
AA1 7 VAL A 147 ? GLN A 148 ? VAL A 147 GLN A 148 
AA2 1 ALA A 9   ? LEU A 10  ? ALA A 9   LEU A 10  
AA2 2 ARG A 45  ? CYS A 50  ? ARG A 45  CYS A 50  
AA2 3 ILE A 57  ? HIS A 70  ? ILE A 57  HIS A 70  
AA2 4 LEU B 6   ? LEU B 9   ? LEU B 64  LEU B 67  
# 
loop_
_pdbx_struct_sheet_hbond.sheet_id 
_pdbx_struct_sheet_hbond.range_id_1 
_pdbx_struct_sheet_hbond.range_id_2 
_pdbx_struct_sheet_hbond.range_1_label_atom_id 
_pdbx_struct_sheet_hbond.range_1_label_comp_id 
_pdbx_struct_sheet_hbond.range_1_label_asym_id 
_pdbx_struct_sheet_hbond.range_1_label_seq_id 
_pdbx_struct_sheet_hbond.range_1_PDB_ins_code 
_pdbx_struct_sheet_hbond.range_1_auth_atom_id 
_pdbx_struct_sheet_hbond.range_1_auth_comp_id 
_pdbx_struct_sheet_hbond.range_1_auth_asym_id 
_pdbx_struct_sheet_hbond.range_1_auth_seq_id 
_pdbx_struct_sheet_hbond.range_2_label_atom_id 
_pdbx_struct_sheet_hbond.range_2_label_comp_id 
_pdbx_struct_sheet_hbond.range_2_label_asym_id 
_pdbx_struct_sheet_hbond.range_2_label_seq_id 
_pdbx_struct_sheet_hbond.range_2_PDB_ins_code 
_pdbx_struct_sheet_hbond.range_2_auth_atom_id 
_pdbx_struct_sheet_hbond.range_2_auth_comp_id 
_pdbx_struct_sheet_hbond.range_2_auth_asym_id 
_pdbx_struct_sheet_hbond.range_2_auth_seq_id 
AA1 1 2 N ALA A 9   ? N ALA A 9   O VAL A 48  ? O VAL A 48  
AA1 2 3 N PHE A 47  ? N PHE A 47  O TYR A 61  ? O TYR A 61  
AA1 3 4 N ALA A 64  ? N ALA A 64  O LEU A 89  ? O LEU A 89  
AA1 4 5 N LEU A 90  ? N LEU A 90  O MET A 129 ? O MET A 129 
AA1 5 6 N VAL A 130 ? N VAL A 130 O LEU A 156 ? O LEU A 156 
AA1 6 7 O PHE A 157 ? O PHE A 157 N VAL A 147 ? N VAL A 147 
AA2 1 2 N ALA A 9   ? N ALA A 9   O VAL A 48  ? O VAL A 48  
AA2 2 3 N PHE A 47  ? N PHE A 47  O TYR A 61  ? O TYR A 61  
AA2 3 4 N SER A 67  ? N SER A 67  O PHE B 7   ? O PHE B 65  
# 
_pdbx_entry_details.entry_id                   9ILS 
_pdbx_entry_details.has_ligand_of_interest     Y 
_pdbx_entry_details.compound_details           ? 
_pdbx_entry_details.source_details             ? 
_pdbx_entry_details.nonpolymer_details         ? 
_pdbx_entry_details.sequence_details           ? 
_pdbx_entry_details.has_protein_modification   N 
# 
_pdbx_validate_close_contact.id               1 
_pdbx_validate_close_contact.PDB_model_num    1 
_pdbx_validate_close_contact.auth_atom_id_1   NH2 
_pdbx_validate_close_contact.auth_asym_id_1   A 
_pdbx_validate_close_contact.auth_comp_id_1   ARG 
_pdbx_validate_close_contact.auth_seq_id_1    138 
_pdbx_validate_close_contact.PDB_ins_code_1   ? 
_pdbx_validate_close_contact.label_alt_id_1   ? 
_pdbx_validate_close_contact.auth_atom_id_2   OE1 
_pdbx_validate_close_contact.auth_asym_id_2   A 
_pdbx_validate_close_contact.auth_comp_id_2   GLN 
_pdbx_validate_close_contact.auth_seq_id_2    148 
_pdbx_validate_close_contact.PDB_ins_code_2   ? 
_pdbx_validate_close_contact.label_alt_id_2   ? 
_pdbx_validate_close_contact.dist             2.19 
# 
_pdbx_validate_symm_contact.id                1 
_pdbx_validate_symm_contact.PDB_model_num     1 
_pdbx_validate_symm_contact.auth_atom_id_1    O 
_pdbx_validate_symm_contact.auth_asym_id_1    A 
_pdbx_validate_symm_contact.auth_comp_id_1    PRO 
_pdbx_validate_symm_contact.auth_seq_id_1     84 
_pdbx_validate_symm_contact.PDB_ins_code_1    ? 
_pdbx_validate_symm_contact.label_alt_id_1    ? 
_pdbx_validate_symm_contact.site_symmetry_1   1_555 
_pdbx_validate_symm_contact.auth_atom_id_2    NH2 
_pdbx_validate_symm_contact.auth_asym_id_2    B 
_pdbx_validate_symm_contact.auth_comp_id_2    ARG 
_pdbx_validate_symm_contact.auth_seq_id_2     63 
_pdbx_validate_symm_contact.PDB_ins_code_2    ? 
_pdbx_validate_symm_contact.label_alt_id_2    ? 
_pdbx_validate_symm_contact.site_symmetry_2   9_555 
_pdbx_validate_symm_contact.dist              2.19 
# 
loop_
_pdbx_validate_torsion.id 
_pdbx_validate_torsion.PDB_model_num 
_pdbx_validate_torsion.auth_comp_id 
_pdbx_validate_torsion.auth_asym_id 
_pdbx_validate_torsion.auth_seq_id 
_pdbx_validate_torsion.PDB_ins_code 
_pdbx_validate_torsion.label_alt_id 
_pdbx_validate_torsion.phi 
_pdbx_validate_torsion.psi 
1 1 THR A 12  ? ? -104.28 -163.13 
2 1 ASN A 42  ? ? 68.81   63.85   
3 1 ARG A 100 ? ? -115.36 -85.49  
4 1 ILE A 133 ? ? -57.48  -84.00  
5 1 VAL B 95  ? ? -46.27  95.48   
# 
loop_
_space_group_symop.id 
_space_group_symop.operation_xyz 
1  x,y,z          
2  x-y,x,z+5/6    
3  y,-x+y,z+1/6   
4  -y,x-y,z+2/3   
5  -x+y,-x,z+1/3  
6  x-y,-y,-z      
7  -x,-x+y,-z+1/3 
8  -x,-y,z+1/2    
9  y,x,-z+2/3     
10 -y,-x,-z+1/6   
11 -x+y,y,-z+1/2  
12 x,x-y,-z+5/6   
# 
loop_
_pdbx_unobs_or_zero_occ_residues.id 
_pdbx_unobs_or_zero_occ_residues.PDB_model_num 
_pdbx_unobs_or_zero_occ_residues.polymer_flag 
_pdbx_unobs_or_zero_occ_residues.occupancy_flag 
_pdbx_unobs_or_zero_occ_residues.auth_asym_id 
_pdbx_unobs_or_zero_occ_residues.auth_comp_id 
_pdbx_unobs_or_zero_occ_residues.auth_seq_id 
_pdbx_unobs_or_zero_occ_residues.PDB_ins_code 
_pdbx_unobs_or_zero_occ_residues.label_asym_id 
_pdbx_unobs_or_zero_occ_residues.label_comp_id 
_pdbx_unobs_or_zero_occ_residues.label_seq_id 
1  1 Y 1 A MET 1   ? A MET 1   
2  1 Y 1 A LEU 73  ? A LEU 73  
3  1 Y 1 A GLY 74  ? A GLY 74  
4  1 Y 1 A ARG 75  ? A ARG 75  
5  1 Y 1 A SER 76  ? A SER 76  
6  1 Y 1 A LEU 77  ? A LEU 77  
7  1 Y 1 A ARG 78  ? A ARG 78  
8  1 Y 1 A HIS 79  ? A HIS 79  
9  1 Y 1 A ASN 80  ? A ASN 80  
10 1 Y 1 A MET 81  ? A MET 81  
11 1 Y 1 A HIS 165 ? A HIS 165 
12 1 Y 1 A HIS 166 ? A HIS 166 
13 1 Y 1 A HIS 167 ? A HIS 167 
14 1 Y 1 A HIS 168 ? A HIS 168 
15 1 Y 1 B MET 59  ? B MET 1   
16 1 Y 1 B ALA 60  ? B ALA 2   
17 1 Y 1 B SER 61  ? B SER 3   
# 
loop_
_chem_comp_atom.comp_id 
_chem_comp_atom.atom_id 
_chem_comp_atom.type_symbol 
_chem_comp_atom.pdbx_aromatic_flag 
_chem_comp_atom.pdbx_stereo_config 
_chem_comp_atom.pdbx_ordinal 
ALA N    N N N 1   
ALA CA   C N S 2   
ALA C    C N N 3   
ALA O    O N N 4   
ALA CB   C N N 5   
ALA OXT  O N N 6   
ALA H    H N N 7   
ALA H2   H N N 8   
ALA HA   H N N 9   
ALA HB1  H N N 10  
ALA HB2  H N N 11  
ALA HB3  H N N 12  
ALA HXT  H N N 13  
ARG N    N N N 14  
ARG CA   C N S 15  
ARG C    C N N 16  
ARG O    O N N 17  
ARG CB   C N N 18  
ARG CG   C N N 19  
ARG CD   C N N 20  
ARG NE   N N N 21  
ARG CZ   C N N 22  
ARG NH1  N N N 23  
ARG NH2  N N N 24  
ARG OXT  O N N 25  
ARG H    H N N 26  
ARG H2   H N N 27  
ARG HA   H N N 28  
ARG HB2  H N N 29  
ARG HB3  H N N 30  
ARG HG2  H N N 31  
ARG HG3  H N N 32  
ARG HD2  H N N 33  
ARG HD3  H N N 34  
ARG HE   H N N 35  
ARG HH11 H N N 36  
ARG HH12 H N N 37  
ARG HH21 H N N 38  
ARG HH22 H N N 39  
ARG HXT  H N N 40  
ASN N    N N N 41  
ASN CA   C N S 42  
ASN C    C N N 43  
ASN O    O N N 44  
ASN CB   C N N 45  
ASN CG   C N N 46  
ASN OD1  O N N 47  
ASN ND2  N N N 48  
ASN OXT  O N N 49  
ASN H    H N N 50  
ASN H2   H N N 51  
ASN HA   H N N 52  
ASN HB2  H N N 53  
ASN HB3  H N N 54  
ASN HD21 H N N 55  
ASN HD22 H N N 56  
ASN HXT  H N N 57  
ASP N    N N N 58  
ASP CA   C N S 59  
ASP C    C N N 60  
ASP O    O N N 61  
ASP CB   C N N 62  
ASP CG   C N N 63  
ASP OD1  O N N 64  
ASP OD2  O N N 65  
ASP OXT  O N N 66  
ASP H    H N N 67  
ASP H2   H N N 68  
ASP HA   H N N 69  
ASP HB2  H N N 70  
ASP HB3  H N N 71  
ASP HD2  H N N 72  
ASP HXT  H N N 73  
CYS N    N N N 74  
CYS CA   C N R 75  
CYS C    C N N 76  
CYS O    O N N 77  
CYS CB   C N N 78  
CYS SG   S N N 79  
CYS OXT  O N N 80  
CYS H    H N N 81  
CYS H2   H N N 82  
CYS HA   H N N 83  
CYS HB2  H N N 84  
CYS HB3  H N N 85  
CYS HG   H N N 86  
CYS HXT  H N N 87  
GLN N    N N N 88  
GLN CA   C N S 89  
GLN C    C N N 90  
GLN O    O N N 91  
GLN CB   C N N 92  
GLN CG   C N N 93  
GLN CD   C N N 94  
GLN OE1  O N N 95  
GLN NE2  N N N 96  
GLN OXT  O N N 97  
GLN H    H N N 98  
GLN H2   H N N 99  
GLN HA   H N N 100 
GLN HB2  H N N 101 
GLN HB3  H N N 102 
GLN HG2  H N N 103 
GLN HG3  H N N 104 
GLN HE21 H N N 105 
GLN HE22 H N N 106 
GLN HXT  H N N 107 
GLU N    N N N 108 
GLU CA   C N S 109 
GLU C    C N N 110 
GLU O    O N N 111 
GLU CB   C N N 112 
GLU CG   C N N 113 
GLU CD   C N N 114 
GLU OE1  O N N 115 
GLU OE2  O N N 116 
GLU OXT  O N N 117 
GLU H    H N N 118 
GLU H2   H N N 119 
GLU HA   H N N 120 
GLU HB2  H N N 121 
GLU HB3  H N N 122 
GLU HG2  H N N 123 
GLU HG3  H N N 124 
GLU HE2  H N N 125 
GLU HXT  H N N 126 
GLY N    N N N 127 
GLY CA   C N N 128 
GLY C    C N N 129 
GLY O    O N N 130 
GLY OXT  O N N 131 
GLY H    H N N 132 
GLY H2   H N N 133 
GLY HA2  H N N 134 
GLY HA3  H N N 135 
GLY HXT  H N N 136 
HIS N    N N N 137 
HIS CA   C N S 138 
HIS C    C N N 139 
HIS O    O N N 140 
HIS CB   C N N 141 
HIS CG   C Y N 142 
HIS ND1  N Y N 143 
HIS CD2  C Y N 144 
HIS CE1  C Y N 145 
HIS NE2  N Y N 146 
HIS OXT  O N N 147 
HIS H    H N N 148 
HIS H2   H N N 149 
HIS HA   H N N 150 
HIS HB2  H N N 151 
HIS HB3  H N N 152 
HIS HD1  H N N 153 
HIS HD2  H N N 154 
HIS HE1  H N N 155 
HIS HE2  H N N 156 
HIS HXT  H N N 157 
HOH O    O N N 158 
HOH H1   H N N 159 
HOH H2   H N N 160 
ILE N    N N N 161 
ILE CA   C N S 162 
ILE C    C N N 163 
ILE O    O N N 164 
ILE CB   C N S 165 
ILE CG1  C N N 166 
ILE CG2  C N N 167 
ILE CD1  C N N 168 
ILE OXT  O N N 169 
ILE H    H N N 170 
ILE H2   H N N 171 
ILE HA   H N N 172 
ILE HB   H N N 173 
ILE HG12 H N N 174 
ILE HG13 H N N 175 
ILE HG21 H N N 176 
ILE HG22 H N N 177 
ILE HG23 H N N 178 
ILE HD11 H N N 179 
ILE HD12 H N N 180 
ILE HD13 H N N 181 
ILE HXT  H N N 182 
LEU N    N N N 183 
LEU CA   C N S 184 
LEU C    C N N 185 
LEU O    O N N 186 
LEU CB   C N N 187 
LEU CG   C N N 188 
LEU CD1  C N N 189 
LEU CD2  C N N 190 
LEU OXT  O N N 191 
LEU H    H N N 192 
LEU H2   H N N 193 
LEU HA   H N N 194 
LEU HB2  H N N 195 
LEU HB3  H N N 196 
LEU HG   H N N 197 
LEU HD11 H N N 198 
LEU HD12 H N N 199 
LEU HD13 H N N 200 
LEU HD21 H N N 201 
LEU HD22 H N N 202 
LEU HD23 H N N 203 
LEU HXT  H N N 204 
LYS N    N N N 205 
LYS CA   C N S 206 
LYS C    C N N 207 
LYS O    O N N 208 
LYS CB   C N N 209 
LYS CG   C N N 210 
LYS CD   C N N 211 
LYS CE   C N N 212 
LYS NZ   N N N 213 
LYS OXT  O N N 214 
LYS H    H N N 215 
LYS H2   H N N 216 
LYS HA   H N N 217 
LYS HB2  H N N 218 
LYS HB3  H N N 219 
LYS HG2  H N N 220 
LYS HG3  H N N 221 
LYS HD2  H N N 222 
LYS HD3  H N N 223 
LYS HE2  H N N 224 
LYS HE3  H N N 225 
LYS HZ1  H N N 226 
LYS HZ2  H N N 227 
LYS HZ3  H N N 228 
LYS HXT  H N N 229 
MET N    N N N 230 
MET CA   C N S 231 
MET C    C N N 232 
MET O    O N N 233 
MET CB   C N N 234 
MET CG   C N N 235 
MET SD   S N N 236 
MET CE   C N N 237 
MET OXT  O N N 238 
MET H    H N N 239 
MET H2   H N N 240 
MET HA   H N N 241 
MET HB2  H N N 242 
MET HB3  H N N 243 
MET HG2  H N N 244 
MET HG3  H N N 245 
MET HE1  H N N 246 
MET HE2  H N N 247 
MET HE3  H N N 248 
MET HXT  H N N 249 
PHE N    N N N 250 
PHE CA   C N S 251 
PHE C    C N N 252 
PHE O    O N N 253 
PHE CB   C N N 254 
PHE CG   C Y N 255 
PHE CD1  C Y N 256 
PHE CD2  C Y N 257 
PHE CE1  C Y N 258 
PHE CE2  C Y N 259 
PHE CZ   C Y N 260 
PHE OXT  O N N 261 
PHE H    H N N 262 
PHE H2   H N N 263 
PHE HA   H N N 264 
PHE HB2  H N N 265 
PHE HB3  H N N 266 
PHE HD1  H N N 267 
PHE HD2  H N N 268 
PHE HE1  H N N 269 
PHE HE2  H N N 270 
PHE HZ   H N N 271 
PHE HXT  H N N 272 
PO4 P    P N N 273 
PO4 O1   O N N 274 
PO4 O2   O N N 275 
PO4 O3   O N N 276 
PO4 O4   O N N 277 
PRO N    N N N 278 
PRO CA   C N S 279 
PRO C    C N N 280 
PRO O    O N N 281 
PRO CB   C N N 282 
PRO CG   C N N 283 
PRO CD   C N N 284 
PRO OXT  O N N 285 
PRO H    H N N 286 
PRO HA   H N N 287 
PRO HB2  H N N 288 
PRO HB3  H N N 289 
PRO HG2  H N N 290 
PRO HG3  H N N 291 
PRO HD2  H N N 292 
PRO HD3  H N N 293 
PRO HXT  H N N 294 
SER N    N N N 295 
SER CA   C N S 296 
SER C    C N N 297 
SER O    O N N 298 
SER CB   C N N 299 
SER OG   O N N 300 
SER OXT  O N N 301 
SER H    H N N 302 
SER H2   H N N 303 
SER HA   H N N 304 
SER HB2  H N N 305 
SER HB3  H N N 306 
SER HG   H N N 307 
SER HXT  H N N 308 
THR N    N N N 309 
THR CA   C N S 310 
THR C    C N N 311 
THR O    O N N 312 
THR CB   C N R 313 
THR OG1  O N N 314 
THR CG2  C N N 315 
THR OXT  O N N 316 
THR H    H N N 317 
THR H2   H N N 318 
THR HA   H N N 319 
THR HB   H N N 320 
THR HG1  H N N 321 
THR HG21 H N N 322 
THR HG22 H N N 323 
THR HG23 H N N 324 
THR HXT  H N N 325 
TRP N    N N N 326 
TRP CA   C N S 327 
TRP C    C N N 328 
TRP O    O N N 329 
TRP CB   C N N 330 
TRP CG   C Y N 331 
TRP CD1  C Y N 332 
TRP CD2  C Y N 333 
TRP NE1  N Y N 334 
TRP CE2  C Y N 335 
TRP CE3  C Y N 336 
TRP CZ2  C Y N 337 
TRP CZ3  C Y N 338 
TRP CH2  C Y N 339 
TRP OXT  O N N 340 
TRP H    H N N 341 
TRP H2   H N N 342 
TRP HA   H N N 343 
TRP HB2  H N N 344 
TRP HB3  H N N 345 
TRP HD1  H N N 346 
TRP HE1  H N N 347 
TRP HE3  H N N 348 
TRP HZ2  H N N 349 
TRP HZ3  H N N 350 
TRP HH2  H N N 351 
TRP HXT  H N N 352 
TYR N    N N N 353 
TYR CA   C N S 354 
TYR C    C N N 355 
TYR O    O N N 356 
TYR CB   C N N 357 
TYR CG   C Y N 358 
TYR CD1  C Y N 359 
TYR CD2  C Y N 360 
TYR CE1  C Y N 361 
TYR CE2  C Y N 362 
TYR CZ   C Y N 363 
TYR OH   O N N 364 
TYR OXT  O N N 365 
TYR H    H N N 366 
TYR H2   H N N 367 
TYR HA   H N N 368 
TYR HB2  H N N 369 
TYR HB3  H N N 370 
TYR HD1  H N N 371 
TYR HD2  H N N 372 
TYR HE1  H N N 373 
TYR HE2  H N N 374 
TYR HH   H N N 375 
TYR HXT  H N N 376 
VAL N    N N N 377 
VAL CA   C N S 378 
VAL C    C N N 379 
VAL O    O N N 380 
VAL CB   C N N 381 
VAL CG1  C N N 382 
VAL CG2  C N N 383 
VAL OXT  O N N 384 
VAL H    H N N 385 
VAL H2   H N N 386 
VAL HA   H N N 387 
VAL HB   H N N 388 
VAL HG11 H N N 389 
VAL HG12 H N N 390 
VAL HG13 H N N 391 
VAL HG21 H N N 392 
VAL HG22 H N N 393 
VAL HG23 H N N 394 
VAL HXT  H N N 395 
# 
loop_
_chem_comp_bond.comp_id 
_chem_comp_bond.atom_id_1 
_chem_comp_bond.atom_id_2 
_chem_comp_bond.value_order 
_chem_comp_bond.pdbx_aromatic_flag 
_chem_comp_bond.pdbx_stereo_config 
_chem_comp_bond.pdbx_ordinal 
ALA N   CA   sing N N 1   
ALA N   H    sing N N 2   
ALA N   H2   sing N N 3   
ALA CA  C    sing N N 4   
ALA CA  CB   sing N N 5   
ALA CA  HA   sing N N 6   
ALA C   O    doub N N 7   
ALA C   OXT  sing N N 8   
ALA CB  HB1  sing N N 9   
ALA CB  HB2  sing N N 10  
ALA CB  HB3  sing N N 11  
ALA OXT HXT  sing N N 12  
ARG N   CA   sing N N 13  
ARG N   H    sing N N 14  
ARG N   H2   sing N N 15  
ARG CA  C    sing N N 16  
ARG CA  CB   sing N N 17  
ARG CA  HA   sing N N 18  
ARG C   O    doub N N 19  
ARG C   OXT  sing N N 20  
ARG CB  CG   sing N N 21  
ARG CB  HB2  sing N N 22  
ARG CB  HB3  sing N N 23  
ARG CG  CD   sing N N 24  
ARG CG  HG2  sing N N 25  
ARG CG  HG3  sing N N 26  
ARG CD  NE   sing N N 27  
ARG CD  HD2  sing N N 28  
ARG CD  HD3  sing N N 29  
ARG NE  CZ   sing N N 30  
ARG NE  HE   sing N N 31  
ARG CZ  NH1  sing N N 32  
ARG CZ  NH2  doub N N 33  
ARG NH1 HH11 sing N N 34  
ARG NH1 HH12 sing N N 35  
ARG NH2 HH21 sing N N 36  
ARG NH2 HH22 sing N N 37  
ARG OXT HXT  sing N N 38  
ASN N   CA   sing N N 39  
ASN N   H    sing N N 40  
ASN N   H2   sing N N 41  
ASN CA  C    sing N N 42  
ASN CA  CB   sing N N 43  
ASN CA  HA   sing N N 44  
ASN C   O    doub N N 45  
ASN C   OXT  sing N N 46  
ASN CB  CG   sing N N 47  
ASN CB  HB2  sing N N 48  
ASN CB  HB3  sing N N 49  
ASN CG  OD1  doub N N 50  
ASN CG  ND2  sing N N 51  
ASN ND2 HD21 sing N N 52  
ASN ND2 HD22 sing N N 53  
ASN OXT HXT  sing N N 54  
ASP N   CA   sing N N 55  
ASP N   H    sing N N 56  
ASP N   H2   sing N N 57  
ASP CA  C    sing N N 58  
ASP CA  CB   sing N N 59  
ASP CA  HA   sing N N 60  
ASP C   O    doub N N 61  
ASP C   OXT  sing N N 62  
ASP CB  CG   sing N N 63  
ASP CB  HB2  sing N N 64  
ASP CB  HB3  sing N N 65  
ASP CG  OD1  doub N N 66  
ASP CG  OD2  sing N N 67  
ASP OD2 HD2  sing N N 68  
ASP OXT HXT  sing N N 69  
CYS N   CA   sing N N 70  
CYS N   H    sing N N 71  
CYS N   H2   sing N N 72  
CYS CA  C    sing N N 73  
CYS CA  CB   sing N N 74  
CYS CA  HA   sing N N 75  
CYS C   O    doub N N 76  
CYS C   OXT  sing N N 77  
CYS CB  SG   sing N N 78  
CYS CB  HB2  sing N N 79  
CYS CB  HB3  sing N N 80  
CYS SG  HG   sing N N 81  
CYS OXT HXT  sing N N 82  
GLN N   CA   sing N N 83  
GLN N   H    sing N N 84  
GLN N   H2   sing N N 85  
GLN CA  C    sing N N 86  
GLN CA  CB   sing N N 87  
GLN CA  HA   sing N N 88  
GLN C   O    doub N N 89  
GLN C   OXT  sing N N 90  
GLN CB  CG   sing N N 91  
GLN CB  HB2  sing N N 92  
GLN CB  HB3  sing N N 93  
GLN CG  CD   sing N N 94  
GLN CG  HG2  sing N N 95  
GLN CG  HG3  sing N N 96  
GLN CD  OE1  doub N N 97  
GLN CD  NE2  sing N N 98  
GLN NE2 HE21 sing N N 99  
GLN NE2 HE22 sing N N 100 
GLN OXT HXT  sing N N 101 
GLU N   CA   sing N N 102 
GLU N   H    sing N N 103 
GLU N   H2   sing N N 104 
GLU CA  C    sing N N 105 
GLU CA  CB   sing N N 106 
GLU CA  HA   sing N N 107 
GLU C   O    doub N N 108 
GLU C   OXT  sing N N 109 
GLU CB  CG   sing N N 110 
GLU CB  HB2  sing N N 111 
GLU CB  HB3  sing N N 112 
GLU CG  CD   sing N N 113 
GLU CG  HG2  sing N N 114 
GLU CG  HG3  sing N N 115 
GLU CD  OE1  doub N N 116 
GLU CD  OE2  sing N N 117 
GLU OE2 HE2  sing N N 118 
GLU OXT HXT  sing N N 119 
GLY N   CA   sing N N 120 
GLY N   H    sing N N 121 
GLY N   H2   sing N N 122 
GLY CA  C    sing N N 123 
GLY CA  HA2  sing N N 124 
GLY CA  HA3  sing N N 125 
GLY C   O    doub N N 126 
GLY C   OXT  sing N N 127 
GLY OXT HXT  sing N N 128 
HIS N   CA   sing N N 129 
HIS N   H    sing N N 130 
HIS N   H2   sing N N 131 
HIS CA  C    sing N N 132 
HIS CA  CB   sing N N 133 
HIS CA  HA   sing N N 134 
HIS C   O    doub N N 135 
HIS C   OXT  sing N N 136 
HIS CB  CG   sing N N 137 
HIS CB  HB2  sing N N 138 
HIS CB  HB3  sing N N 139 
HIS CG  ND1  sing Y N 140 
HIS CG  CD2  doub Y N 141 
HIS ND1 CE1  doub Y N 142 
HIS ND1 HD1  sing N N 143 
HIS CD2 NE2  sing Y N 144 
HIS CD2 HD2  sing N N 145 
HIS CE1 NE2  sing Y N 146 
HIS CE1 HE1  sing N N 147 
HIS NE2 HE2  sing N N 148 
HIS OXT HXT  sing N N 149 
HOH O   H1   sing N N 150 
HOH O   H2   sing N N 151 
ILE N   CA   sing N N 152 
ILE N   H    sing N N 153 
ILE N   H2   sing N N 154 
ILE CA  C    sing N N 155 
ILE CA  CB   sing N N 156 
ILE CA  HA   sing N N 157 
ILE C   O    doub N N 158 
ILE C   OXT  sing N N 159 
ILE CB  CG1  sing N N 160 
ILE CB  CG2  sing N N 161 
ILE CB  HB   sing N N 162 
ILE CG1 CD1  sing N N 163 
ILE CG1 HG12 sing N N 164 
ILE CG1 HG13 sing N N 165 
ILE CG2 HG21 sing N N 166 
ILE CG2 HG22 sing N N 167 
ILE CG2 HG23 sing N N 168 
ILE CD1 HD11 sing N N 169 
ILE CD1 HD12 sing N N 170 
ILE CD1 HD13 sing N N 171 
ILE OXT HXT  sing N N 172 
LEU N   CA   sing N N 173 
LEU N   H    sing N N 174 
LEU N   H2   sing N N 175 
LEU CA  C    sing N N 176 
LEU CA  CB   sing N N 177 
LEU CA  HA   sing N N 178 
LEU C   O    doub N N 179 
LEU C   OXT  sing N N 180 
LEU CB  CG   sing N N 181 
LEU CB  HB2  sing N N 182 
LEU CB  HB3  sing N N 183 
LEU CG  CD1  sing N N 184 
LEU CG  CD2  sing N N 185 
LEU CG  HG   sing N N 186 
LEU CD1 HD11 sing N N 187 
LEU CD1 HD12 sing N N 188 
LEU CD1 HD13 sing N N 189 
LEU CD2 HD21 sing N N 190 
LEU CD2 HD22 sing N N 191 
LEU CD2 HD23 sing N N 192 
LEU OXT HXT  sing N N 193 
LYS N   CA   sing N N 194 
LYS N   H    sing N N 195 
LYS N   H2   sing N N 196 
LYS CA  C    sing N N 197 
LYS CA  CB   sing N N 198 
LYS CA  HA   sing N N 199 
LYS C   O    doub N N 200 
LYS C   OXT  sing N N 201 
LYS CB  CG   sing N N 202 
LYS CB  HB2  sing N N 203 
LYS CB  HB3  sing N N 204 
LYS CG  CD   sing N N 205 
LYS CG  HG2  sing N N 206 
LYS CG  HG3  sing N N 207 
LYS CD  CE   sing N N 208 
LYS CD  HD2  sing N N 209 
LYS CD  HD3  sing N N 210 
LYS CE  NZ   sing N N 211 
LYS CE  HE2  sing N N 212 
LYS CE  HE3  sing N N 213 
LYS NZ  HZ1  sing N N 214 
LYS NZ  HZ2  sing N N 215 
LYS NZ  HZ3  sing N N 216 
LYS OXT HXT  sing N N 217 
MET N   CA   sing N N 218 
MET N   H    sing N N 219 
MET N   H2   sing N N 220 
MET CA  C    sing N N 221 
MET CA  CB   sing N N 222 
MET CA  HA   sing N N 223 
MET C   O    doub N N 224 
MET C   OXT  sing N N 225 
MET CB  CG   sing N N 226 
MET CB  HB2  sing N N 227 
MET CB  HB3  sing N N 228 
MET CG  SD   sing N N 229 
MET CG  HG2  sing N N 230 
MET CG  HG3  sing N N 231 
MET SD  CE   sing N N 232 
MET CE  HE1  sing N N 233 
MET CE  HE2  sing N N 234 
MET CE  HE3  sing N N 235 
MET OXT HXT  sing N N 236 
PHE N   CA   sing N N 237 
PHE N   H    sing N N 238 
PHE N   H2   sing N N 239 
PHE CA  C    sing N N 240 
PHE CA  CB   sing N N 241 
PHE CA  HA   sing N N 242 
PHE C   O    doub N N 243 
PHE C   OXT  sing N N 244 
PHE CB  CG   sing N N 245 
PHE CB  HB2  sing N N 246 
PHE CB  HB3  sing N N 247 
PHE CG  CD1  doub Y N 248 
PHE CG  CD2  sing Y N 249 
PHE CD1 CE1  sing Y N 250 
PHE CD1 HD1  sing N N 251 
PHE CD2 CE2  doub Y N 252 
PHE CD2 HD2  sing N N 253 
PHE CE1 CZ   doub Y N 254 
PHE CE1 HE1  sing N N 255 
PHE CE2 CZ   sing Y N 256 
PHE CE2 HE2  sing N N 257 
PHE CZ  HZ   sing N N 258 
PHE OXT HXT  sing N N 259 
PO4 P   O1   doub N N 260 
PO4 P   O2   sing N N 261 
PO4 P   O3   sing N N 262 
PO4 P   O4   sing N N 263 
PRO N   CA   sing N N 264 
PRO N   CD   sing N N 265 
PRO N   H    sing N N 266 
PRO CA  C    sing N N 267 
PRO CA  CB   sing N N 268 
PRO CA  HA   sing N N 269 
PRO C   O    doub N N 270 
PRO C   OXT  sing N N 271 
PRO CB  CG   sing N N 272 
PRO CB  HB2  sing N N 273 
PRO CB  HB3  sing N N 274 
PRO CG  CD   sing N N 275 
PRO CG  HG2  sing N N 276 
PRO CG  HG3  sing N N 277 
PRO CD  HD2  sing N N 278 
PRO CD  HD3  sing N N 279 
PRO OXT HXT  sing N N 280 
SER N   CA   sing N N 281 
SER N   H    sing N N 282 
SER N   H2   sing N N 283 
SER CA  C    sing N N 284 
SER CA  CB   sing N N 285 
SER CA  HA   sing N N 286 
SER C   O    doub N N 287 
SER C   OXT  sing N N 288 
SER CB  OG   sing N N 289 
SER CB  HB2  sing N N 290 
SER CB  HB3  sing N N 291 
SER OG  HG   sing N N 292 
SER OXT HXT  sing N N 293 
THR N   CA   sing N N 294 
THR N   H    sing N N 295 
THR N   H2   sing N N 296 
THR CA  C    sing N N 297 
THR CA  CB   sing N N 298 
THR CA  HA   sing N N 299 
THR C   O    doub N N 300 
THR C   OXT  sing N N 301 
THR CB  OG1  sing N N 302 
THR CB  CG2  sing N N 303 
THR CB  HB   sing N N 304 
THR OG1 HG1  sing N N 305 
THR CG2 HG21 sing N N 306 
THR CG2 HG22 sing N N 307 
THR CG2 HG23 sing N N 308 
THR OXT HXT  sing N N 309 
TRP N   CA   sing N N 310 
TRP N   H    sing N N 311 
TRP N   H2   sing N N 312 
TRP CA  C    sing N N 313 
TRP CA  CB   sing N N 314 
TRP CA  HA   sing N N 315 
TRP C   O    doub N N 316 
TRP C   OXT  sing N N 317 
TRP CB  CG   sing N N 318 
TRP CB  HB2  sing N N 319 
TRP CB  HB3  sing N N 320 
TRP CG  CD1  doub Y N 321 
TRP CG  CD2  sing Y N 322 
TRP CD1 NE1  sing Y N 323 
TRP CD1 HD1  sing N N 324 
TRP CD2 CE2  doub Y N 325 
TRP CD2 CE3  sing Y N 326 
TRP NE1 CE2  sing Y N 327 
TRP NE1 HE1  sing N N 328 
TRP CE2 CZ2  sing Y N 329 
TRP CE3 CZ3  doub Y N 330 
TRP CE3 HE3  sing N N 331 
TRP CZ2 CH2  doub Y N 332 
TRP CZ2 HZ2  sing N N 333 
TRP CZ3 CH2  sing Y N 334 
TRP CZ3 HZ3  sing N N 335 
TRP CH2 HH2  sing N N 336 
TRP OXT HXT  sing N N 337 
TYR N   CA   sing N N 338 
TYR N   H    sing N N 339 
TYR N   H2   sing N N 340 
TYR CA  C    sing N N 341 
TYR CA  CB   sing N N 342 
TYR CA  HA   sing N N 343 
TYR C   O    doub N N 344 
TYR C   OXT  sing N N 345 
TYR CB  CG   sing N N 346 
TYR CB  HB2  sing N N 347 
TYR CB  HB3  sing N N 348 
TYR CG  CD1  doub Y N 349 
TYR CG  CD2  sing Y N 350 
TYR CD1 CE1  sing Y N 351 
TYR CD1 HD1  sing N N 352 
TYR CD2 CE2  doub Y N 353 
TYR CD2 HD2  sing N N 354 
TYR CE1 CZ   doub Y N 355 
TYR CE1 HE1  sing N N 356 
TYR CE2 CZ   sing Y N 357 
TYR CE2 HE2  sing N N 358 
TYR CZ  OH   sing N N 359 
TYR OH  HH   sing N N 360 
TYR OXT HXT  sing N N 361 
VAL N   CA   sing N N 362 
VAL N   H    sing N N 363 
VAL N   H2   sing N N 364 
VAL CA  C    sing N N 365 
VAL CA  CB   sing N N 366 
VAL CA  HA   sing N N 367 
VAL C   O    doub N N 368 
VAL C   OXT  sing N N 369 
VAL CB  CG1  sing N N 370 
VAL CB  CG2  sing N N 371 
VAL CB  HB   sing N N 372 
VAL CG1 HG11 sing N N 373 
VAL CG1 HG12 sing N N 374 
VAL CG1 HG13 sing N N 375 
VAL CG2 HG21 sing N N 376 
VAL CG2 HG22 sing N N 377 
VAL CG2 HG23 sing N N 378 
VAL OXT HXT  sing N N 379 
# 
_pdbx_audit_support.funding_organization   'National Natural Science Foundation of China (NSFC)' 
_pdbx_audit_support.country                China 
_pdbx_audit_support.grant_number           ? 
_pdbx_audit_support.ordinal                1 
# 
_pdbx_initial_refinement_model.id               1 
_pdbx_initial_refinement_model.entity_id_list   ? 
_pdbx_initial_refinement_model.type             'experimental model' 
_pdbx_initial_refinement_model.source_name      PDB 
_pdbx_initial_refinement_model.accession_code   7AK8 
_pdbx_initial_refinement_model.details          ? 
# 
_space_group.name_H-M_alt     'P 65 2 2' 
_space_group.name_Hall        'P 65 2 (x,y,z+1/12)' 
_space_group.IT_number        179 
_space_group.crystal_system   hexagonal 
_space_group.id               1 
# 
_atom_sites.entry_id                    9ILS 
_atom_sites.Cartn_transf_matrix[1][1]   ? 
_atom_sites.Cartn_transf_matrix[1][2]   ? 
_atom_sites.Cartn_transf_matrix[1][3]   ? 
_atom_sites.Cartn_transf_matrix[2][1]   ? 
_atom_sites.Cartn_transf_matrix[2][2]   ? 
_atom_sites.Cartn_transf_matrix[2][3]   ? 
_atom_sites.Cartn_transf_matrix[3][1]   ? 
_atom_sites.Cartn_transf_matrix[3][2]   ? 
_atom_sites.Cartn_transf_matrix[3][3]   ? 
_atom_sites.Cartn_transf_vector[1]      ? 
_atom_sites.Cartn_transf_vector[2]      ? 
_atom_sites.Cartn_transf_vector[3]      ? 
_atom_sites.Cartn_transform_axes        ? 
_atom_sites.fract_transf_matrix[1][1]   -0.01156937 
_atom_sites.fract_transf_matrix[1][2]   0.00380011 
_atom_sites.fract_transf_matrix[1][3]   0.00822670 
_atom_sites.fract_transf_matrix[2][1]   -0.01054917 
_atom_sites.fract_transf_matrix[2][2]   0.00853048 
_atom_sites.fract_transf_matrix[2][3]   -0.00564963 
_atom_sites.fract_transf_matrix[3][1]   -0.00371368 
_atom_sites.fract_transf_matrix[3][2]   -0.00616526 
_atom_sites.fract_transf_matrix[3][3]   -0.00237474 
_atom_sites.fract_transf_vector[1]      -0.037014 
_atom_sites.fract_transf_vector[2]      0.486761 
_atom_sites.fract_transf_vector[3]      0.064515 
_atom_sites.solution_primary            ? 
_atom_sites.solution_secondary          ? 
_atom_sites.solution_hydrogens          ? 
_atom_sites.special_details             ? 
# 
loop_
_atom_type.symbol 
_atom_type.scat_dispersion_real 
_atom_type.scat_dispersion_imag 
_atom_type.scat_Cromer_Mann_a1 
_atom_type.scat_Cromer_Mann_a2 
_atom_type.scat_Cromer_Mann_a3 
_atom_type.scat_Cromer_Mann_a4 
_atom_type.scat_Cromer_Mann_b1 
_atom_type.scat_Cromer_Mann_b2 
_atom_type.scat_Cromer_Mann_b3 
_atom_type.scat_Cromer_Mann_b4 
_atom_type.scat_Cromer_Mann_c 
_atom_type.scat_source 
_atom_type.scat_dispersion_source 
C ? ? 3.54356 2.42580 ? ? 25.62398 1.50364  ? ? 0.0 
;2-Gaussian fit: Grosse-Kunstleve RW, Sauter NK, Adams PD: Newsletter of the IUCr Commission on Crystallographic Computing 2004, 3, 22-31.
;
? 
N ? ? 4.01032 2.96436 ? ? 19.97189 1.75589  ? ? 0.0 
;2-Gaussian fit: Grosse-Kunstleve RW, Sauter NK, Adams PD: Newsletter of the IUCr Commission on Crystallographic Computing 2004, 3, 22-31.
;
? 
O ? ? 7.96527 ?       ? ? 9.05267  ?        ? ? 0.0 
;1-Gaussian fit: Grosse-Kunstleve RW, Sauter NK, Adams PD: Newsletter of the IUCr Commission on Crystallographic Computing 2004, 3, 22-31.
;
? 
P ? ? 9.51135 5.44231 ? ? 1.42069  35.72801 ? ? 0.0 
;2-Gaussian fit: Grosse-Kunstleve RW, Sauter NK, Adams PD: Newsletter of the IUCr Commission on Crystallographic Computing 2004, 3, 22-31.
;
? 
S ? ? 9.55732 6.39887 ? ? 1.23737  29.19336 ? ? 0.0 
;2-Gaussian fit: Grosse-Kunstleve RW, Sauter NK, Adams PD: Newsletter of the IUCr Commission on Crystallographic Computing 2004, 3, 22-31.
;
? 
# 
loop_
_atom_site.group_PDB 
_atom_site.id 
_atom_site.type_symbol 
_atom_site.label_atom_id 
_atom_site.label_alt_id 
_atom_site.label_comp_id 
_atom_site.label_asym_id 
_atom_site.label_entity_id 
_atom_site.label_seq_id 
_atom_site.pdbx_PDB_ins_code 
_atom_site.Cartn_x 
_atom_site.Cartn_y 
_atom_site.Cartn_z 
_atom_site.occupancy 
_atom_site.B_iso_or_equiv 
_atom_site.pdbx_formal_charge 
_atom_site.auth_seq_id 
_atom_site.auth_comp_id 
_atom_site.auth_asym_id 
_atom_site.auth_atom_id 
_atom_site.pdbx_PDB_model_num 
ATOM   1    N N   . GLU A 1 2   ? 13.71788  5.18897   22.49242  1.000 115.71690 ? 2   GLU A N   1 
ATOM   2    C CA  . GLU A 1 2   ? 13.15616  4.40639   21.39325  1.000 110.02070 ? 2   GLU A CA  1 
ATOM   3    C C   . GLU A 1 2   ? 11.62282  4.27788   21.49614  1.000 125.01900 ? 2   GLU A C   1 
ATOM   4    O O   . GLU A 1 2   ? 11.02541  4.51901   22.55682  1.000 119.03891 ? 2   GLU A O   1 
ATOM   5    C CB  . GLU A 1 2   ? 13.81081  3.01884   21.35559  1.000 101.26612 ? 2   GLU A CB  1 
ATOM   6    C CG  . GLU A 1 2   ? 12.94012  1.88451   21.89307  1.000 113.50737 ? 2   GLU A CG  1 
ATOM   7    C CD  . GLU A 1 2   ? 12.75608  1.92802   23.41332  1.000 122.27656 ? 2   GLU A CD  1 
ATOM   8    O OE1 . GLU A 1 2   ? 13.60121  2.52387   24.11731  1.000 128.56849 ? 2   GLU A OE1 1 
ATOM   9    O OE2 . GLU A 1 2   ? 11.76048  1.35527   23.90589  1.000 111.53136 ? 2   GLU A OE2 1 
ATOM   10   N N   . ILE A 1 3   ? 10.99176  3.91601   20.38005  1.000 112.21595 ? 3   ILE A N   1 
ATOM   11   C CA  . ILE A 1 3   ? 9.57453   3.58046   20.33127  1.000 93.76633  ? 3   ILE A CA  1 
ATOM   12   C C   . ILE A 1 3   ? 9.45756   2.11362   19.92834  1.000 93.33139  ? 3   ILE A C   1 
ATOM   13   O O   . ILE A 1 3   ? 10.15707  1.66080   19.01561  1.000 96.07640  ? 3   ILE A O   1 
ATOM   14   C CB  . ILE A 1 3   ? 8.81344   4.49279   19.35119  1.000 101.53970 ? 3   ILE A CB  1 
ATOM   15   C CG1 . ILE A 1 3   ? 8.86579   5.94649   19.82455  1.000 95.38363  ? 3   ILE A CG1 1 
ATOM   16   C CG2 . ILE A 1 3   ? 7.35760   4.04627   19.22442  1.000 98.42473  ? 3   ILE A CG2 1 
ATOM   17   C CD1 . ILE A 1 3   ? 9.52138   6.89005   18.84742  1.000 94.80817  ? 3   ILE A CD1 1 
ATOM   18   N N   . ASN A 1 4   ? 8.59806   1.37168   20.62437  1.000 92.66768  ? 4   ASN A N   1 
ATOM   19   C CA  . ASN A 1 4   ? 8.33958   -0.03881  20.35174  1.000 92.35158  ? 4   ASN A CA  1 
ATOM   20   C C   . ASN A 1 4   ? 6.88875   -0.21397  19.92770  1.000 93.40669  ? 4   ASN A C   1 
ATOM   21   O O   . ASN A 1 4   ? 5.98413   0.24226   20.63268  1.000 98.37639  ? 4   ASN A O   1 
ATOM   22   C CB  . ASN A 1 4   ? 8.59882   -0.89887  21.58774  1.000 116.21667 ? 4   ASN A CB  1 
ATOM   23   C CG  . ASN A 1 4   ? 10.03539  -1.34037  21.70413  1.000 117.24189 ? 4   ASN A CG  1 
ATOM   24   O OD1 . ASN A 1 4   ? 10.37704  -2.11351  22.60084  1.000 107.34673 ? 4   ASN A OD1 1 
ATOM   25   N ND2 . ASN A 1 4   ? 10.89255  -0.84695  20.80398  1.000 103.49802 ? 4   ASN A ND2 1 
ATOM   26   N N   . VAL A 1 5   ? 6.65910   -0.90703  18.80681  1.000 93.36548  ? 5   VAL A N   1 
ATOM   27   C CA  . VAL A 1 5   ? 5.32782   -0.96545  18.20927  1.000 99.72822  ? 5   VAL A CA  1 
ATOM   28   C C   . VAL A 1 5   ? 4.87574   -2.41413  18.03221  1.000 90.73978  ? 5   VAL A C   1 
ATOM   29   O O   . VAL A 1 5   ? 5.67506   -3.35061  17.96591  1.000 85.37770  ? 5   VAL A O   1 
ATOM   30   C CB  . VAL A 1 5   ? 5.25287   -0.21063  16.86350  1.000 89.28093  ? 5   VAL A CB  1 
ATOM   31   C CG1 . VAL A 1 5   ? 5.22760   1.29861   17.10159  1.000 89.34994  ? 5   VAL A CG1 1 
ATOM   32   C CG2 . VAL A 1 5   ? 6.38715   -0.61411  15.94478  1.000 90.52989  ? 5   VAL A CG2 1 
ATOM   33   N N   . THR A 1 6   ? 3.55903   -2.58036  17.95688  1.000 104.40369 ? 6   THR A N   1 
ATOM   34   C CA  . THR A 1 6   ? 2.91671   -3.87482  17.78700  1.000 99.98860  ? 6   THR A CA  1 
ATOM   35   C C   . THR A 1 6   ? 2.65539   -4.15978  16.31062  1.000 105.66473 ? 6   THR A C   1 
ATOM   36   O O   . THR A 1 6   ? 2.73230   -3.27618  15.45154  1.000 106.10031 ? 6   THR A O   1 
ATOM   37   C CB  . THR A 1 6   ? 1.59486   -3.93975  18.55889  1.000 102.65031 ? 6   THR A CB  1 
ATOM   38   O OG1 . THR A 1 6   ? 0.53772   -3.40916  17.74692  1.000 113.31031 ? 6   THR A OG1 1 
ATOM   39   C CG2 . THR A 1 6   ? 1.69172   -3.12622  19.83284  1.000 112.24031 ? 6   THR A CG2 1 
ATOM   40   N N   . ALA A 1 7   ? 2.30651   -5.41452  16.03554  1.000 104.99192 ? 7   ALA A N   1 
ATOM   41   C CA  . ALA A 1 7   ? 2.15883   -5.87633  14.66543  1.000 84.70695  ? 7   ALA A CA  1 
ATOM   42   C C   . ALA A 1 7   ? 0.92959   -5.25112  14.00346  1.000 79.11945  ? 7   ALA A C   1 
ATOM   43   O O   . ALA A 1 7   ? -0.12403  -5.11670  14.63658  1.000 72.90559  ? 7   ALA A O   1 
ATOM   44   C CB  . ALA A 1 7   ? 2.05255   -7.40058  14.63216  1.000 83.39890  ? 7   ALA A CB  1 
ATOM   45   N N   . PRO A 1 8   ? 1.04101   -4.89675  12.71529  1.000 90.61811  ? 8   PRO A N   1 
ATOM   46   C CA  . PRO A 1 8   ? -0.07802  -4.25244  12.00231  1.000 73.81088  ? 8   PRO A CA  1 
ATOM   47   C C   . PRO A 1 8   ? -1.34298  -5.10025  12.02779  1.000 83.13589  ? 8   PRO A C   1 
ATOM   48   O O   . PRO A 1 8   ? -1.31934  -6.30002  11.73630  1.000 71.97674  ? 8   PRO A O   1 
ATOM   49   C CB  . PRO A 1 8   ? 0.46188   -4.09449  10.57176  1.000 69.28608  ? 8   PRO A CB  1 
ATOM   50   C CG  . PRO A 1 8   ? 1.94510   -4.15062  10.69482  1.000 72.47196  ? 8   PRO A CG  1 
ATOM   51   C CD  . PRO A 1 8   ? 2.20519   -5.11083  11.83021  1.000 84.54393  ? 8   PRO A CD  1 
ATOM   52   N N   . ALA A 1 9   ? -2.46159  -4.45381  12.36132  1.000 79.91983  ? 9   ALA A N   1 
ATOM   53   C CA  . ALA A 1 9   ? -3.71382  -5.14677  12.60235  1.000 62.77293  ? 9   ALA A CA  1 
ATOM   54   C C   . ALA A 1 9   ? -4.86853  -4.25591  12.18018  1.000 66.40799  ? 9   ALA A C   1 
ATOM   55   O O   . ALA A 1 9   ? -4.78788  -3.02799  12.24606  1.000 61.41710  ? 9   ALA A O   1 
ATOM   56   C CB  . ALA A 1 9   ? -3.85459  -5.55251  14.07232  1.000 60.97359  ? 9   ALA A CB  1 
ATOM   57   N N   . LEU A 1 10  ? -5.94072  -4.90958  11.72869  1.000 75.76692  ? 10  LEU A N   1 
ATOM   58   C CA  . LEU A 1 10  ? -7.10463  -4.21990  11.19554  1.000 68.09069  ? 10  LEU A CA  1 
ATOM   59   C C   . LEU A 1 10  ? -7.64169  -3.21960  12.20948  1.000 89.58236  ? 10  LEU A C   1 
ATOM   60   O O   . LEU A 1 10  ? -7.60887  -3.44756  13.42084  1.000 86.67006  ? 10  LEU A O   1 
ATOM   61   C CB  . LEU A 1 10  ? -8.19915  -5.23009  10.81507  1.000 63.03101  ? 10  LEU A CB  1 
ATOM   62   C CG  . LEU A 1 10  ? -8.51145  -5.39467  9.31238   1.000 83.87510  ? 10  LEU A CG  1 
ATOM   63   C CD1 . LEU A 1 10  ? -9.60176  -6.41737  8.99787   1.000 62.47773  ? 10  LEU A CD1 1 
ATOM   64   C CD2 . LEU A 1 10  ? -8.83178  -4.07104  8.63812   1.000 92.71292  ? 10  LEU A CD2 1 
ATOM   65   N N   . LEU A 1 11  ? -8.12836  -2.09335  11.70183  1.000 87.50096  ? 11  LEU A N   1 
ATOM   66   C CA  . LEU A 1 11  ? -8.64858  -1.06076  12.57700  1.000 76.24811  ? 11  LEU A CA  1 
ATOM   67   C C   . LEU A 1 11  ? -9.90868  -1.56097  13.26976  1.000 94.16246  ? 11  LEU A C   1 
ATOM   68   O O   . LEU A 1 11  ? -10.78546 -2.15001  12.62671  1.000 96.48541  ? 11  LEU A O   1 
ATOM   69   C CB  . LEU A 1 11  ? -8.92222  0.20488   11.77115  1.000 69.61340  ? 11  LEU A CB  1 
ATOM   70   C CG  . LEU A 1 11  ? -9.53918  1.35532   12.54646  1.000 70.99561  ? 11  LEU A CG  1 
ATOM   71   C CD1 . LEU A 1 11  ? -8.65154  1.72967   13.74127  1.000 71.45215  ? 11  LEU A CD1 1 
ATOM   72   C CD2 . LEU A 1 11  ? -9.72122  2.52259   11.61015  1.000 71.62668  ? 11  LEU A CD2 1 
ATOM   73   N N   . THR A 1 12  ? -9.98246  -1.35415  14.58987  1.000 96.93547  ? 12  THR A N   1 
ATOM   74   C CA  . THR A 1 12  ? -11.17525 -1.65401  15.36746  1.000 97.65393  ? 12  THR A CA  1 
ATOM   75   C C   . THR A 1 12  ? -11.88717 -0.34204  15.69388  1.000 96.65728  ? 12  THR A C   1 
ATOM   76   O O   . THR A 1 12  ? -11.61642 0.70493   15.09224  1.000 97.08440  ? 12  THR A O   1 
ATOM   77   C CB  . THR A 1 12  ? -10.82401 -2.40857  16.65904  1.000 95.64739  ? 12  THR A CB  1 
ATOM   78   O OG1 . THR A 1 12  ? -9.71449  -3.27991  16.43099  1.000 97.50676  ? 12  THR A OG1 1 
ATOM   79   C CG2 . THR A 1 12  ? -12.01922 -3.26546  17.11245  1.000 95.32585  ? 12  THR A CG2 1 
ATOM   80   N N   . ASP A 1 13  ? -12.78446 -0.38002  16.66908  1.000 115.47539 ? 13  ASP A N   1 
ATOM   81   C CA  . ASP A 1 13  ? -13.42648 0.83027   17.13848  1.000 113.07646 ? 13  ASP A CA  1 
ATOM   82   C C   . ASP A 1 13  ? -12.90152 1.27962   18.49846  1.000 101.21081 ? 13  ASP A C   1 
ATOM   83   O O   . ASP A 1 13  ? -13.04472 2.45780   18.83580  1.000 112.18795 ? 13  ASP A O   1 
ATOM   84   C CB  . ASP A 1 13  ? -14.95240 0.62719   17.16355  1.000 102.30355 ? 13  ASP A CB  1 
ATOM   85   C CG  . ASP A 1 13  ? -15.49805 0.08421   15.81806  1.000 112.52316 ? 13  ASP A CG  1 
ATOM   86   O OD1 . ASP A 1 13  ? -15.04898 -0.99282  15.35497  1.000 108.87159 ? 13  ASP A OD1 1 
ATOM   87   O OD2 . ASP A 1 13  ? -16.35805 0.75429   15.20467  1.000 104.06139 ? 13  ASP A OD2 1 
ATOM   88   N N   . GLU A 1 14  ? -12.24361 0.39115   19.25483  1.000 92.51089  ? 14  GLU A N   1 
ATOM   89   C CA  . GLU A 1 14  ? -11.56673 0.76160   20.49447  1.000 107.28672 ? 14  GLU A CA  1 
ATOM   90   C C   . GLU A 1 14  ? -10.13503 1.24410   20.26983  1.000 104.93503 ? 14  GLU A C   1 
ATOM   91   O O   . GLU A 1 14  ? -9.43017  1.52875   21.24549  1.000 107.80473 ? 14  GLU A O   1 
ATOM   92   C CB  . GLU A 1 14  ? -11.55997 -0.42120  21.47143  1.000 110.34456 ? 14  GLU A CB  1 
ATOM   93   C CG  . GLU A 1 14  ? -10.87356 -1.67162  20.93228  1.000 114.98820 ? 14  GLU A CG  1 
ATOM   94   C CD  . GLU A 1 14  ? -11.84419 -2.70346  20.37942  1.000 118.53005 ? 14  GLU A CD  1 
ATOM   95   O OE1 . GLU A 1 14  ? -12.90418 -2.29696  19.85589  1.000 117.10095 ? 14  GLU A OE1 1 
ATOM   96   O OE2 . GLU A 1 14  ? -11.53094 -3.91629  20.43613  1.000 128.39481 ? 14  GLU A OE2 1 
ATOM   97   N N   . HIS A 1 15  ? -9.68565  1.35082   19.02370  1.000 101.03058 ? 15  HIS A N   1 
ATOM   98   C CA  . HIS A 1 15  ? -8.33725  1.82951   18.76541  1.000 86.69492  ? 15  HIS A CA  1 
ATOM   99   C C   . HIS A 1 15  ? -8.25628  3.32771   19.00384  1.000 83.04006  ? 15  HIS A C   1 
ATOM   100  O O   . HIS A 1 15  ? -9.20569  4.07130   18.74219  1.000 90.62593  ? 15  HIS A O   1 
ATOM   101  C CB  . HIS A 1 15  ? -7.91653  1.48609   17.33789  1.000 93.80178  ? 15  HIS A CB  1 
ATOM   102  C CG  . HIS A 1 15  ? -7.14972  0.20938   17.24312  1.000 80.46570  ? 15  HIS A CG  1 
ATOM   103  N ND1 . HIS A 1 15  ? -7.58997  -0.86902  16.50999  1.000 87.73747  ? 15  HIS A ND1 1 
ATOM   104  C CD2 . HIS A 1 15  ? -5.98757  -0.17595  17.82106  1.000 78.18447  ? 15  HIS A CD2 1 
ATOM   105  C CE1 . HIS A 1 15  ? -6.72380  -1.86061  16.62675  1.000 92.49028  ? 15  HIS A CE1 1 
ATOM   106  N NE2 . HIS A 1 15  ? -5.74187  -1.46600  17.41817  1.000 79.59477  ? 15  HIS A NE2 1 
ATOM   107  N N   . ILE A 1 16  ? -7.11139  3.76711   19.52010  1.000 88.68648  ? 16  ILE A N   1 
ATOM   108  C CA  . ILE A 1 16  ? -6.90760  5.16710   19.87881  1.000 85.22549  ? 16  ILE A CA  1 
ATOM   109  C C   . ILE A 1 16  ? -6.41001  5.89509   18.62518  1.000 80.47276  ? 16  ILE A C   1 
ATOM   110  O O   . ILE A 1 16  ? -5.26337  5.71237   18.20506  1.000 76.03203  ? 16  ILE A O   1 
ATOM   111  C CB  . ILE A 1 16  ? -5.92883  5.29899   21.05524  1.000 74.48966  ? 16  ILE A CB  1 
ATOM   112  C CG1 . ILE A 1 16  ? -6.47460  4.59956   22.29871  1.000 71.41077  ? 16  ILE A CG1 1 
ATOM   113  C CG2 . ILE A 1 16  ? -5.72259  6.73942   21.44527  1.000 87.28150  ? 16  ILE A CG2 1 
ATOM   114  C CD1 . ILE A 1 16  ? -5.56522  4.74353   23.50132  1.000 73.30366  ? 16  ILE A CD1 1 
ATOM   115  N N   . LEU A 1 17  ? -7.28230  6.71591   18.01946  1.000 82.09836  ? 17  LEU A N   1 
ATOM   116  C CA  . LEU A 1 17  ? -7.01916  7.38373   16.74644  1.000 88.17676  ? 17  LEU A CA  1 
ATOM   117  C C   . LEU A 1 17  ? -6.76611  8.88443   16.87425  1.000 92.28059  ? 17  LEU A C   1 
ATOM   118  O O   . LEU A 1 17  ? -6.41973  9.54250   15.87542  1.000 94.96303  ? 17  LEU A O   1 
ATOM   119  C CB  . LEU A 1 17  ? -8.19260  7.15189   15.78253  1.000 82.83191  ? 17  LEU A CB  1 
ATOM   120  C CG  . LEU A 1 17  ? -9.49284  7.95417   15.83691  1.000 86.10526  ? 17  LEU A CG  1 
ATOM   121  C CD1 . LEU A 1 17  ? -9.38823  9.30101   15.08359  1.000 84.94097  ? 17  LEU A CD1 1 
ATOM   122  C CD2 . LEU A 1 17  ? -10.65482 7.10342   15.31037  1.000 88.78746  ? 17  LEU A CD2 1 
ATOM   123  N N   . GLN A 1 18  ? -6.95000  9.45009   18.04917  1.000 88.59036  ? 18  GLN A N   1 
ATOM   124  C CA  . GLN A 1 18  ? -6.85319  10.89583  18.17771  1.000 81.84460  ? 18  GLN A CA  1 
ATOM   125  C C   . GLN A 1 18  ? -5.39430  11.35902  18.21421  1.000 92.37846  ? 18  GLN A C   1 
ATOM   126  O O   . GLN A 1 18  ? -5.01884  12.20600  17.38939  1.000 89.56024  ? 18  GLN A O   1 
ATOM   127  C CB  . GLN A 1 18  ? -7.62767  11.37369  19.41149  1.000 84.98544  ? 18  GLN A CB  1 
ATOM   128  N N   . PRO A 1 19  ? -4.53223  10.82669  19.10005  1.000 97.75070  ? 19  PRO A N   1 
ATOM   129  C CA  . PRO A 1 19  ? -3.14641  11.33676  19.17309  1.000 102.06930 ? 19  PRO A CA  1 
ATOM   130  C C   . PRO A 1 19  ? -2.32305  11.16037  17.88901  1.000 101.26362 ? 19  PRO A C   1 
ATOM   131  O O   . PRO A 1 19  ? -1.18733  11.65106  17.85156  1.000 99.86859  ? 19  PRO A O   1 
ATOM   132  C CB  . PRO A 1 19  ? -2.53458  10.52910  20.33024  1.000 87.08136  ? 19  PRO A CB  1 
ATOM   133  C CG  . PRO A 1 19  ? -3.69138  10.07579  21.14914  1.000 89.07978  ? 19  PRO A CG  1 
ATOM   134  C CD  . PRO A 1 19  ? -4.76321  9.79200   20.12981  1.000 82.74086  ? 19  PRO A CD  1 
ATOM   135  N N   . PHE A 1 20  ? -2.85275  10.50970  16.84736  1.000 100.78156 ? 20  PHE A N   1 
ATOM   136  C CA  . PHE A 1 20  ? -2.08351  10.27198  15.63072  1.000 87.55336  ? 20  PHE A CA  1 
ATOM   137  C C   . PHE A 1 20  ? -1.88813  11.56507  14.83617  1.000 102.90499 ? 20  PHE A C   1 
ATOM   138  O O   . PHE A 1 20  ? -2.86286  12.23203  14.47346  1.000 94.98982  ? 20  PHE A O   1 
ATOM   139  C CB  . PHE A 1 20  ? -2.77505  9.20561   14.77937  1.000 85.35733  ? 20  PHE A CB  1 
ATOM   140  C CG  . PHE A 1 20  ? -1.97847  8.78540   13.58648  1.000 78.06062  ? 20  PHE A CG  1 
ATOM   141  C CD1 . PHE A 1 20  ? -2.21969  9.33700   12.34420  1.000 85.74561  ? 20  PHE A CD1 1 
ATOM   142  C CD2 . PHE A 1 20  ? -0.96184  7.86471   13.71095  1.000 77.21080  ? 20  PHE A CD2 1 
ATOM   143  C CE1 . PHE A 1 20  ? -1.46404  8.96017   11.24624  1.000 94.80302  ? 20  PHE A CE1 1 
ATOM   144  C CE2 . PHE A 1 20  ? -0.21138  7.48844   12.61763  1.000 79.16460  ? 20  PHE A CE2 1 
ATOM   145  C CZ  . PHE A 1 20  ? -0.45865  8.03170   11.38713  1.000 75.56876  ? 20  PHE A CZ  1 
ATOM   146  N N   . ASP A 1 21  ? -0.61812  11.91319  14.57202  1.000 86.40152  ? 21  ASP A N   1 
ATOM   147  C CA  . ASP A 1 21  ? -0.22999  13.12877  13.84785  1.000 89.05403  ? 21  ASP A CA  1 
ATOM   148  C C   . ASP A 1 21  ? 0.89952   12.76475  12.88623  1.000 100.58546 ? 21  ASP A C   1 
ATOM   149  O O   . ASP A 1 21  ? 2.02727   12.53051  13.32837  1.000 101.51496 ? 21  ASP A O   1 
ATOM   150  C CB  . ASP A 1 21  ? 0.20498   14.23191  14.82758  1.000 101.21768 ? 21  ASP A CB  1 
ATOM   151  C CG  . ASP A 1 21  ? -0.21041  15.64517  14.38626  1.000 111.67191 ? 21  ASP A CG  1 
ATOM   152  O OD1 . ASP A 1 21  ? -0.31523  16.53373  15.27158  1.000 106.64443 ? 21  ASP A OD1 1 
ATOM   153  O OD2 . ASP A 1 21  ? -0.42926  15.87476  13.17637  1.000 127.74010 ? 21  ASP A OD2 1 
ATOM   154  N N   . CYS A 1 22  ? 0.61391   12.73297  11.57829  1.000 107.82872 ? 22  CYS A N   1 
ATOM   155  C CA  . CYS A 1 22  ? 1.59632   12.27581  10.59711  1.000 103.91900 ? 22  CYS A CA  1 
ATOM   156  C C   . CYS A 1 22  ? 2.26292   13.40872  9.81245   1.000 103.97843 ? 22  CYS A C   1 
ATOM   157  O O   . CYS A 1 22  ? 3.40213   13.24199  9.35716   1.000 102.93031 ? 22  CYS A O   1 
ATOM   158  C CB  . CYS A 1 22  ? 0.94553   11.27217  9.62744   1.000 95.08334  ? 22  CYS A CB  1 
ATOM   159  S SG  . CYS A 1 22  ? 0.15706   11.92752  8.11292   1.000 148.47158 ? 22  CYS A SG  1 
ATOM   160  N N   . GLY A 1 23  ? 1.60562   14.56729  9.66777   1.000 107.95186 ? 23  GLY A N   1 
ATOM   161  C CA  . GLY A 1 23  ? 2.14133   15.71005  8.94295   1.000 97.94940  ? 23  GLY A CA  1 
ATOM   162  C C   . GLY A 1 23  ? 1.24015   16.15553  7.78969   1.000 109.06763 ? 23  GLY A C   1 
ATOM   163  O O   . GLY A 1 23  ? 1.24869   17.33478  7.42399   1.000 96.19988  ? 23  GLY A O   1 
ATOM   164  N N   . ASN A 1 24  ? 0.47906   15.21558  7.23975   1.000 115.52252 ? 24  ASN A N   1 
ATOM   165  C CA  . ASN A 1 24  ? -0.54315  15.48923  6.23144   1.000 111.69116 ? 24  ASN A CA  1 
ATOM   166  C C   . ASN A 1 24  ? -1.90203  15.30745  6.90154   1.000 98.20653  ? 24  ASN A C   1 
ATOM   167  O O   . ASN A 1 24  ? -2.29292  14.18881  7.25000   1.000 91.28031  ? 24  ASN A O   1 
ATOM   168  C CB  . ASN A 1 24  ? -0.35816  14.56695  5.03548   1.000 98.85980  ? 24  ASN A CB  1 
ATOM   169  C CG  . ASN A 1 24  ? -1.28555  14.89800  3.90244   1.000 103.15554 ? 24  ASN A CG  1 
ATOM   170  O OD1 . ASN A 1 24  ? -1.78935  16.02323  3.79829   1.000 113.87201 ? 24  ASN A OD1 1 
ATOM   171  N ND2 . ASN A 1 24  ? -1.51702  13.92694  3.03873   1.000 99.59100  ? 24  ASN A ND2 1 
ATOM   172  N N   . GLU A 1 25  ? -2.60868  16.42283  7.09907   1.000 94.67273  ? 25  GLU A N   1 
ATOM   173  C CA  . GLU A 1 25  ? -3.93317  16.37128  7.71060   1.000 90.31563  ? 25  GLU A CA  1 
ATOM   174  C C   . GLU A 1 25  ? -4.88688  15.50091  6.90420   1.000 91.94110  ? 25  GLU A C   1 
ATOM   175  O O   . GLU A 1 25  ? -5.83971  14.94331  7.46054   1.000 96.85530  ? 25  GLU A O   1 
ATOM   176  C CB  . GLU A 1 25  ? -4.50233  17.79435  7.86033   1.000 87.14124  ? 25  GLU A CB  1 
ATOM   177  C CG  . GLU A 1 25  ? -5.31585  18.08704  9.14879   1.000 88.08224  ? 25  GLU A CG  1 
ATOM   178  C CD  . GLU A 1 25  ? -4.48553  18.48049  10.37470  1.000 98.97267  ? 25  GLU A CD  1 
ATOM   179  O OE1 . GLU A 1 25  ? -4.00737  19.63794  10.42963  1.000 102.39031 ? 25  GLU A OE1 1 
ATOM   180  O OE2 . GLU A 1 25  ? -4.34542  17.65648  11.30391  1.000 114.79639 ? 25  GLU A OE2 1 
ATOM   181  N N   . VAL A 1 26  ? -4.64552  15.36207  5.59380   1.000 97.80453  ? 26  VAL A N   1 
ATOM   182  C CA  . VAL A 1 26  ? -5.52394  14.53058  4.76775   1.000 104.27600 ? 26  VAL A CA  1 
ATOM   183  C C   . VAL A 1 26  ? -5.47467  13.08410  5.25479   1.000 103.44285 ? 26  VAL A C   1 
ATOM   184  O O   . VAL A 1 26  ? -6.51300  12.44354  5.47696   1.000 103.70391 ? 26  VAL A O   1 
ATOM   185  C CB  . VAL A 1 26  ? -5.14946  14.64330  3.27662   1.000 86.99670  ? 26  VAL A CB  1 
ATOM   186  C CG1 . VAL A 1 26  ? -6.14560  13.87920  2.38717   1.000 82.24751  ? 26  VAL A CG1 1 
ATOM   187  C CG2 . VAL A 1 26  ? -5.05176  16.10945  2.84889   1.000 77.78999  ? 26  VAL A CG2 1 
ATOM   188  N N   . LEU A 1 27  ? -4.25593  12.58309  5.50850   1.000 107.94469 ? 27  LEU A N   1 
ATOM   189  C CA  . LEU A 1 27  ? -4.06010  11.18114  5.88263   1.000 111.25858 ? 27  LEU A CA  1 
ATOM   190  C C   . LEU A 1 27  ? -4.38585  10.90853  7.35149   1.000 106.73917 ? 27  LEU A C   1 
ATOM   191  O O   . LEU A 1 27  ? -4.71891  9.76943   7.70119   1.000 100.64413 ? 27  LEU A O   1 
ATOM   192  C CB  . LEU A 1 27  ? -2.62188  10.75229  5.56965   1.000 101.57224 ? 27  LEU A CB  1 
ATOM   193  N N   . SER A 1 28  ? -4.28594  11.91978  8.22263   1.000 104.33109 ? 28  SER A N   1 
ATOM   194  C CA  . SER A 1 28  ? -4.80104  11.77740  9.58357   1.000 95.19056  ? 28  SER A CA  1 
ATOM   195  C C   . SER A 1 28  ? -6.32531  11.89327  9.62441   1.000 88.72580  ? 28  SER A C   1 
ATOM   196  O O   . SER A 1 28  ? -6.97420  11.27762  10.48125  1.000 90.01466  ? 28  SER A O   1 
ATOM   197  C CB  . SER A 1 28  ? -4.13812  12.81296  10.50339  1.000 100.83058 ? 28  SER A CB  1 
ATOM   198  O OG  . SER A 1 28  ? -4.76070  14.08492  10.42609  1.000 90.25750  ? 28  SER A OG  1 
ATOM   199  N N   . ASN A 1 29  ? -6.91632  12.65985  8.70118   1.000 99.84998  ? 29  ASN A N   1 
ATOM   200  C CA  . ASN A 1 29  ? -8.37362  12.76653  8.65493   1.000 101.75763 ? 29  ASN A CA  1 
ATOM   201  C C   . ASN A 1 29  ? -9.00951  11.47823  8.14062   1.000 104.76471 ? 29  ASN A C   1 
ATOM   202  O O   . ASN A 1 29  ? -10.02954 11.03121  8.68420   1.000 107.43288 ? 29  ASN A O   1 
ATOM   203  C CB  . ASN A 1 29  ? -8.81472  13.95800  7.79655   1.000 82.46745  ? 29  ASN A CB  1 
ATOM   204  C CG  . ASN A 1 29  ? -8.73846  15.28855  8.53785   1.000 78.75397  ? 29  ASN A CG  1 
ATOM   205  O OD1 . ASN A 1 29  ? -8.51696  15.33656  9.74584   1.000 77.89972  ? 29  ASN A OD1 1 
ATOM   206  N ND2 . ASN A 1 29  ? -8.96601  16.37552  7.81117   1.000 74.13977  ? 29  ASN A ND2 1 
ATOM   207  N N   . TRP A 1 30  ? -8.42626  10.86745  7.09770   1.000 94.04609  ? 30  TRP A N   1 
ATOM   208  C CA  . TRP A 1 30  ? -8.95283  9.59976   6.59570   1.000 86.12549  ? 30  TRP A CA  1 
ATOM   209  C C   . TRP A 1 30  ? -9.05695  8.57407   7.72034   1.000 79.91245  ? 30  TRP A C   1 
ATOM   210  O O   . TRP A 1 30  ? -10.08935 7.91382   7.87034   1.000 81.10578  ? 30  TRP A O   1 
ATOM   211  C CB  . TRP A 1 30  ? -8.07946  9.07737   5.44752   1.000 79.62115  ? 30  TRP A CB  1 
ATOM   212  C CG  . TRP A 1 30  ? -8.73619  7.98048   4.64544   1.000 79.64973  ? 30  TRP A CG  1 
ATOM   213  C CD1 . TRP A 1 30  ? -9.55954  8.14171   3.56646   1.000 80.60933  ? 30  TRP A CD1 1 
ATOM   214  C CD2 . TRP A 1 30  ? -8.60352  6.56279   4.83964   1.000 83.01675  ? 30  TRP A CD2 1 
ATOM   215  N NE1 . TRP A 1 30  ? -9.96714  6.91430   3.09063   1.000 80.67597  ? 30  TRP A NE1 1 
ATOM   216  C CE2 . TRP A 1 30  ? -9.39060  5.92837   3.85005   1.000 83.18887  ? 30  TRP A CE2 1 
ATOM   217  C CE3 . TRP A 1 30  ? -7.91131  5.76936   5.76209   1.000 75.17566  ? 30  TRP A CE3 1 
ATOM   218  C CZ2 . TRP A 1 30  ? -9.49975  4.53095   3.75627   1.000 77.00684  ? 30  TRP A CZ2 1 
ATOM   219  C CZ3 . TRP A 1 30  ? -8.01867  4.38434   5.66731   1.000 71.93216  ? 30  TRP A CZ3 1 
ATOM   220  C CH2 . TRP A 1 30  ? -8.80864  3.78110   4.67175   1.000 71.76935  ? 30  TRP A CH2 1 
ATOM   221  N N   . LEU A 1 31  ? -8.01447  8.47373   8.55500   1.000 80.20454  ? 31  LEU A N   1 
ATOM   222  C CA  . LEU A 1 31  ? -8.01979  7.54177   9.68125   1.000 77.61186  ? 31  LEU A CA  1 
ATOM   223  C C   . LEU A 1 31  ? -9.12378  7.87533   10.67886  1.000 95.90113  ? 31  LEU A C   1 
ATOM   224  O O   . LEU A 1 31  ? -9.76009  6.97325   11.23734  1.000 86.32267  ? 31  LEU A O   1 
ATOM   225  C CB  . LEU A 1 31  ? -6.65536  7.54989   10.37483  1.000 72.46542  ? 31  LEU A CB  1 
ATOM   226  C CG  . LEU A 1 31  ? -6.42162  6.52185   11.49686  1.000 80.59934  ? 31  LEU A CG  1 
ATOM   227  C CD1 . LEU A 1 31  ? -6.33015  5.12199   10.90309  1.000 69.32353  ? 31  LEU A CD1 1 
ATOM   228  C CD2 . LEU A 1 31  ? -5.19556  6.82723   12.38775  1.000 66.13795  ? 31  LEU A CD2 1 
ATOM   229  N N   . ARG A 1 32  ? -9.35558  9.16633   10.92823  1.000 101.08648 ? 32  ARG A N   1 
ATOM   230  C CA  . ARG A 1 32  ? -10.41738 9.56597   11.84277  1.000 86.63281  ? 32  ARG A CA  1 
ATOM   231  C C   . ARG A 1 32  ? -11.80034 9.33081   11.23795  1.000 81.00948  ? 32  ARG A C   1 
ATOM   232  O O   . ARG A 1 32  ? -12.70675 8.85822   11.93421  1.000 80.51902  ? 32  ARG A O   1 
ATOM   233  C CB  . ARG A 1 32  ? -10.23773 11.03100  12.24186  1.000 87.11594  ? 32  ARG A CB  1 
ATOM   234  N N   . GLY A 1 33  ? -11.96539 9.60737   9.94114   1.000 79.16350  ? 33  GLY A N   1 
ATOM   235  C CA  . GLY A 1 33  ? -13.26586 9.60876   9.29285   1.000 84.42404  ? 33  GLY A CA  1 
ATOM   236  C C   . GLY A 1 33  ? -13.61111 8.49523   8.31525   1.000 102.23728 ? 33  GLY A C   1 
ATOM   237  O O   . GLY A 1 33  ? -14.59443 7.77772   8.53296   1.000 100.32031 ? 33  GLY A O   1 
ATOM   238  N N   . ARG A 1 34  ? -12.84182 8.35456   7.22167   1.000 122.21212 ? 34  ARG A N   1 
ATOM   239  C CA  . ARG A 1 34  ? -13.19268 7.48579   6.09212   1.000 109.65537 ? 34  ARG A CA  1 
ATOM   240  C C   . ARG A 1 34  ? -12.54244 6.10540   6.16649   1.000 102.04547 ? 34  ARG A C   1 
ATOM   241  O O   . ARG A 1 34  ? -12.57978 5.35396   5.18493   1.000 91.76934  ? 34  ARG A O   1 
ATOM   242  C CB  . ARG A 1 34  ? -12.84131 8.17176   4.77191   1.000 88.83182  ? 34  ARG A CB  1 
ATOM   243  N N   . ALA A 1 35  ? -11.96594 5.75895   7.32061   1.000 108.54651 ? 35  ALA A N   1 
ATOM   244  C CA  . ALA A 1 35  ? -11.41746 4.42479   7.57422   1.000 87.17391  ? 35  ALA A CA  1 
ATOM   245  C C   . ALA A 1 35  ? -12.48994 3.43836   8.01877   1.000 109.55848 ? 35  ALA A C   1 
ATOM   246  O O   . ALA A 1 35  ? -12.76467 2.45669   7.32197   1.000 114.35004 ? 35  ALA A O   1 
ATOM   247  C CB  . ALA A 1 35  ? -10.31214 4.50323   8.63094   1.000 81.10241  ? 35  ALA A CB  1 
ATOM   248  N N   . MET A 1 36  ? -13.07880 3.66865   9.20054   1.000 118.42982 ? 36  MET A N   1 
ATOM   249  C CA  . MET A 1 36  ? -14.09821 2.75146   9.71249   1.000 114.95053 ? 36  MET A CA  1 
ATOM   250  C C   . MET A 1 36  ? -15.22763 2.57870   8.70133   1.000 125.45184 ? 36  MET A C   1 
ATOM   251  O O   . MET A 1 36  ? -15.65355 1.45234   8.41192   1.000 136.67151 ? 36  MET A O   1 
ATOM   252  C CB  . MET A 1 36  ? -14.64726 3.23469   11.06499  1.000 86.39936  ? 36  MET A CB  1 
ATOM   253  N N   . LYS A 1 37  ? -15.67396 3.68883   8.10484   1.000 127.28490 ? 37  LYS A N   1 
ATOM   254  C CA  . LYS A 1 37  ? -16.76676 3.72752   7.13218   1.000 122.66242 ? 37  LYS A CA  1 
ATOM   255  C C   . LYS A 1 37  ? -16.56495 2.85367   5.89426   1.000 121.85189 ? 37  LYS A C   1 
ATOM   256  O O   . LYS A 1 37  ? -17.49939 2.14592   5.49634   1.000 128.71003 ? 37  LYS A O   1 
ATOM   257  C CB  . LYS A 1 37  ? -17.00261 5.16781   6.67792   1.000 113.16538 ? 37  LYS A CB  1 
ATOM   258  C CG  . LYS A 1 37  ? -17.74895 6.03192   7.67572   1.000 105.18913 ? 37  LYS A CG  1 
ATOM   259  C CD  . LYS A 1 37  ? -18.60796 5.23070   8.63917   1.000 99.85790  ? 37  LYS A CD  1 
ATOM   260  C CE  . LYS A 1 37  ? -18.91837 6.10696   9.81912   1.000 95.46644  ? 37  LYS A CE  1 
ATOM   261  N NZ  . LYS A 1 37  ? -17.60803 6.57039   10.34808  1.000 88.75530  ? 37  LYS A NZ  1 
ATOM   262  N N   . ASN A 1 38  ? -15.37878 2.92182   5.25520   1.000 116.15695 ? 38  ASN A N   1 
ATOM   263  C CA  . ASN A 1 38  ? -15.11243 2.10523   4.06275   1.000 109.78995 ? 38  ASN A CA  1 
ATOM   264  C C   . ASN A 1 38  ? -15.08086 0.62432   4.41220   1.000 104.40998 ? 38  ASN A C   1 
ATOM   265  O O   . ASN A 1 38  ? -15.29954 -0.22068  3.53854   1.000 90.16360  ? 38  ASN A O   1 
ATOM   266  C CB  . ASN A 1 38  ? -13.78647 2.50378   3.37156   1.000 108.09509 ? 38  ASN A CB  1 
ATOM   267  C CG  . ASN A 1 38  ? -13.99537 3.17716   2.00122   1.000 107.22475 ? 38  ASN A CG  1 
ATOM   268  O OD1 . ASN A 1 38  ? -14.96078 3.91974   1.80797   1.000 121.50839 ? 38  ASN A OD1 1 
ATOM   269  N ND2 . ASN A 1 38  ? -13.09172 2.90543   1.04969   1.000 83.04031  ? 38  ASN A ND2 1 
ATOM   270  N N   . GLN A 1 39  ? -14.80785 0.29785   5.68354   1.000 99.07243  ? 39  GLN A N   1 
ATOM   271  C CA  . GLN A 1 39  ? -14.64731 -1.09210  6.10062   1.000 90.22172  ? 39  GLN A CA  1 
ATOM   272  C C   . GLN A 1 39  ? -15.98208 -1.75399  6.37361   1.000 114.65816 ? 39  GLN A C   1 
ATOM   273  O O   . GLN A 1 39  ? -16.16972 -2.93749  6.06488   1.000 124.71723 ? 39  GLN A O   1 
ATOM   274  C CB  . GLN A 1 39  ? -13.78261 -1.19303  7.34814   1.000 106.47064 ? 39  GLN A CB  1 
ATOM   275  C CG  . GLN A 1 39  ? -12.31698 -0.96909  7.14641   1.000 98.62078  ? 39  GLN A CG  1 
ATOM   276  C CD  . GLN A 1 39  ? -11.57494 -1.05304  8.45317   1.000 100.77312 ? 39  GLN A CD  1 
ATOM   277  O OE1 . GLN A 1 39  ? -10.38457 -1.36017  8.48372   1.000 94.39636  ? 39  GLN A OE1 1 
ATOM   278  N NE2 . GLN A 1 39  ? -12.27931 -0.78451  9.55192   1.000 117.83987 ? 39  GLN A NE2 1 
ATOM   279  N N   . MET A 1 40  ? -16.90174 -1.03778  7.02033   1.000 113.18535 ? 40  MET A N   1 
ATOM   280  C CA  . MET A 1 40  ? -18.23427 -1.59568  7.16429   1.000 102.64846 ? 40  MET A CA  1 
ATOM   281  C C   . MET A 1 40  ? -18.88920 -1.67920  5.79205   1.000 97.04608  ? 40  MET A C   1 
ATOM   282  O O   . MET A 1 40  ? -19.55733 -2.66777  5.47553   1.000 104.66641 ? 40  MET A O   1 
ATOM   283  C CB  . MET A 1 40  ? -19.07858 -0.77119  8.14399   1.000 117.73705 ? 40  MET A CB  1 
ATOM   284  C CG  . MET A 1 40  ? -18.75070 0.71077   8.18451   1.000 101.68529 ? 40  MET A CG  1 
ATOM   285  S SD  . MET A 1 40  ? -19.08529 1.58478   9.74968   1.000 124.21035 ? 40  MET A SD  1 
ATOM   286  C CE  . MET A 1 40  ? -17.87157 0.92404   10.90549  1.000 91.81380  ? 40  MET A CE  1 
ATOM   287  N N   . LEU A 1 41  ? -18.64191 -0.67258  4.93085   1.000 103.80005 ? 41  LEU A N   1 
ATOM   288  C CA  . LEU A 1 41  ? -19.08690 -0.73723  3.53351   1.000 117.89614 ? 41  LEU A CA  1 
ATOM   289  C C   . LEU A 1 41  ? -18.43217 -1.89883  2.78978   1.000 125.98640 ? 41  LEU A C   1 
ATOM   290  O O   . LEU A 1 41  ? -19.01978 -2.42685  1.83752   1.000 121.58984 ? 41  LEU A O   1 
ATOM   291  C CB  . LEU A 1 41  ? -18.81092 0.59831   2.80538   1.000 96.46316  ? 41  LEU A CB  1 
ATOM   292  C CG  . LEU A 1 41  ? -18.15508 0.68258   1.39013   1.000 103.57314 ? 41  LEU A CG  1 
ATOM   293  C CD1 . LEU A 1 41  ? -19.11032 0.60549   0.15631   1.000 102.83115 ? 41  LEU A CD1 1 
ATOM   294  C CD2 . LEU A 1 41  ? -17.27680 1.91982   1.25893   1.000 90.57156  ? 41  LEU A CD2 1 
ATOM   295  N N   . ASN A 1 42  ? -17.23520 -2.32131  3.22623   1.000 122.35776 ? 42  ASN A N   1 
ATOM   296  C CA  . ASN A 1 42  ? -16.44070 -3.39049  2.61498   1.000 100.32523 ? 42  ASN A CA  1 
ATOM   297  C C   . ASN A 1 42  ? -15.91281 -2.95286  1.24501   1.000 103.52464 ? 42  ASN A C   1 
ATOM   298  O O   . ASN A 1 42  ? -16.29368 -3.53288  0.21750   1.000 97.61167  ? 42  ASN A O   1 
ATOM   299  C CB  . ASN A 1 42  ? -17.25060 -4.70589  2.50985   1.000 84.86175  ? 42  ASN A CB  1 
ATOM   300  C CG  . ASN A 1 42  ? -17.07901 -5.62165  3.73372   1.000 86.98905  ? 42  ASN A CG  1 
ATOM   301  O OD1 . ASN A 1 42  ? -16.05524 -6.29555  3.90489   1.000 81.21951  ? 42  ASN A OD1 1 
ATOM   302  N ND2 . ASN A 1 42  ? -18.09641 -5.64468  4.58899   1.000 95.81726  ? 42  ASN A ND2 1 
ATOM   303  N N   . ALA A 1 43  ? -15.05048 -1.91253  1.23871   1.000 108.44523 ? 43  ALA A N   1 
ATOM   304  C CA  . ALA A 1 43  ? -14.24870 -1.46177  0.09155   1.000 87.38089  ? 43  ALA A CA  1 
ATOM   305  C C   . ALA A 1 43  ? -12.75890 -1.58497  0.38802   1.000 69.01723  ? 43  ALA A C   1 
ATOM   306  O O   . ALA A 1 43  ? -12.04105 -2.36318  -0.24988  1.000 84.16599  ? 43  ALA A O   1 
ATOM   307  C CB  . ALA A 1 43  ? -14.54511 -0.00719  -0.26849  1.000 78.64314  ? 43  ALA A CB  1 
ATOM   308  N N   . SER A 1 44  ? -12.28115 -0.80406  1.34137   1.000 67.05948  ? 44  SER A N   1 
ATOM   309  C CA  . SER A 1 44  ? -10.89582 -0.86823  1.74029   1.000 58.37519  ? 44  SER A CA  1 
ATOM   310  C C   . SER A 1 44  ? -10.80729 -1.35027  3.17908   1.000 64.26489  ? 44  SER A C   1 
ATOM   311  O O   . SER A 1 44  ? -11.75901 -1.25568  3.95539   1.000 65.32836  ? 44  SER A O   1 
ATOM   312  C CB  . SER A 1 44  ? -10.19502 0.49086   1.56133   1.000 61.28817  ? 44  SER A CB  1 
ATOM   313  O OG  . SER A 1 44  ? -11.06541 1.58772   1.81089   1.000 86.06663  ? 44  SER A OG  1 
ATOM   314  N N   . ARG A 1 45  ? -9.65588  -1.92336  3.49267   1.000 65.08361  ? 45  ARG A N   1 
ATOM   315  C CA  . ARG A 1 45  ? -9.33062  -2.45125  4.80234   1.000 62.36689  ? 45  ARG A CA  1 
ATOM   316  C C   . ARG A 1 45  ? -8.11125  -1.70227  5.30879   1.000 65.64281  ? 45  ARG A C   1 
ATOM   317  O O   . ARG A 1 45  ? -7.11962  -1.57706  4.59292   1.000 75.44987  ? 45  ARG A O   1 
ATOM   318  C CB  . ARG A 1 45  ? -9.04255  -3.94614  4.73969   1.000 59.64066  ? 45  ARG A CB  1 
ATOM   319  C CG  . ARG A 1 45  ? -10.25773 -4.85218  4.60168   1.000 70.59755  ? 45  ARG A CG  1 
ATOM   320  C CD  . ARG A 1 45  ? -10.96234 -5.04097  5.94647   1.000 76.60147  ? 45  ARG A CD  1 
ATOM   321  N NE  . ARG A 1 45  ? -12.31947 -4.53047  5.86353   1.000 95.99216  ? 45  ARG A NE  1 
ATOM   322  C CZ  . ARG A 1 45  ? -13.40018 -5.28065  5.69626   1.000 102.28727 ? 45  ARG A CZ  1 
ATOM   323  N NH1 . ARG A 1 45  ? -13.35601 -6.59983  5.83884   1.000 82.54025  ? 45  ARG A NH1 1 
ATOM   324  N NH2 . ARG A 1 45  ? -14.55701 -4.68996  5.38758   1.000 103.64390 ? 45  ARG A NH2 1 
ATOM   325  N N   . THR A 1 46  ? -8.17991  -1.22402  6.53839   1.000 68.39544  ? 46  THR A N   1 
ATOM   326  C CA  . THR A 1 46  ? -7.17621  -0.34289  7.09991   1.000 61.98338  ? 46  THR A CA  1 
ATOM   327  C C   . THR A 1 46  ? -6.42282  -1.09633  8.18395   1.000 75.51847  ? 46  THR A C   1 
ATOM   328  O O   . THR A 1 46  ? -7.03716  -1.70248  9.06405   1.000 76.89845  ? 46  THR A O   1 
ATOM   329  C CB  . THR A 1 46  ? -7.84416  0.91137   7.64200   1.000 57.58412  ? 46  THR A CB  1 
ATOM   330  O OG1 . THR A 1 46  ? -8.79015  1.38316   6.67042   1.000 59.77498  ? 46  THR A OG1 1 
ATOM   331  C CG2 . THR A 1 46  ? -6.82883  1.96327   7.91498   1.000 73.35099  ? 46  THR A CG2 1 
ATOM   332  N N   . PHE A 1 47  ? -5.09900  -1.09581  8.09987   1.000 62.73562  ? 47  PHE A N   1 
ATOM   333  C CA  . PHE A 1 47  ? -4.26410  -1.78481  9.07034   1.000 73.77724  ? 47  PHE A CA  1 
ATOM   334  C C   . PHE A 1 47  ? -3.46894  -0.74831  9.84643   1.000 69.34796  ? 47  PHE A C   1 
ATOM   335  O O   . PHE A 1 47  ? -2.90746  0.17527   9.25267   1.000 73.33400  ? 47  PHE A O   1 
ATOM   336  C CB  . PHE A 1 47  ? -3.34188  -2.79380  8.37681   1.000 61.72643  ? 47  PHE A CB  1 
ATOM   337  C CG  . PHE A 1 47  ? -4.08461  -3.85624  7.63087   1.000 54.41995  ? 47  PHE A CG  1 
ATOM   338  C CD1 . PHE A 1 47  ? -4.46986  -3.65604  6.30619   1.000 53.80329  ? 47  PHE A CD1 1 
ATOM   339  C CD2 . PHE A 1 47  ? -4.41325  -5.05138  8.25331   1.000 53.81677  ? 47  PHE A CD2 1 
ATOM   340  C CE1 . PHE A 1 47  ? -5.17447  -4.63361  5.61225   1.000 52.83966  ? 47  PHE A CE1 1 
ATOM   341  C CE2 . PHE A 1 47  ? -5.11610  -6.02913  7.58064   1.000 56.32379  ? 47  PHE A CE2 1 
ATOM   342  C CZ  . PHE A 1 47  ? -5.50241  -5.82110  6.25174   1.000 59.06973  ? 47  PHE A CZ  1 
ATOM   343  N N   . VAL A 1 48  ? -3.44306  -0.88498  11.16930  1.000 66.07474  ? 48  VAL A N   1 
ATOM   344  C CA  . VAL A 1 48  ? -2.86004  0.13298   12.03230  1.000 66.96261  ? 48  VAL A CA  1 
ATOM   345  C C   . VAL A 1 48  ? -1.84215  -0.52542  12.95490  1.000 78.66220  ? 48  VAL A C   1 
ATOM   346  O O   . VAL A 1 48  ? -1.91061  -1.72406  13.24883  1.000 82.51883  ? 48  VAL A O   1 
ATOM   347  C CB  . VAL A 1 48  ? -3.93810  0.88064   12.85522  1.000 67.23636  ? 48  VAL A CB  1 
ATOM   348  C CG1 . VAL A 1 48  ? -5.02580  1.42117   11.95998  1.000 61.47729  ? 48  VAL A CG1 1 
ATOM   349  C CG2 . VAL A 1 48  ? -4.53547  -0.03235  13.90887  1.000 66.04930  ? 48  VAL A CG2 1 
ATOM   350  N N   . ILE A 1 49  ? -0.87512  0.27185   13.40390  1.000 83.53672  ? 49  ILE A N   1 
ATOM   351  C CA  . ILE A 1 49  ? 0.06660   -0.18296  14.42256  1.000 96.55733  ? 49  ILE A CA  1 
ATOM   352  C C   . ILE A 1 49  ? -0.04010  0.75025   15.61824  1.000 90.27654  ? 49  ILE A C   1 
ATOM   353  O O   . ILE A 1 49  ? -0.42531  1.91949   15.49938  1.000 85.89108  ? 49  ILE A O   1 
ATOM   354  C CB  . ILE A 1 49  ? 1.53471   -0.25723  13.93509  1.000 87.76679  ? 49  ILE A CB  1 
ATOM   355  C CG1 . ILE A 1 49  ? 1.92587   0.97393   13.11805  1.000 81.15025  ? 49  ILE A CG1 1 
ATOM   356  C CG2 . ILE A 1 49  ? 1.72936   -1.48617  13.09449  1.000 78.85664  ? 49  ILE A CG2 1 
ATOM   357  C CD1 . ILE A 1 49  ? 3.41006   1.26515   13.17623  1.000 74.61953  ? 49  ILE A CD1 1 
ATOM   358  N N   . CYS A 1 50  ? 0.30068   0.22755   16.78286  1.000 83.56146  ? 50  CYS A N   1 
ATOM   359  C CA  . CYS A 1 50  ? 0.11209   0.98430   18.00832  1.000 99.91689  ? 50  CYS A CA  1 
ATOM   360  C C   . CYS A 1 50  ? 1.42859   1.06640   18.76745  1.000 115.75618 ? 50  CYS A C   1 
ATOM   361  O O   . CYS A 1 50  ? 2.44496   0.49951   18.35058  1.000 102.19319 ? 50  CYS A O   1 
ATOM   362  C CB  . CYS A 1 50  ? -1.00579  0.35773   18.85044  1.000 81.63668  ? 50  CYS A CB  1 
ATOM   363  S SG  . CYS A 1 50  ? -2.57571  0.36645   17.96752  1.000 84.29948  ? 50  CYS A SG  1 
ATOM   364  N N   . LEU A 1 51  ? 1.41454   1.83221   19.85804  1.000 100.46576 ? 51  LEU A N   1 
ATOM   365  C CA  . LEU A 1 51  ? 2.52144   1.80428   20.80166  1.000 92.30746  ? 51  LEU A CA  1 
ATOM   366  C C   . LEU A 1 51  ? 2.35556   0.62043   21.74791  1.000 93.60173  ? 51  LEU A C   1 
ATOM   367  O O   . LEU A 1 51  ? 1.24136   0.30459   22.17059  1.000 97.53613  ? 51  LEU A O   1 
ATOM   368  C CB  . LEU A 1 51  ? 2.59204   3.11742   21.58432  1.000 89.72495  ? 51  LEU A CB  1 
ATOM   369  N N   . GLU A 1 52  ? 3.48073   -0.04116  22.06135  1.000 101.70116 ? 52  GLU A N   1 
ATOM   370  C CA  . GLU A 1 52  ? 3.48210   -1.27401  22.85852  1.000 99.64533  ? 52  GLU A CA  1 
ATOM   371  C C   . GLU A 1 52  ? 2.72227   -1.08062  24.16912  1.000 96.85381  ? 52  GLU A C   1 
ATOM   372  O O   . GLU A 1 52  ? 2.85369   -0.04904  24.83039  1.000 107.29850 ? 52  GLU A O   1 
ATOM   373  C CB  . GLU A 1 52  ? 4.92408   -1.72248  23.15233  1.000 96.08851  ? 52  GLU A CB  1 
ATOM   374  C CG  . GLU A 1 52  ? 5.06674   -3.05227  23.93293  1.000 99.45134  ? 52  GLU A CG  1 
ATOM   375  C CD  . GLU A 1 52  ? 6.45597   -3.25666  24.56616  1.000 115.69011 ? 52  GLU A CD  1 
ATOM   376  O OE1 . GLU A 1 52  ? 6.89853   -2.37244  25.33340  1.000 116.34278 ? 52  GLU A OE1 1 
ATOM   377  O OE2 . GLU A 1 52  ? 7.09470   -4.30990  24.32847  1.000 96.91639  ? 52  GLU A OE2 1 
ATOM   378  N N   . ASP A 1 53  ? 1.91858   -2.08155  24.54109  1.000 100.58907 ? 53  ASP A N   1 
ATOM   379  C CA  . ASP A 1 53  ? 1.07847   -2.12839  25.73995  1.000 105.73547 ? 53  ASP A CA  1 
ATOM   380  C C   . ASP A 1 53  ? -0.01617  -1.05261  25.73249  1.000 99.07587  ? 53  ASP A C   1 
ATOM   381  O O   . ASP A 1 53  ? -0.75848  -0.94639  26.71462  1.000 101.87893 ? 53  ASP A O   1 
ATOM   382  C CB  . ASP A 1 53  ? 1.90275   -2.02419  27.04279  1.000 116.66708 ? 53  ASP A CB  1 
ATOM   383  C CG  . ASP A 1 53  ? 2.64248   -3.34787  27.41239  1.000 123.93117 ? 53  ASP A CG  1 
ATOM   384  O OD1 . ASP A 1 53  ? 1.98419   -4.30872  27.88031  1.000 130.66350 ? 53  ASP A OD1 1 
ATOM   385  O OD2 . ASP A 1 53  ? 3.88964   -3.42631  27.22704  1.000 103.34871 ? 53  ASP A OD2 1 
ATOM   386  N N   . THR A 1 54  ? -0.14763  -0.26513  24.66244  1.000 94.87218  ? 54  THR A N   1 
ATOM   387  C CA  . THR A 1 54  ? -1.20306  0.72273   24.47755  1.000 95.39815  ? 54  THR A CA  1 
ATOM   388  C C   . THR A 1 54  ? -2.03227  0.37772   23.23690  1.000 104.67329 ? 54  THR A C   1 
ATOM   389  O O   . THR A 1 54  ? -1.80008  -0.63257  22.57049  1.000 94.85153  ? 54  THR A O   1 
ATOM   390  C CB  . THR A 1 54  ? -0.62155  2.14213   24.36939  1.000 92.83299  ? 54  THR A CB  1 
ATOM   391  O OG1 . THR A 1 54  ? -0.30882  2.43772   23.00153  1.000 90.27323  ? 54  THR A OG1 1 
ATOM   392  C CG2 . THR A 1 54  ? 0.64069   2.27706   25.20331  1.000 85.35818  ? 54  THR A CG2 1 
ATOM   393  N N   . LEU A 1 55  ? -3.02867  1.22704   22.94660  1.000 111.55606 ? 55  LEU A N   1 
ATOM   394  C CA  . LEU A 1 55  ? -3.79098  1.16346   21.70226  1.000 89.78707  ? 55  LEU A CA  1 
ATOM   395  C C   . LEU A 1 55  ? -3.66894  2.45699   20.91947  1.000 77.14404  ? 55  LEU A C   1 
ATOM   396  O O   . LEU A 1 55  ? -4.46387  2.69737   20.00312  1.000 84.54352  ? 55  LEU A O   1 
ATOM   397  C CB  . LEU A 1 55  ? -5.26869  0.86783   21.97106  1.000 87.95528  ? 55  LEU A CB  1 
ATOM   398  C CG  . LEU A 1 55  ? -5.75144  -0.55027  21.69095  1.000 73.69263  ? 55  LEU A CG  1 
ATOM   399  C CD1 . LEU A 1 55  ? -5.24480  -1.48178  22.77353  1.000 90.75107  ? 55  LEU A CD1 1 
ATOM   400  C CD2 . LEU A 1 55  ? -7.25104  -0.58972  21.63025  1.000 77.84042  ? 55  LEU A CD2 1 
ATOM   401  N N   . ARG A 1 56  ? -2.71037  3.30291   21.27658  1.000 76.52144  ? 56  ARG A N   1 
ATOM   402  C CA  . ARG A 1 56  ? -2.51220  4.56720   20.58552  1.000 91.56810  ? 56  ARG A CA  1 
ATOM   403  C C   . ARG A 1 56  ? -1.87734  4.31552   19.21957  1.000 93.47345  ? 56  ARG A C   1 
ATOM   404  O O   . ARG A 1 56  ? -0.71100  3.91463   19.12582  1.000 89.25645  ? 56  ARG A O   1 
ATOM   405  C CB  . ARG A 1 56  ? -1.65626  5.49244   21.43961  1.000 74.34321  ? 56  ARG A CB  1 
ATOM   406  C CG  . ARG A 1 56  ? -1.37057  6.78701   20.74614  1.000 79.15134  ? 56  ARG A CG  1 
ATOM   407  C CD  . ARG A 1 56  ? 0.11156   7.09128   20.79890  1.000 92.84801  ? 56  ARG A CD  1 
ATOM   408  N NE  . ARG A 1 56  ? 0.41476   8.42268   20.28768  1.000 91.49523  ? 56  ARG A NE  1 
ATOM   409  C CZ  . ARG A 1 56  ? 0.44131   8.75638   19.00361  1.000 101.14372 ? 56  ARG A CZ  1 
ATOM   410  N NH1 . ARG A 1 56  ? 0.27098   7.85322   18.04876  1.000 99.05522  ? 56  ARG A NH1 1 
ATOM   411  N NH2 . ARG A 1 56  ? 0.67351   10.02537  18.66794  1.000 104.81310 ? 56  ARG A NH2 1 
ATOM   412  N N   . ILE A 1 57  ? -2.65452  4.55150   18.16150  1.000 78.63545  ? 57  ILE A N   1 
ATOM   413  C CA  . ILE A 1 57  ? -2.17665  4.32649   16.80607  1.000 75.73224  ? 57  ILE A CA  1 
ATOM   414  C C   . ILE A 1 57  ? -0.96973  5.21338   16.53196  1.000 79.46499  ? 57  ILE A C   1 
ATOM   415  O O   . ILE A 1 57  ? -0.95136  6.39666   16.88514  1.000 77.10199  ? 57  ILE A O   1 
ATOM   416  C CB  . ILE A 1 57  ? -3.30780  4.58203   15.79250  1.000 82.89836  ? 57  ILE A CB  1 
ATOM   417  C CG1 . ILE A 1 57  ? -4.07797  3.29989   15.53240  1.000 71.47658  ? 57  ILE A CG1 1 
ATOM   418  C CG2 . ILE A 1 57  ? -2.76890  5.15404   14.47597  1.000 73.44761  ? 57  ILE A CG2 1 
ATOM   419  C CD1 . ILE A 1 57  ? -4.85195  2.83970   16.67725  1.000 84.78182  ? 57  ILE A CD1 1 
ATOM   420  N N   . VAL A 1 58  ? 0.05172   4.63711   15.90053  1.000 87.89901  ? 58  VAL A N   1 
ATOM   421  C CA  . VAL A 1 58  ? 1.24266   5.38548   15.51026  1.000 85.02525  ? 58  VAL A CA  1 
ATOM   422  C C   . VAL A 1 58  ? 1.54804   5.29073   14.01364  1.000 79.60822  ? 58  VAL A C   1 
ATOM   423  O O   . VAL A 1 58  ? 2.39762   6.05099   13.52663  1.000 71.22534  ? 58  VAL A O   1 
ATOM   424  C CB  . VAL A 1 58  ? 2.46327   4.94817   16.35093  1.000 86.13077  ? 58  VAL A CB  1 
ATOM   425  C CG1 . VAL A 1 58  ? 2.44239   5.64284   17.71177  1.000 90.30870  ? 58  VAL A CG1 1 
ATOM   426  C CG2 . VAL A 1 58  ? 2.43584   3.45672   16.57580  1.000 77.90291  ? 58  VAL A CG2 1 
ATOM   427  N N   . GLY A 1 59  ? 0.85467   4.42337   13.26567  1.000 82.86840  ? 59  GLY A N   1 
ATOM   428  C CA  . GLY A 1 59  ? 1.00867   4.30144   11.82100  1.000 67.82958  ? 59  GLY A CA  1 
ATOM   429  C C   . GLY A 1 59  ? -0.07604  3.41412   11.24604  1.000 74.51827  ? 59  GLY A C   1 
ATOM   430  O O   . GLY A 1 59  ? -0.69110  2.61918   11.96783  1.000 71.64974  ? 59  GLY A O   1 
ATOM   431  N N   . TYR A 1 60  ? -0.31781  3.55962   9.93262   1.000 65.45086  ? 60  TYR A N   1 
ATOM   432  C CA  . TYR A 1 60  ? -1.38882  2.79492   9.28555   1.000 62.12465  ? 60  TYR A CA  1 
ATOM   433  C C   . TYR A 1 60  ? -1.25284  2.78110   7.75642   1.000 63.57229  ? 60  TYR A C   1 
ATOM   434  O O   . TYR A 1 60  ? -0.58696  3.63560   7.15864   1.000 58.06651  ? 60  TYR A O   1 
ATOM   435  C CB  . TYR A 1 60  ? -2.76839  3.33443   9.69154   1.000 61.14793  ? 60  TYR A CB  1 
ATOM   436  C CG  . TYR A 1 60  ? -3.26422  4.46535   8.81856   1.000 69.85284  ? 60  TYR A CG  1 
ATOM   437  C CD1 . TYR A 1 60  ? -2.91621  5.78317   9.09715   1.000 62.58769  ? 60  TYR A CD1 1 
ATOM   438  C CD2 . TYR A 1 60  ? -4.07196  4.20912   7.70055   1.000 60.74228  ? 60  TYR A CD2 1 
ATOM   439  C CE1 . TYR A 1 60  ? -3.35302  6.81263   8.28667   1.000 71.12120  ? 60  TYR A CE1 1 
ATOM   440  C CE2 . TYR A 1 60  ? -4.51294  5.22584   6.88865   1.000 64.02617  ? 60  TYR A CE2 1 
ATOM   441  C CZ  . TYR A 1 60  ? -4.15738  6.53082   7.18290   1.000 78.05092  ? 60  TYR A CZ  1 
ATOM   442  O OH  . TYR A 1 60  ? -4.59967  7.56833   6.38259   1.000 81.94173  ? 60  TYR A OH  1 
ATOM   443  N N   . TYR A 1 61  ? -1.93507  1.80110   7.13065   1.000 69.28246  ? 61  TYR A N   1 
ATOM   444  C CA  . TYR A 1 61  ? -2.04132  1.66404   5.67251   1.000 57.11632  ? 61  TYR A CA  1 
ATOM   445  C C   . TYR A 1 61  ? -3.39100  1.06114   5.29002   1.000 57.79076  ? 61  TYR A C   1 
ATOM   446  O O   . TYR A 1 61  ? -4.08387  0.46736   6.12031   1.000 58.94251  ? 61  TYR A O   1 
ATOM   447  C CB  . TYR A 1 61  ? -0.88294  0.82866   5.08434   1.000 55.90878  ? 61  TYR A CB  1 
ATOM   448  C CG  . TYR A 1 61  ? -0.85630  -0.67785  5.29759   1.000 49.35594  ? 61  TYR A CG  1 
ATOM   449  C CD1 . TYR A 1 61  ? -1.56195  -1.54681  4.46657   1.000 45.82629  ? 61  TYR A CD1 1 
ATOM   450  C CD2 . TYR A 1 61  ? -0.05702  -1.23436  6.29194   1.000 57.03578  ? 61  TYR A CD2 1 
ATOM   451  C CE1 . TYR A 1 61  ? -1.50081  -2.93238  4.64267   1.000 47.07441  ? 61  TYR A CE1 1 
ATOM   452  C CE2 . TYR A 1 61  ? 0.01671   -2.61580  6.48046   1.000 59.38873  ? 61  TYR A CE2 1 
ATOM   453  C CZ  . TYR A 1 61  ? -0.71171  -3.47104  5.65692   1.000 56.67498  ? 61  TYR A CZ  1 
ATOM   454  O OH  . TYR A 1 61  ? -0.63209  -4.84179  5.86286   1.000 52.99987  ? 61  TYR A OH  1 
ATOM   455  N N   . SER A 1 62  ? -3.76099  1.20962   4.00625   1.000 57.69793  ? 62  SER A N   1 
ATOM   456  C CA  . SER A 1 62  ? -5.04751  0.71798   3.51907   1.000 58.79267  ? 62  SER A CA  1 
ATOM   457  C C   . SER A 1 62  ? -4.89233  -0.10614  2.23674   1.000 52.54461  ? 62  SER A C   1 
ATOM   458  O O   . SER A 1 62  ? -3.93953  0.07193   1.47667   1.000 65.18081  ? 62  SER A O   1 
ATOM   459  C CB  . SER A 1 62  ? -6.02353  1.88323   3.30280   1.000 57.75331  ? 62  SER A CB  1 
ATOM   460  O OG  . SER A 1 62  ? -6.10544  2.27240   1.94272   1.000 88.79142  ? 62  SER A OG  1 
ATOM   461  N N   . LEU A 1 63  ? -5.87745  -0.97645  1.98011   1.000 48.68447  ? 63  LEU A N   1 
ATOM   462  C CA  . LEU A 1 63  ? -5.83680  -2.00551  0.94250   1.000 50.97382  ? 63  LEU A CA  1 
ATOM   463  C C   . LEU A 1 63  ? -7.22163  -2.25501  0.34867   1.000 55.73465  ? 63  LEU A C   1 
ATOM   464  O O   . LEU A 1 63  ? -8.13103  -2.72313  1.04249   1.000 49.83721  ? 63  LEU A O   1 
ATOM   465  C CB  . LEU A 1 63  ? -5.29931  -3.33417  1.50716   1.000 44.32532  ? 63  LEU A CB  1 
ATOM   466  C CG  . LEU A 1 63  ? -3.78574  -3.48199  1.56857   1.000 51.56640  ? 63  LEU A CG  1 
ATOM   467  C CD1 . LEU A 1 63  ? -3.35601  -4.86347  2.00474   1.000 40.12629  ? 63  LEU A CD1 1 
ATOM   468  C CD2 . LEU A 1 63  ? -3.21222  -3.13772  0.20170   1.000 56.53030  ? 63  LEU A CD2 1 
ATOM   469  N N   . ALA A 1 64  ? -7.36917  -1.99867  -0.94395  1.000 48.81344  ? 64  ALA A N   1 
ATOM   470  C CA  . ALA A 1 64  ? -8.58004  -2.37470  -1.64436  1.000 47.53009  ? 64  ALA A CA  1 
ATOM   471  C C   . ALA A 1 64  ? -8.19468  -3.00374  -2.97049  1.000 44.17705  ? 64  ALA A C   1 
ATOM   472  O O   . ALA A 1 64  ? -7.12976  -2.71548  -3.51813  1.000 59.03330  ? 64  ALA A O   1 
ATOM   473  C CB  . ALA A 1 64  ? -9.48479  -1.17717  -1.88970  1.000 48.70984  ? 64  ALA A CB  1 
ATOM   474  N N   . THR A 1 65  ? -9.06279  -3.85982  -3.48988  1.000 47.59329  ? 65  THR A N   1 
ATOM   475  C CA  . THR A 1 65  ? -8.84195  -4.39514  -4.81507  1.000 50.96848  ? 65  THR A CA  1 
ATOM   476  C C   . THR A 1 65  ? -9.23048  -3.37528  -5.88738  1.000 68.45395  ? 65  THR A C   1 
ATOM   477  O O   . THR A 1 65  ? -9.81035  -2.31797  -5.60898  1.000 75.20638  ? 65  THR A O   1 
ATOM   478  C CB  . THR A 1 65  ? -9.64207  -5.66574  -5.01475  1.000 44.30949  ? 65  THR A CB  1 
ATOM   479  O OG1 . THR A 1 65  ? -10.98445 -5.31366  -5.35734  1.000 44.41949  ? 65  THR A OG1 1 
ATOM   480  C CG2 . THR A 1 65  ? -9.66433  -6.42307  -3.76316  1.000 46.08594  ? 65  THR A CG2 1 
ATOM   481  N N   . GLY A 1 66  ? -8.89113  -3.71361  -7.12827  1.000 56.19602  ? 66  GLY A N   1 
ATOM   482  C CA  . GLY A 1 66  ? -9.05953  -2.82051  -8.24647  1.000 55.55353  ? 66  GLY A CA  1 
ATOM   483  C C   . GLY A 1 66  ? -8.96891  -3.59249  -9.53920  1.000 53.81405  ? 66  GLY A C   1 
ATOM   484  O O   . GLY A 1 66  ? -8.83903  -4.81594  -9.53764  1.000 71.06668  ? 66  GLY A O   1 
ATOM   485  N N   . SER A 1 67  ? -9.04696  -2.87487  -10.65592 1.000 53.46966  ? 67  SER A N   1 
ATOM   486  C CA  . SER A 1 67  ? -8.95982  -3.57153  -11.93189 1.000 59.34735  ? 67  SER A CA  1 
ATOM   487  C C   . SER A 1 67  ? -8.50030  -2.58103  -12.99522 1.000 64.24312  ? 67  SER A C   1 
ATOM   488  O O   . SER A 1 67  ? -8.54927  -1.36310  -12.79895 1.000 63.44626  ? 67  SER A O   1 
ATOM   489  C CB  . SER A 1 67  ? -10.30213 -4.22865  -12.28227 1.000 54.76891  ? 67  SER A CB  1 
ATOM   490  O OG  . SER A 1 67  ? -10.30593 -4.75498  -13.59161 1.000 73.57030  ? 67  SER A OG  1 
ATOM   491  N N   . VAL A 1 68  ? -7.98892  -3.12348  -14.09933 1.000 68.23478  ? 68  VAL A N   1 
ATOM   492  C CA  . VAL A 1 68  ? -7.58531  -2.33548  -15.26001 1.000 66.58532  ? 68  VAL A CA  1 
ATOM   493  C C   . VAL A 1 68  ? -8.17842  -3.01116  -16.48044 1.000 67.76647  ? 68  VAL A C   1 
ATOM   494  O O   . VAL A 1 68  ? -8.01836  -4.22472  -16.65778 1.000 66.50329  ? 68  VAL A O   1 
ATOM   495  C CB  . VAL A 1 68  ? -6.05089  -2.21735  -15.40254 1.000 75.31522  ? 68  VAL A CB  1 
ATOM   496  C CG1 . VAL A 1 68  ? -5.67841  -1.19952  -16.48811 1.000 65.50219  ? 68  VAL A CG1 1 
ATOM   497  C CG2 . VAL A 1 68  ? -5.39039  -1.85751  -14.06984 1.000 59.98267  ? 68  VAL A CG2 1 
ATOM   498  N N   . THR A 1 69  ? -8.88546  -2.24125  -17.30560 1.000 72.42924  ? 69  THR A N   1 
ATOM   499  C CA  . THR A 1 69  ? -9.50311  -2.79454  -18.50387 1.000 88.18785  ? 69  THR A CA  1 
ATOM   500  C C   . THR A 1 69  ? -9.39498  -1.75483  -19.61448 1.000 88.93568  ? 69  THR A C   1 
ATOM   501  O O   . THR A 1 69  ? -8.93221  -0.62964  -19.39245 1.000 84.46985  ? 69  THR A O   1 
ATOM   502  C CB  . THR A 1 69  ? -10.95022 -3.22309  -18.21638 1.000 80.48412  ? 69  THR A CB  1 
ATOM   503  O OG1 . THR A 1 69  ? -11.45375 -4.00737  -19.30702 1.000 78.47988  ? 69  THR A OG1 1 
ATOM   504  C CG2 . THR A 1 69  ? -11.84890 -2.00783  -18.00027 1.000 75.05316  ? 69  THR A CG2 1 
ATOM   505  N N   . HIS A 1 70  ? -9.78851  -2.14228  -20.82354 1.000 86.34224  ? 70  HIS A N   1 
ATOM   506  C CA  . HIS A 1 70  ? -9.84714  -1.22196  -21.94818 1.000 88.43781  ? 70  HIS A CA  1 
ATOM   507  C C   . HIS A 1 70  ? -11.27007 -0.71882  -22.13012 1.000 95.68944  ? 70  HIS A C   1 
ATOM   508  O O   . HIS A 1 70  ? -12.21463 -1.17706  -21.48220 1.000 92.17379  ? 70  HIS A O   1 
ATOM   509  C CB  . HIS A 1 70  ? -9.37891  -1.90597  -23.22238 1.000 84.15534  ? 70  HIS A CB  1 
ATOM   510  C CG  . HIS A 1 70  ? -9.81917  -3.32819  -23.30438 1.000 101.76452 ? 70  HIS A CG  1 
ATOM   511  N ND1 . HIS A 1 70  ? -11.12881 -3.71020  -23.08857 1.000 113.69935 ? 70  HIS A ND1 1 
ATOM   512  C CD2 . HIS A 1 70  ? -9.12372  -4.46965  -23.52572 1.000 105.29787 ? 70  HIS A CD2 1 
ATOM   513  C CE1 . HIS A 1 70  ? -11.22473 -5.02364  -23.20580 1.000 113.02764 ? 70  HIS A CE1 1 
ATOM   514  N NE2 . HIS A 1 70  ? -10.02161 -5.50932  -23.46434 1.000 115.61427 ? 70  HIS A NE2 1 
ATOM   515  N N   . ALA A 1 71  ? -11.41978 0.21533   -23.05231 1.000 96.95522  ? 71  ALA A N   1 
ATOM   516  C CA  . ALA A 1 71  ? -12.72993 0.72460   -23.43143 1.000 100.63791 ? 71  ALA A CA  1 
ATOM   517  C C   . ALA A 1 71  ? -13.16667 -0.05808  -24.66115 1.000 111.39124 ? 71  ALA A C   1 
ATOM   518  O O   . ALA A 1 71  ? -12.72565 0.23792   -25.77687 1.000 111.80655 ? 71  ALA A O   1 
ATOM   519  C CB  . ALA A 1 71  ? -12.66677 2.22099   -23.70200 1.000 85.20467  ? 71  ALA A CB  1 
ATOM   520  N N   . GLU A 1 72  ? -14.01072 -1.07191  -24.44159 1.000 107.12908 ? 72  GLU A N   1 
ATOM   521  C CA  . GLU A 1 72  ? -14.54493 -1.92377  -25.50283 1.000 104.64393 ? 72  GLU A CA  1 
ATOM   522  C C   . GLU A 1 72  ? -13.57043 -2.14974  -26.67643 1.000 98.56424  ? 72  GLU A C   1 
ATOM   523  O O   . GLU A 1 72  ? -13.10595 -3.25877  -26.92226 1.000 95.48001  ? 72  GLU A O   1 
ATOM   524  C CB  . GLU A 1 72  ? -15.84170 -1.31799  -26.02012 1.000 113.19548 ? 72  GLU A CB  1 
ATOM   525  C CG  . GLU A 1 72  ? -16.21899 -1.75033  -27.42445 1.000 111.54557 ? 72  GLU A CG  1 
ATOM   526  C CD  . GLU A 1 72  ? -16.84496 -0.62550  -28.24425 1.000 118.66789 ? 72  GLU A CD  1 
ATOM   527  O OE1 . GLU A 1 72  ? -16.20463 -0.18072  -29.22694 1.000 115.96846 ? 72  GLU A OE1 1 
ATOM   528  O OE2 . GLU A 1 72  ? -17.98006 -0.18539  -27.88526 1.000 125.88105 ? 72  GLU A OE2 1 
ATOM   529  N N   . PRO A 1 82  ? -6.51832  -11.52497 -17.13207 1.000 73.67053  ? 82  PRO A N   1 
ATOM   530  C CA  . PRO A 1 82  ? -6.58581  -11.23619 -18.56068 1.000 76.48109  ? 82  PRO A CA  1 
ATOM   531  C C   . PRO A 1 82  ? -7.37052  -9.96252  -18.82670 1.000 92.96632  ? 82  PRO A C   1 
ATOM   532  O O   . PRO A 1 82  ? -6.82000  -8.89713  -18.55469 1.000 105.51521 ? 82  PRO A O   1 
ATOM   533  C CB  . PRO A 1 82  ? -7.30918  -12.45552 -19.13966 1.000 89.43143  ? 82  PRO A CB  1 
ATOM   534  C CG  . PRO A 1 82  ? -7.03190  -13.54790 -18.17747 1.000 96.34206  ? 82  PRO A CG  1 
ATOM   535  C CD  . PRO A 1 82  ? -6.99444  -12.88369 -16.83035 1.000 92.90305  ? 82  PRO A CD  1 
ATOM   536  N N   . ASN A 1 83  ? -8.62491  -10.07483 -19.30024 1.000 112.82049 ? 83  ASN A N   1 
ATOM   537  C CA  . ASN A 1 83  ? -9.38146  -8.92439  -19.81510 1.000 111.67155 ? 83  ASN A CA  1 
ATOM   538  C C   . ASN A 1 83  ? -9.52138  -7.78907  -18.80245 1.000 96.39772  ? 83  ASN A C   1 
ATOM   539  O O   . ASN A 1 83  ? -9.15544  -6.64672  -19.13131 1.000 95.12103  ? 83  ASN A O   1 
ATOM   540  C CB  . ASN A 1 83  ? -10.75545 -9.39531  -20.33629 1.000 106.93426 ? 83  ASN A CB  1 
ATOM   541  C CG  . ASN A 1 83  ? -11.68088 -8.22622  -20.75332 1.000 113.08150 ? 83  ASN A CG  1 
ATOM   542  O OD1 . ASN A 1 83  ? -11.55412 -7.69189  -21.85500 1.000 116.07704 ? 83  ASN A OD1 1 
ATOM   543  N ND2 . ASN A 1 83  ? -12.61834 -7.84481  -19.87597 1.000 96.91536  ? 83  ASN A ND2 1 
ATOM   544  N N   . PRO A 1 84  ? -10.04799 -7.99970  -17.60702 1.000 80.57752  ? 84  PRO A N   1 
ATOM   545  C CA  . PRO A 1 84  ? -9.73125  -7.05408  -16.53359 1.000 82.99598  ? 84  PRO A CA  1 
ATOM   546  C C   . PRO A 1 84  ? -8.51501  -7.57070  -15.78926 1.000 63.96288  ? 84  PRO A C   1 
ATOM   547  O O   . PRO A 1 84  ? -8.37917  -8.76510  -15.51890 1.000 63.72323  ? 84  PRO A O   1 
ATOM   548  C CB  . PRO A 1 84  ? -11.00662 -7.03577  -15.67848 1.000 68.34994  ? 84  PRO A CB  1 
ATOM   549  C CG  . PRO A 1 84  ? -11.94167 -8.06022  -16.30672 1.000 71.90520  ? 84  PRO A CG  1 
ATOM   550  C CD  . PRO A 1 84  ? -11.12681 -8.91399  -17.20641 1.000 70.84976  ? 84  PRO A CD  1 
ATOM   551  N N   . VAL A 1 85  ? -7.56737  -6.69001  -15.50437 1.000 61.52600  ? 85  VAL A N   1 
ATOM   552  C CA  . VAL A 1 85  ? -6.31685  -7.09573  -14.87433 1.000 57.56223  ? 85  VAL A CA  1 
ATOM   553  C C   . VAL A 1 85  ? -6.48911  -6.93467  -13.36089 1.000 53.65062  ? 85  VAL A C   1 
ATOM   554  O O   . VAL A 1 85  ? -6.72612  -5.81499  -12.89566 1.000 59.71651  ? 85  VAL A O   1 
ATOM   555  C CB  . VAL A 1 85  ? -5.14357  -6.27356  -15.40611 1.000 66.95444  ? 85  VAL A CB  1 
ATOM   556  C CG1 . VAL A 1 85  ? -3.85704  -6.91610  -15.01866 1.000 69.62452  ? 85  VAL A CG1 1 
ATOM   557  C CG2 . VAL A 1 85  ? -5.22369  -6.18413  -16.92831 1.000 75.56433  ? 85  VAL A CG2 1 
ATOM   558  N N   . PRO A 1 86  ? -6.40958  -8.01655  -12.59200 1.000 57.57276  ? 86  PRO A N   1 
ATOM   559  C CA  . PRO A 1 86  ? -6.73551  -7.93477  -11.16251 1.000 48.47169  ? 86  PRO A CA  1 
ATOM   560  C C   . PRO A 1 86  ? -5.55563  -7.40438  -10.36418 1.000 47.36575  ? 86  PRO A C   1 
ATOM   561  O O   . PRO A 1 86  ? -4.45892  -7.95643  -10.41406 1.000 51.73689  ? 86  PRO A O   1 
ATOM   562  C CB  . PRO A 1 86  ? -7.05807  -9.38941  -10.80780 1.000 49.57245  ? 86  PRO A CB  1 
ATOM   563  C CG  . PRO A 1 86  ? -6.23569  -10.18648 -11.75392 1.000 53.56329  ? 86  PRO A CG  1 
ATOM   564  C CD  . PRO A 1 86  ? -6.17277  -9.40230  -13.03385 1.000 59.98204  ? 86  PRO A CD  1 
ATOM   565  N N   . VAL A 1 87  ? -5.78548  -6.32545  -9.61778  1.000 57.06814  ? 87  VAL A N   1 
ATOM   566  C CA  . VAL A 1 87  ? -4.73335  -5.63221  -8.87016  1.000 53.02776  ? 87  VAL A CA  1 
ATOM   567  C C   . VAL A 1 87  ? -5.21002  -5.31112  -7.45584  1.000 54.31160  ? 87  VAL A C   1 
ATOM   568  O O   . VAL A 1 87  ? -6.34568  -5.60123  -7.06341  1.000 53.74374  ? 87  VAL A O   1 
ATOM   569  C CB  . VAL A 1 87  ? -4.30222  -4.32755  -9.55342  1.000 52.25761  ? 87  VAL A CB  1 
ATOM   570  C CG1 . VAL A 1 87  ? -4.07681  -4.55494  -11.02556 1.000 69.14478  ? 87  VAL A CG1 1 
ATOM   571  C CG2 . VAL A 1 87  ? -5.39314  -3.30653  -9.36652  1.000 55.76907  ? 87  VAL A CG2 1 
ATOM   572  N N   . VAL A 1 88  ? -4.33525  -4.64701  -6.70974  1.000 50.81613  ? 88  VAL A N   1 
ATOM   573  C CA  . VAL A 1 88  ? -4.62210  -4.24413  -5.34171  1.000 52.72391  ? 88  VAL A CA  1 
ATOM   574  C C   . VAL A 1 88  ? -4.02630  -2.86364  -5.10578  1.000 59.36443  ? 88  VAL A C   1 
ATOM   575  O O   . VAL A 1 88  ? -2.81817  -2.66536  -5.27013  1.000 55.35191  ? 88  VAL A O   1 
ATOM   576  C CB  . VAL A 1 88  ? -4.05561  -5.24854  -4.32622  1.000 51.64312  ? 88  VAL A CB  1 
ATOM   577  C CG1 . VAL A 1 88  ? -3.78153  -4.55757  -3.00528  1.000 54.95362  ? 88  VAL A CG1 1 
ATOM   578  C CG2 . VAL A 1 88  ? -5.01859  -6.41144  -4.15642  1.000 50.37313  ? 88  VAL A CG2 1 
ATOM   579  N N   . LEU A 1 89  ? -4.86412  -1.91494  -4.69799  1.000 59.50975  ? 89  LEU A N   1 
ATOM   580  C CA  . LEU A 1 89  ? -4.42614  -0.55008  -4.47197  1.000 60.64936  ? 89  LEU A CA  1 
ATOM   581  C C   . LEU A 1 89  ? -3.97521  -0.38453  -3.03765  1.000 59.29959  ? 89  LEU A C   1 
ATOM   582  O O   . LEU A 1 89  ? -4.66558  -0.81570  -2.11239  1.000 66.69211  ? 89  LEU A O   1 
ATOM   583  C CB  . LEU A 1 89  ? -5.53056  0.44668   -4.79672  1.000 68.76270  ? 89  LEU A CB  1 
ATOM   584  C CG  . LEU A 1 89  ? -5.69253  0.38960   -6.32077  1.000 78.74909  ? 89  LEU A CG  1 
ATOM   585  C CD1 . LEU A 1 89  ? -6.83589  -0.53460  -6.74325  1.000 66.38965  ? 89  LEU A CD1 1 
ATOM   586  C CD2 . LEU A 1 89  ? -5.80671  1.78467   -6.92041  1.000 89.79739  ? 89  LEU A CD2 1 
ATOM   587  N N   . LEU A 1 90  ? -2.79544  0.20151   -2.86492  1.000 56.10140  ? 90  LEU A N   1 
ATOM   588  C CA  . LEU A 1 90  ? -2.30262  0.62851   -1.55576  1.000 61.26015  ? 90  LEU A CA  1 
ATOM   589  C C   . LEU A 1 90  ? -2.66847  2.09725   -1.44081  1.000 72.64293  ? 90  LEU A C   1 
ATOM   590  O O   . LEU A 1 90  ? -1.98900  2.95874   -1.99503  1.000 95.33061  ? 90  LEU A O   1 
ATOM   591  C CB  . LEU A 1 90  ? -0.79729  0.40610   -1.44098  1.000 65.88964  ? 90  LEU A CB  1 
ATOM   592  C CG  . LEU A 1 90  ? -0.12092  0.97853   -0.18189  1.000 62.41460  ? 90  LEU A CG  1 
ATOM   593  C CD1 . LEU A 1 90  ? -0.46663  0.18809   1.08634   1.000 48.43689  ? 90  LEU A CD1 1 
ATOM   594  C CD2 . LEU A 1 90  ? 1.39843   1.07677   -0.35656  1.000 57.14720  ? 90  LEU A CD2 1 
ATOM   595  N N   . GLY A 1 91  ? -3.76119  2.39495   -0.73585  1.000 62.39535  ? 91  GLY A N   1 
ATOM   596  C CA  . GLY A 1 91  ? -4.37912  3.69487   -0.91276  1.000 60.55275  ? 91  GLY A CA  1 
ATOM   597  C C   . GLY A 1 91  ? -3.80240  4.80260   -0.06580  1.000 61.41587  ? 91  GLY A C   1 
ATOM   598  O O   . GLY A 1 91  ? -3.85222  5.98255   -0.43055  1.000 63.43905  ? 91  GLY A O   1 
ATOM   599  N N   . ARG A 1 92  ? -3.26119  4.41633   1.08112   1.000 57.33790  ? 92  ARG A N   1 
ATOM   600  C CA  . ARG A 1 92  ? -2.76168  5.32401   2.09782   1.000 62.02426  ? 92  ARG A CA  1 
ATOM   601  C C   . ARG A 1 92  ? -1.66852  4.60820   2.86198   1.000 71.55048  ? 92  ARG A C   1 
ATOM   602  O O   . ARG A 1 92  ? -1.84732  3.46144   3.27679   1.000 59.67095  ? 92  ARG A O   1 
ATOM   603  C CB  . ARG A 1 92  ? -3.85577  5.76149   3.09546   1.000 63.14446  ? 92  ARG A CB  1 
ATOM   604  C CG  . ARG A 1 92  ? -4.87377  6.73705   2.56619   1.000 61.88718  ? 92  ARG A CG  1 
ATOM   605  C CD  . ARG A 1 92  ? -6.14696  6.06477   2.14942   1.000 66.62420  ? 92  ARG A CD  1 
ATOM   606  N NE  . ARG A 1 92  ? -6.98530  7.02629   1.44587   1.000 76.59405  ? 92  ARG A NE  1 
ATOM   607  C CZ  . ARG A 1 92  ? -7.77932  6.73078   0.42659   1.000 90.02849  ? 92  ARG A CZ  1 
ATOM   608  N NH1 . ARG A 1 92  ? -7.94790  5.47817   0.02426   1.000 98.67557  ? 92  ARG A NH1 1 
ATOM   609  N NH2 . ARG A 1 92  ? -8.43706  7.71294   -0.18884  1.000 90.37112  ? 92  ARG A NH2 1 
ATOM   610  N N   . LEU A 1 93  ? -0.54585  5.29553   3.05022   1.000 75.87705  ? 93  LEU A N   1 
ATOM   611  C CA  . LEU A 1 93  ? 0.51410   4.82455   3.93637   1.000 60.20133  ? 93  LEU A CA  1 
ATOM   612  C C   . LEU A 1 93  ? 1.05363   6.03639   4.67701   1.000 65.46776  ? 93  LEU A C   1 
ATOM   613  O O   . LEU A 1 93  ? 1.58752   6.94591   4.04073   1.000 78.66629  ? 93  LEU A O   1 
ATOM   614  C CB  . LEU A 1 93  ? 1.60059   4.12877   3.13456   1.000 75.99431  ? 93  LEU A CB  1 
ATOM   615  C CG  . LEU A 1 93  ? 2.72507   3.42595   3.88131   1.000 72.15823  ? 93  LEU A CG  1 
ATOM   616  C CD1 . LEU A 1 93  ? 2.15904   2.28782   4.68752   1.000 64.89271  ? 93  LEU A CD1 1 
ATOM   617  C CD2 . LEU A 1 93  ? 3.71335   2.88982   2.85875   1.000 87.28594  ? 93  LEU A CD2 1 
ATOM   618  N N   . ALA A 1 94  ? 0.90311   6.05955   5.99973   1.000 61.23513  ? 94  ALA A N   1 
ATOM   619  C CA  . ALA A 1 94  ? 1.33702   7.20907   6.77412   1.000 62.16004  ? 94  ALA A CA  1 
ATOM   620  C C   . ALA A 1 94  ? 1.81984   6.76249   8.14639   1.000 70.50925  ? 94  ALA A C   1 
ATOM   621  O O   . ALA A 1 94  ? 1.43686   5.70339   8.64869   1.000 64.71637  ? 94  ALA A O   1 
ATOM   622  C CB  . ALA A 1 94  ? 0.21332   8.24034   6.91603   1.000 80.00666  ? 94  ALA A CB  1 
ATOM   623  N N   . VAL A 1 95  ? 2.65131   7.60677   8.76243   1.000 78.61946  ? 95  VAL A N   1 
ATOM   624  C CA  . VAL A 1 95  ? 3.28121   7.30827   10.04890  1.000 80.97884  ? 95  VAL A CA  1 
ATOM   625  C C   . VAL A 1 95  ? 3.31441   8.56556   10.90853  1.000 89.89480  ? 95  VAL A C   1 
ATOM   626  O O   . VAL A 1 95  ? 3.57816   9.66637   10.41119  1.000 103.57291 ? 95  VAL A O   1 
ATOM   627  C CB  . VAL A 1 95  ? 4.70398   6.74126   9.85658   1.000 96.63755  ? 95  VAL A CB  1 
ATOM   628  C CG1 . VAL A 1 95  ? 5.60613   7.11944   11.01824  1.000 88.46761  ? 95  VAL A CG1 1 
ATOM   629  C CG2 . VAL A 1 95  ? 4.64763   5.23134   9.72630   1.000 95.38081  ? 95  VAL A CG2 1 
ATOM   630  N N   . ASP A 1 96  ? 3.08452   8.39098   12.20807  1.000 85.12821  ? 96  ASP A N   1 
ATOM   631  C CA  . ASP A 1 96  ? 2.98245   9.53033   13.10498  1.000 94.04483  ? 96  ASP A CA  1 
ATOM   632  C C   . ASP A 1 96  ? 4.32126   10.26061  13.20458  1.000 90.98462  ? 96  ASP A C   1 
ATOM   633  O O   . ASP A 1 96  ? 5.39535   9.65533   13.16251  1.000 101.08997 ? 96  ASP A O   1 
ATOM   634  C CB  . ASP A 1 96  ? 2.52318   9.07246   14.49099  1.000 94.48724  ? 96  ASP A CB  1 
ATOM   635  C CG  . ASP A 1 96  ? 2.61334   10.17785  15.53172  1.000 103.20458 ? 96  ASP A CG  1 
ATOM   636  O OD1 . ASP A 1 96  ? 3.71880   10.63750  15.87009  1.000 114.53605 ? 96  ASP A OD1 1 
ATOM   637  O OD2 . ASP A 1 96  ? 1.54529   10.60409  16.01654  1.000 102.05434 ? 96  ASP A OD2 1 
ATOM   638  N N   . VAL A 1 97  ? 4.24444   11.58536  13.36248  1.000 94.07217  ? 97  VAL A N   1 
ATOM   639  C CA  . VAL A 1 97  ? 5.43394   12.43007  13.37602  1.000 91.79839  ? 97  VAL A CA  1 
ATOM   640  C C   . VAL A 1 97  ? 6.32323   12.21142  14.59724  1.000 92.50364  ? 97  VAL A C   1 
ATOM   641  O O   . VAL A 1 97  ? 7.46526   12.68440  14.60148  1.000 90.77626  ? 97  VAL A O   1 
ATOM   642  C CB  . VAL A 1 97  ? 5.01451   13.91025  13.27594  1.000 79.42057  ? 97  VAL A CB  1 
ATOM   643  C CG1 . VAL A 1 97  ? 4.73902   14.48680  14.66180  1.000 80.06772  ? 97  VAL A CG1 1 
ATOM   644  C CG2 . VAL A 1 97  ? 6.06146   14.71287  12.52177  1.000 78.33081  ? 97  VAL A CG2 1 
ATOM   645  N N   . CYS A 1 98  ? 5.84398   11.50215  15.62825  1.000 85.63699  ? 98  CYS A N   1 
ATOM   646  C CA  . CYS A 1 98  ? 6.64088   11.21743  16.82194  1.000 96.58576  ? 98  CYS A CA  1 
ATOM   647  C C   . CYS A 1 98  ? 7.46032   9.94114   16.69543  1.000 112.51878 ? 98  CYS A C   1 
ATOM   648  O O   . CYS A 1 98  ? 8.10572   9.53503   17.67354  1.000 91.99289  ? 98  CYS A O   1 
ATOM   649  C CB  . CYS A 1 98  ? 5.75091   11.11171  18.06827  1.000 105.04689 ? 98  CYS A CB  1 
ATOM   650  S SG  . CYS A 1 98  ? 5.04590   9.45197   18.39036  1.000 95.31031  ? 98  CYS A SG  1 
ATOM   651  N N   . THR A 1 99  ? 7.40329   9.28570   15.53468  1.000 130.53756 ? 99  THR A N   1 
ATOM   652  C CA  . THR A 1 99  ? 8.32253   8.22242   15.13233  1.000 121.13158 ? 99  THR A CA  1 
ATOM   653  C C   . THR A 1 99  ? 8.94702   8.65138   13.81275  1.000 110.42117 ? 99  THR A C   1 
ATOM   654  O O   . THR A 1 99  ? 8.25000   8.74669   12.79513  1.000 112.13556 ? 99  THR A O   1 
ATOM   655  C CB  . THR A 1 99  ? 7.60991   6.87508   14.97164  1.000 113.94050 ? 99  THR A CB  1 
ATOM   656  O OG1 . THR A 1 99  ? 7.19753   6.72011   13.61109  1.000 105.97119 ? 99  THR A OG1 1 
ATOM   657  C CG2 . THR A 1 99  ? 6.38961   6.78018   15.87884  1.000 96.69293  ? 99  THR A CG2 1 
ATOM   658  N N   . ARG A 1 100 ? 10.24483  8.93571   13.83095  1.000 93.39639  ? 100 ARG A N   1 
ATOM   659  C CA  . ARG A 1 100 ? 10.84897  9.56657   12.66679  1.000 109.18645 ? 100 ARG A CA  1 
ATOM   660  C C   . ARG A 1 100 ? 11.87585  8.65429   12.01491  1.000 104.27476 ? 100 ARG A C   1 
ATOM   661  O O   . ARG A 1 100 ? 11.57205  7.93430   11.05289  1.000 101.90460 ? 100 ARG A O   1 
ATOM   662  C CB  . ARG A 1 100 ? 11.48927  10.89737  13.06904  1.000 103.75484 ? 100 ARG A CB  1 
ATOM   663  N N   . GLY A 1 101 ? 13.10227  8.70990   12.53120  1.000 109.19261 ? 101 GLY A N   1 
ATOM   664  C CA  . GLY A 1 101 ? 14.17689  7.83988   12.10985  1.000 104.75107 ? 101 GLY A CA  1 
ATOM   665  C C   . GLY A 1 101 ? 14.01063  6.40317   12.53415  1.000 109.54871 ? 101 GLY A C   1 
ATOM   666  O O   . GLY A 1 101 ? 14.82491  5.56180   12.13839  1.000 119.67819 ? 101 GLY A O   1 
ATOM   667  N N   . HIS A 1 102 ? 12.98635  6.10071   13.33537  1.000 112.58949 ? 102 HIS A N   1 
ATOM   668  C CA  . HIS A 1 102 ? 12.65705  4.70522   13.59316  1.000 102.92101 ? 102 HIS A CA  1 
ATOM   669  C C   . HIS A 1 102 ? 12.32382  3.96443   12.30040  1.000 113.91640 ? 102 HIS A C   1 
ATOM   670  O O   . HIS A 1 102 ? 12.49022  2.73795   12.24172  1.000 106.69961 ? 102 HIS A O   1 
ATOM   671  C CB  . HIS A 1 102 ? 11.50232  4.61242   14.59735  1.000 91.55908  ? 102 HIS A CB  1 
ATOM   672  C CG  . HIS A 1 102 ? 11.86355  5.06979   15.97893  1.000 97.88066  ? 102 HIS A CG  1 
ATOM   673  N ND1 . HIS A 1 102 ? 12.34077  6.33543   16.24900  1.000 100.62530 ? 102 HIS A ND1 1 
ATOM   674  C CD2 . HIS A 1 102 ? 11.83949  4.41743   17.16678  1.000 98.97933  ? 102 HIS A CD2 1 
ATOM   675  C CE1 . HIS A 1 102 ? 12.57947  6.44872   17.54476  1.000 104.13063 ? 102 HIS A CE1 1 
ATOM   676  N NE2 . HIS A 1 102 ? 12.28326  5.29848   18.12428  1.000 109.04642 ? 102 HIS A NE2 1 
ATOM   677  N N   . GLY A 1 103 ? 11.89353  4.69047   11.25582  1.000 114.13229 ? 103 GLY A N   1 
ATOM   678  C CA  . GLY A 1 103 ? 11.61812  4.11000   9.95429   1.000 103.64185 ? 103 GLY A CA  1 
ATOM   679  C C   . GLY A 1 103 ? 10.50571  3.08053   9.95701   1.000 109.85864 ? 103 GLY A C   1 
ATOM   680  O O   . GLY A 1 103 ? 10.69613  1.94143   9.50908   1.000 87.58194  ? 103 GLY A O   1 
ATOM   681  N N   . PHE A 1 104 ? 9.33549   3.46657   10.47040  1.000 104.03037 ? 104 PHE A N   1 
ATOM   682  C CA  . PHE A 1 104 ? 8.20956   2.54606   10.50564  1.000 80.86057  ? 104 PHE A CA  1 
ATOM   683  C C   . PHE A 1 104 ? 7.44229   2.51459   9.19830   1.000 75.41058  ? 104 PHE A C   1 
ATOM   684  O O   . PHE A 1 104 ? 6.54614   1.67682   9.04910   1.000 79.65799  ? 104 PHE A O   1 
ATOM   685  C CB  . PHE A 1 104 ? 7.27165   2.91536   11.65188  1.000 98.32401  ? 104 PHE A CB  1 
ATOM   686  C CG  . PHE A 1 104 ? 7.82581   2.60334   13.00720  1.000 91.24001  ? 104 PHE A CG  1 
ATOM   687  C CD1 . PHE A 1 104 ? 8.85429   1.68650   13.15659  1.000 84.85977  ? 104 PHE A CD1 1 
ATOM   688  C CD2 . PHE A 1 104 ? 7.35260   3.27220   14.12563  1.000 87.22246  ? 104 PHE A CD2 1 
ATOM   689  C CE1 . PHE A 1 104 ? 9.37395   1.41105   14.40012  1.000 87.98517  ? 104 PHE A CE1 1 
ATOM   690  C CE2 . PHE A 1 104 ? 7.86927   3.01207   15.37282  1.000 88.42381  ? 104 PHE A CE2 1 
ATOM   691  C CZ  . PHE A 1 104 ? 8.88340   2.07958   15.51369  1.000 94.35973  ? 104 PHE A CZ  1 
ATOM   692  N N   . GLY A 1 105 ? 7.76972   3.39969   8.25412   1.000 77.49433  ? 105 GLY A N   1 
ATOM   693  C CA  . GLY A 1 105 ? 7.14792   3.32358   6.93632   1.000 92.02013  ? 105 GLY A CA  1 
ATOM   694  C C   . GLY A 1 105 ? 7.52375   2.05188   6.19814   1.000 78.77299  ? 105 GLY A C   1 
ATOM   695  O O   . GLY A 1 105 ? 6.65457   1.30051   5.74593   1.000 72.68246  ? 105 GLY A O   1 
ATOM   696  N N   . LYS A 1 106 ? 8.83605   1.78995   6.08485   1.000 89.51324  ? 106 LYS A N   1 
ATOM   697  C CA  . LYS A 1 106 ? 9.33080   0.56097   5.46754   1.000 71.22596  ? 106 LYS A CA  1 
ATOM   698  C C   . LYS A 1 106 ? 8.77882   -0.67136  6.16781   1.000 76.15895  ? 106 LYS A C   1 
ATOM   699  O O   . LYS A 1 106 ? 8.50756   -1.69129  5.51805   1.000 83.10475  ? 106 LYS A O   1 
ATOM   700  C CB  . LYS A 1 106 ? 10.86738  0.54773   5.48549   1.000 68.06156  ? 106 LYS A CB  1 
ATOM   701  N N   . TRP A 1 107 ? 8.59825   -0.59002  7.48633   1.000 70.67567  ? 107 TRP A N   1 
ATOM   702  C CA  . TRP A 1 107 ? 7.95707   -1.66856  8.22979   1.000 65.01405  ? 107 TRP A CA  1 
ATOM   703  C C   . TRP A 1 107 ? 6.51960   -1.87973  7.78797   1.000 69.38337  ? 107 TRP A C   1 
ATOM   704  O O   . TRP A 1 107 ? 6.04211   -3.02246  7.74209   1.000 68.98480  ? 107 TRP A O   1 
ATOM   705  C CB  . TRP A 1 107 ? 7.98742   -1.36587  9.72570   1.000 77.25932  ? 107 TRP A CB  1 
ATOM   706  C CG  . TRP A 1 107 ? 9.27778   -1.63300  10.36185  1.000 76.58614  ? 107 TRP A CG  1 
ATOM   707  C CD1 . TRP A 1 107 ? 10.50556  -1.58787  9.77128   1.000 92.53709  ? 107 TRP A CD1 1 
ATOM   708  C CD2 . TRP A 1 107 ? 9.49658   -1.99561  11.72502  1.000 85.73487  ? 107 TRP A CD2 1 
ATOM   709  N NE1 . TRP A 1 107 ? 11.47826  -1.90856  10.68314  1.000 88.09101  ? 107 TRP A NE1 1 
ATOM   710  C CE2 . TRP A 1 107 ? 10.88560  -2.15905  11.89336  1.000 93.10643  ? 107 TRP A CE2 1 
ATOM   711  C CE3 . TRP A 1 107 ? 8.65383   -2.20285  12.82296  1.000 94.51325  ? 107 TRP A CE3 1 
ATOM   712  C CZ2 . TRP A 1 107 ? 11.45529  -2.51318  13.11905  1.000 82.50797  ? 107 TRP A CZ2 1 
ATOM   713  C CZ3 . TRP A 1 107 ? 9.22108   -2.56177  14.03988  1.000 89.43037  ? 107 TRP A CZ3 1 
ATOM   714  C CH2 . TRP A 1 107 ? 10.60737  -2.71019  14.17539  1.000 83.07980  ? 107 TRP A CH2 1 
ATOM   715  N N   . LEU A 1 108 ? 5.79339   -0.78909  7.50312   1.000 67.86369  ? 108 LEU A N   1 
ATOM   716  C CA  . LEU A 1 108 ? 4.40163   -0.94555  7.08808   1.000 69.21320  ? 108 LEU A CA  1 
ATOM   717  C C   . LEU A 1 108 ? 4.31611   -1.43952  5.65394   1.000 64.74907  ? 108 LEU A C   1 
ATOM   718  O O   . LEU A 1 108 ? 3.45198   -2.26378  5.33027   1.000 72.07291  ? 108 LEU A O   1 
ATOM   719  C CB  . LEU A 1 108 ? 3.60678   0.35690   7.23362   1.000 62.49478  ? 108 LEU A CB  1 
ATOM   720  C CG  . LEU A 1 108 ? 3.05316   0.86387   8.56512   1.000 64.05164  ? 108 LEU A CG  1 
ATOM   721  C CD1 . LEU A 1 108 ? 2.66685   2.31962   8.38415   1.000 62.04191  ? 108 LEU A CD1 1 
ATOM   722  C CD2 . LEU A 1 108 ? 1.87281   0.04661   9.07988   1.000 54.73037  ? 108 LEU A CD2 1 
ATOM   723  N N   . LEU A 1 109 ? 5.20437   -0.95836  4.78017   1.000 58.34500  ? 109 LEU A N   1 
ATOM   724  C CA  . LEU A 1 109 ? 5.15800   -1.39453  3.38951   1.000 56.18894  ? 109 LEU A CA  1 
ATOM   725  C C   . LEU A 1 109 ? 5.58440   -2.84904  3.25083   1.000 56.03142  ? 109 LEU A C   1 
ATOM   726  O O   . LEU A 1 109 ? 5.08154   -3.56745  2.37344   1.000 50.42058  ? 109 LEU A O   1 
ATOM   727  C CB  . LEU A 1 109 ? 6.03381   -0.50001  2.53476   1.000 53.50885  ? 109 LEU A CB  1 
ATOM   728  C CG  . LEU A 1 109 ? 5.97858   -0.78622  1.04923   1.000 53.00662  ? 109 LEU A CG  1 
ATOM   729  C CD1 . LEU A 1 109 ? 4.56001   -0.81956  0.50019   1.000 42.95109  ? 109 LEU A CD1 1 
ATOM   730  C CD2 . LEU A 1 109 ? 6.85672   0.21973   0.32951   1.000 47.54078  ? 109 LEU A CD2 1 
ATOM   731  N N   . SER A 1 110 ? 6.50176   -3.30797  4.10708   1.000 55.75979  ? 110 SER A N   1 
ATOM   732  C CA  . SER A 1 110 ? 6.77908   -4.73838  4.16328   1.000 59.06698  ? 110 SER A CA  1 
ATOM   733  C C   . SER A 1 110 ? 5.50047   -5.50431  4.47267   1.000 65.32567  ? 110 SER A C   1 
ATOM   734  O O   . SER A 1 110 ? 5.06250   -6.35024  3.68301   1.000 63.92450  ? 110 SER A O   1 
ATOM   735  C CB  . SER A 1 110 ? 7.85502   -5.04012  5.20913   1.000 54.91059  ? 110 SER A CB  1 
ATOM   736  O OG  . SER A 1 110 ? 8.59609   -6.20674  4.87179   1.000 73.46476  ? 110 SER A OG  1 
ATOM   737  N N   . ASP A 1 111 ? 4.85828   -5.17458  5.59405   1.000 54.11816  ? 111 ASP A N   1 
ATOM   738  C CA  . ASP A 1 111 ? 3.65803   -5.88906  6.00046   1.000 55.22859  ? 111 ASP A CA  1 
ATOM   739  C C   . ASP A 1 111 ? 2.61839   -5.89657  4.88999   1.000 50.51565  ? 111 ASP A C   1 
ATOM   740  O O   . ASP A 1 111 ? 2.07450   -6.95203  4.54355   1.000 52.80844  ? 111 ASP A O   1 
ATOM   741  C CB  . ASP A 1 111 ? 3.09184   -5.25010  7.27342   1.000 65.20081  ? 111 ASP A CB  1 
ATOM   742  C CG  . ASP A 1 111 ? 1.84417   -5.93606  7.75243   1.000 66.61449  ? 111 ASP A CG  1 
ATOM   743  O OD1 . ASP A 1 111 ? 1.96871   -7.07893  8.24866   1.000 54.21240  ? 111 ASP A OD1 1 
ATOM   744  O OD2 . ASP A 1 111 ? 0.74577   -5.33851  7.59176   1.000 57.02556  ? 111 ASP A OD2 1 
ATOM   745  N N   . ALA A 1 112 ? 2.36481   -4.73377  4.29379   1.000 50.43970  ? 112 ALA A N   1 
ATOM   746  C CA  . ALA A 1 112 ? 1.40841   -4.62871  3.19376   1.000 53.99136  ? 112 ALA A CA  1 
ATOM   747  C C   . ALA A 1 112 ? 1.77395   -5.54145  2.02727   1.000 53.41870  ? 112 ALA A C   1 
ATOM   748  O O   . ALA A 1 112 ? 0.92382   -6.29082  1.52737   1.000 54.73592  ? 112 ALA A O   1 
ATOM   749  C CB  . ALA A 1 112 ? 1.32423   -3.17822  2.72851   1.000 49.31171  ? 112 ALA A CB  1 
ATOM   750  N N   . ILE A 1 113 ? 3.02225   -5.47370  1.54777   1.000 50.66940  ? 113 ILE A N   1 
ATOM   751  C CA  . ILE A 1 113 ? 3.37102   -6.28038  0.38166   1.000 43.03246  ? 113 ILE A CA  1 
ATOM   752  C C   . ILE A 1 113 ? 3.24600   -7.75351  0.71780   1.000 46.12362  ? 113 ILE A C   1 
ATOM   753  O O   . ILE A 1 113 ? 2.52624   -8.49365  0.04167   1.000 60.42490  ? 113 ILE A O   1 
ATOM   754  C CB  . ILE A 1 113 ? 4.77040   -5.93524  -0.15481  1.000 58.46477  ? 113 ILE A CB  1 
ATOM   755  C CG1 . ILE A 1 113 ? 4.73776   -4.60335  -0.91730  1.000 46.75883  ? 113 ILE A CG1 1 
ATOM   756  C CG2 . ILE A 1 113 ? 5.28587   -7.07218  -1.05867  1.000 50.58672  ? 113 ILE A CG2 1 
ATOM   757  C CD1 . ILE A 1 113 ? 3.67467   -4.49521  -1.99729  1.000 40.98507  ? 113 ILE A CD1 1 
ATOM   758  N N   . HIS A 1 114 ? 3.91043   -8.19966  1.78532   1.000 46.43868  ? 114 HIS A N   1 
ATOM   759  C CA  . HIS A 1 114 ? 3.70791   -9.57174  2.25038   1.000 46.09457  ? 114 HIS A CA  1 
ATOM   760  C C   . HIS A 1 114 ? 2.23304   -9.92694  2.30136   1.000 55.86063  ? 114 HIS A C   1 
ATOM   761  O O   . HIS A 1 114 ? 1.82626   -10.96657 1.78204   1.000 54.64138  ? 114 HIS A O   1 
ATOM   762  C CB  . HIS A 1 114 ? 4.37222   -9.77825  3.60851   1.000 49.69351  ? 114 HIS A CB  1 
ATOM   763  C CG  . HIS A 1 114 ? 5.85258   -9.80981  3.49152   1.000 73.60104  ? 114 HIS A CG  1 
ATOM   764  N ND1 . HIS A 1 114 ? 6.58791   -8.68328  3.18295   1.000 81.99416  ? 114 HIS A ND1 1 
ATOM   765  C CD2 . HIS A 1 114 ? 6.71898   -10.85048 3.45070   1.000 73.97246  ? 114 HIS A CD2 1 
ATOM   766  C CE1 . HIS A 1 114 ? 7.85922   -9.01758  3.03794   1.000 88.97451  ? 114 HIS A CE1 1 
ATOM   767  N NE2 . HIS A 1 114 ? 7.96431   -10.32787 3.19038   1.000 76.48982  ? 114 HIS A NE2 1 
ATOM   768  N N   . ARG A 1 115 ? 1.40915   -9.03783  2.86282   1.000 61.57647  ? 115 ARG A N   1 
ATOM   769  C CA  . ARG A 1 115 ? -0.02703  -9.27897  2.93543   1.000 52.91611  ? 115 ARG A CA  1 
ATOM   770  C C   . ARG A 1 115 ? -0.58975  -9.58182  1.55529   1.000 51.57879  ? 115 ARG A C   1 
ATOM   771  O O   . ARG A 1 115 ? -1.21529  -10.62608 1.33870   1.000 65.41777  ? 115 ARG A O   1 
ATOM   772  C CB  . ARG A 1 115 ? -0.71824  -8.08094  3.57674   1.000 46.48333  ? 115 ARG A CB  1 
ATOM   773  C CG  . ARG A 1 115 ? -2.20167  -8.27406  3.91101   1.000 60.13571  ? 115 ARG A CG  1 
ATOM   774  C CD  . ARG A 1 115 ? -2.64165  -7.26626  4.99083   1.000 51.71155  ? 115 ARG A CD  1 
ATOM   775  N NE  . ARG A 1 115 ? -2.82109  -7.94793  6.26270   1.000 49.73674  ? 115 ARG A NE  1 
ATOM   776  C CZ  . ARG A 1 115 ? -2.02146  -7.79671  7.31125   1.000 63.13951  ? 115 ARG A CZ  1 
ATOM   777  N NH1 . ARG A 1 115 ? -0.99927  -6.95173  7.28702   1.000 53.32340  ? 115 ARG A NH1 1 
ATOM   778  N NH2 . ARG A 1 115 ? -2.23088  -8.53973  8.40099   1.000 69.72766  ? 115 ARG A NH2 1 
ATOM   779  N N   . VAL A 1 116 ? -0.33064  -8.70560  0.58660   1.000 60.96115  ? 116 VAL A N   1 
ATOM   780  C CA  . VAL A 1 116 ? -0.90784  -8.89006  -0.74846  1.000 50.14682  ? 116 VAL A CA  1 
ATOM   781  C C   . VAL A 1 116 ? -0.36307  -10.13974 -1.40740  1.000 46.44117  ? 116 VAL A C   1 
ATOM   782  O O   . VAL A 1 116 ? -1.02040  -10.73608 -2.26877  1.000 48.26967  ? 116 VAL A O   1 
ATOM   783  C CB  . VAL A 1 116 ? -0.64526  -7.63851  -1.59741  1.000 58.49162  ? 116 VAL A CB  1 
ATOM   784  C CG1 . VAL A 1 116 ? -1.29794  -7.76926  -2.97610  1.000 53.57219  ? 116 VAL A CG1 1 
ATOM   785  C CG2 . VAL A 1 116 ? -1.17488  -6.43193  -0.84750  1.000 48.69900  ? 116 VAL A CG2 1 
ATOM   786  N N   . VAL A 1 117 ? 0.83606   -10.57088 -1.01450  1.000 58.78719  ? 117 VAL A N   1 
ATOM   787  C CA  . VAL A 1 117 ? 1.37926   -11.76893 -1.64323  1.000 64.46850  ? 117 VAL A CA  1 
ATOM   788  C C   . VAL A 1 117 ? 0.63874   -13.00254 -1.13918  1.000 55.82778  ? 117 VAL A C   1 
ATOM   789  O O   . VAL A 1 117 ? 0.25742   -13.88040 -1.92391  1.000 62.47789  ? 117 VAL A O   1 
ATOM   790  C CB  . VAL A 1 117 ? 2.89839   -11.83916 -1.42182  1.000 46.66585  ? 117 VAL A CB  1 
ATOM   791  C CG1 . VAL A 1 117 ? 3.43155   -13.17402 -1.81670  1.000 60.05472  ? 117 VAL A CG1 1 
ATOM   792  C CG2 . VAL A 1 117 ? 3.55453   -10.76562 -2.25458  1.000 44.69409  ? 117 VAL A CG2 1 
ATOM   793  N N   . ASN A 1 118 ? 0.37110   -13.05941 0.16421   1.000 57.64998  ? 118 ASN A N   1 
ATOM   794  C CA  . ASN A 1 118 ? -0.51916  -14.08629 0.70197   1.000 58.14314  ? 118 ASN A CA  1 
ATOM   795  C C   . ASN A 1 118 ? -1.88289  -14.00746 0.05457   1.000 57.14307  ? 118 ASN A C   1 
ATOM   796  O O   . ASN A 1 118 ? -2.48317  -15.03177 -0.30293  1.000 62.26087  ? 118 ASN A O   1 
ATOM   797  C CB  . ASN A 1 118 ? -0.66474  -13.90435 2.20547   1.000 53.73887  ? 118 ASN A CB  1 
ATOM   798  C CG  . ASN A 1 118 ? 0.60783   -14.18121 2.91893   1.000 61.06547  ? 118 ASN A CG  1 
ATOM   799  O OD1 . ASN A 1 118 ? 1.55242   -14.70416 2.32737   1.000 77.39839  ? 118 ASN A OD1 1 
ATOM   800  N ND2 . ASN A 1 118 ? 0.66272   -13.84439 4.20273   1.000 81.15559  ? 118 ASN A ND2 1 
ATOM   801  N N   . LEU A 1 119 ? -2.41244  -12.79377 -0.03835  1.000 58.19548  ? 119 LEU A N   1 
ATOM   802  C CA  . LEU A 1 119 ? -3.63832  -12.57229 -0.77819  1.000 48.38897  ? 119 LEU A CA  1 
ATOM   803  C C   . LEU A 1 119 ? -3.60378  -13.30527 -2.10252  1.000 48.79871  ? 119 LEU A C   1 
ATOM   804  O O   . LEU A 1 119 ? -4.46188  -14.14204 -2.37758  1.000 56.53058  ? 119 LEU A O   1 
ATOM   805  C CB  . LEU A 1 119 ? -3.79808  -11.08004 -0.99768  1.000 57.39193  ? 119 LEU A CB  1 
ATOM   806  C CG  . LEU A 1 119 ? -4.98604  -10.53120 -1.73973  1.000 57.32711  ? 119 LEU A CG  1 
ATOM   807  C CD1 . LEU A 1 119 ? -6.17847  -11.01757 -1.02899  1.000 66.36552  ? 119 LEU A CD1 1 
ATOM   808  C CD2 . LEU A 1 119 ? -4.90123  -9.05404  -1.63307  1.000 72.88699  ? 119 LEU A CD2 1 
ATOM   809  N N   . ALA A 1 120 ? -2.57190  -13.05169 -2.90962  1.000 57.50455  ? 120 ALA A N   1 
ATOM   810  C CA  . ALA A 1 120 ? -2.46643  -13.64569 -4.24087  1.000 57.03318  ? 120 ALA A CA  1 
ATOM   811  C C   . ALA A 1 120 ? -2.35822  -15.16768 -4.21800  1.000 54.81895  ? 120 ALA A C   1 
ATOM   812  O O   . ALA A 1 120 ? -2.44233  -15.79387 -5.27654  1.000 64.00752  ? 120 ALA A O   1 
ATOM   813  C CB  . ALA A 1 120 ? -1.27222  -13.06227 -4.98466  1.000 55.05234  ? 120 ALA A CB  1 
ATOM   814  N N   . ASP A 1 121 ? -2.18027  -15.78291 -3.05758  1.000 58.96183  ? 121 ASP A N   1 
ATOM   815  C CA  . ASP A 1 121 ? -2.25786  -17.22833 -2.96963  1.000 57.46461  ? 121 ASP A CA  1 
ATOM   816  C C   . ASP A 1 121 ? -3.64113  -17.69454 -2.62050  1.000 59.17771  ? 121 ASP A C   1 
ATOM   817  O O   . ASP A 1 121 ? -3.82831  -18.85290 -2.22931  1.000 78.46971  ? 121 ASP A O   1 
ATOM   818  C CB  . ASP A 1 121 ? -1.23875  -17.74355 -1.97117  1.000 60.11887  ? 121 ASP A CB  1 
ATOM   819  C CG  . ASP A 1 121 ? 0.09510   -17.91070 -2.61784  1.000 97.41578  ? 121 ASP A CG  1 
ATOM   820  O OD1 . ASP A 1 121 ? 0.49531   -19.07383 -2.86371  1.000 107.74183 ? 121 ASP A OD1 1 
ATOM   821  O OD2 . ASP A 1 121 ? 0.69170   -16.86379 -2.98032  1.000 103.80354 ? 121 ASP A OD2 1 
ATOM   822  N N   . GLN A 1 122 ? -4.60151  -16.81294 -2.72999  1.000 54.60158  ? 122 GLN A N   1 
ATOM   823  C CA  . GLN A 1 122 ? -5.99862  -17.13965 -2.58023  1.000 51.19269  ? 122 GLN A CA  1 
ATOM   824  C C   . GLN A 1 122 ? -6.78490  -16.78172 -3.81517  1.000 52.85634  ? 122 GLN A C   1 
ATOM   825  O O   . GLN A 1 122 ? -7.76818  -17.44757 -4.11971  1.000 66.92334  ? 122 GLN A O   1 
ATOM   826  C CB  . GLN A 1 122 ? -6.58237  -16.40910 -1.37483  1.000 51.97552  ? 122 GLN A CB  1 
ATOM   827  C CG  . GLN A 1 122 ? -5.70394  -16.48772 -0.14497  1.000 51.40000  ? 122 GLN A CG  1 
ATOM   828  C CD  . GLN A 1 122 ? -5.73898  -17.85769 0.45240   1.000 54.03713  ? 122 GLN A CD  1 
ATOM   829  O OE1 . GLN A 1 122 ? -6.71595  -18.58293 0.28513   1.000 64.73492  ? 122 GLN A OE1 1 
ATOM   830  N NE2 . GLN A 1 122 ? -4.69014  -18.22906 1.17659   1.000 84.49869  ? 122 GLN A NE2 1 
ATOM   831  N N   . VAL A 1 123 ? -6.31711  -15.80076 -4.58618  1.000 71.47659  ? 123 VAL A N   1 
ATOM   832  C CA  . VAL A 1 123 ? -7.07576  -15.20610 -5.68093  1.000 72.89043  ? 123 VAL A CA  1 
ATOM   833  C C   . VAL A 1 123 ? -6.03849  -14.62097 -6.63114  1.000 52.86432  ? 123 VAL A C   1 
ATOM   834  O O   . VAL A 1 123 ? -4.91278  -14.33586 -6.24028  1.000 55.86686  ? 123 VAL A O   1 
ATOM   835  C CB  . VAL A 1 123 ? -8.05591  -14.12332 -5.11116  1.000 70.00696  ? 123 VAL A CB  1 
ATOM   836  C CG1 . VAL A 1 123 ? -7.49216  -12.71220 -5.27102  1.000 49.04852  ? 123 VAL A CG1 1 
ATOM   837  C CG2 . VAL A 1 123 ? -9.49202  -14.28354 -5.62835  1.000 56.62194  ? 123 VAL A CG2 1 
ATOM   838  N N   . GLY A 1 124 ? -6.39774  -14.45930 -7.88871  1.000 57.20528  ? 124 GLY A N   1 
ATOM   839  C CA  . GLY A 1 124 ? -5.39276  -13.97095 -8.83159  1.000 60.76594  ? 124 GLY A CA  1 
ATOM   840  C C   . GLY A 1 124 ? -5.08817  -12.48946 -8.69363  1.000 58.81890  ? 124 GLY A C   1 
ATOM   841  O O   . GLY A 1 124 ? -5.99183  -11.65884 -8.85866  1.000 57.87859  ? 124 GLY A O   1 
ATOM   842  N N   . ILE A 1 125 ? -3.84396  -12.12878 -8.37751  1.000 54.06540  ? 125 ILE A N   1 
ATOM   843  C CA  . ILE A 1 125 ? -3.48540  -10.71960 -8.22241  1.000 57.14279  ? 125 ILE A CA  1 
ATOM   844  C C   . ILE A 1 125 ? -2.17247  -10.46280 -8.94627  1.000 57.88408  ? 125 ILE A C   1 
ATOM   845  O O   . ILE A 1 125 ? -1.15831  -11.10054 -8.64789  1.000 58.98741  ? 125 ILE A O   1 
ATOM   846  C CB  . ILE A 1 125 ? -3.37580  -10.28490 -6.74783  1.000 54.70808  ? 125 ILE A CB  1 
ATOM   847  C CG1 . ILE A 1 125 ? -4.73784  -10.43856 -6.08919  1.000 54.63254  ? 125 ILE A CG1 1 
ATOM   848  C CG2 . ILE A 1 125 ? -2.99730  -8.79365  -6.65591  1.000 50.96347  ? 125 ILE A CG2 1 
ATOM   849  C CD1 . ILE A 1 125 ? -5.70276  -9.36471  -6.47821  1.000 65.21932  ? 125 ILE A CD1 1 
ATOM   850  N N   . LYS A 1 126 ? -2.18486  -9.50601  -9.87477  1.000 55.63187  ? 126 LYS A N   1 
ATOM   851  C CA  . LYS A 1 126 ? -1.09669  -9.31335  -10.81684 1.000 54.59110  ? 126 LYS A CA  1 
ATOM   852  C C   . LYS A 1 126 ? -0.13343  -8.19916  -10.43131 1.000 49.82167  ? 126 LYS A C   1 
ATOM   853  O O   . LYS A 1 126 ? 1.02847   -8.24194  -10.84535 1.000 54.46814  ? 126 LYS A O   1 
ATOM   854  C CB  . LYS A 1 126 ? -1.65123  -9.05046  -12.21691 1.000 56.01876  ? 126 LYS A CB  1 
ATOM   855  C CG  . LYS A 1 126 ? -1.90559  -10.32126 -13.02393 1.000 68.81480  ? 126 LYS A CG  1 
ATOM   856  C CD  . LYS A 1 126 ? -2.47316  -9.99072  -14.43179 1.000 95.43173  ? 126 LYS A CD  1 
ATOM   857  C CE  . LYS A 1 126 ? -1.70322  -10.68019 -15.58866 1.000 96.76974  ? 126 LYS A CE  1 
ATOM   858  N NZ  . LYS A 1 126 ? -2.24347  -10.46821 -16.97794 1.000 73.75700  ? 126 LYS A NZ  1 
ATOM   859  N N   . ALA A 1 127 ? -0.56651  -7.22506  -9.64377  1.000 51.23416  ? 127 ALA A N   1 
ATOM   860  C CA  . ALA A 1 127 ? 0.31308   -6.18211  -9.14632  1.000 45.39448  ? 127 ALA A CA  1 
ATOM   861  C C   . ALA A 1 127 ? -0.39678  -5.40223  -8.04590  1.000 45.74630  ? 127 ALA A C   1 
ATOM   862  O O   . ALA A 1 127 ? -1.61937  -5.46433  -7.90247  1.000 51.07684  ? 127 ALA A O   1 
ATOM   863  C CB  . ALA A 1 127 ? 0.74114   -5.23454  -10.26374 1.000 47.08719  ? 127 ALA A CB  1 
ATOM   864  N N   . VAL A 1 128 ? 0.40336   -4.67412  -7.26731  1.000 48.52916  ? 128 VAL A N   1 
ATOM   865  C CA  . VAL A 1 128 ? -0.05281  -3.61250  -6.38309  1.000 46.07871  ? 128 VAL A CA  1 
ATOM   866  C C   . VAL A 1 128 ? 0.20862   -2.26653  -7.05122  1.000 52.93681  ? 128 VAL A C   1 
ATOM   867  O O   . VAL A 1 128 ? 1.25454   -2.08401  -7.68166  1.000 59.93095  ? 128 VAL A O   1 
ATOM   868  C CB  . VAL A 1 128 ? 0.66427   -3.69032  -5.03057  1.000 37.62991  ? 128 VAL A CB  1 
ATOM   869  C CG1 . VAL A 1 128 ? 0.21114   -2.57048  -4.13572  1.000 39.89500  ? 128 VAL A CG1 1 
ATOM   870  C CG2 . VAL A 1 128 ? 0.44195   -5.06450  -4.38350  1.000 42.33096  ? 128 VAL A CG2 1 
ATOM   871  N N   . MET A 1 129 ? -0.74175  -1.31953  -6.90893  1.000 72.43417  ? 129 MET A N   1 
ATOM   872  C CA  . MET A 1 129 ? -0.63211  0.04387   -7.42659  1.000 56.13028  ? 129 MET A CA  1 
ATOM   873  C C   . MET A 1 129 ? -0.58970  1.05774   -6.29355  1.000 49.26118  ? 129 MET A C   1 
ATOM   874  O O   . MET A 1 129 ? -1.12766  0.82378   -5.20741  1.000 62.71134  ? 129 MET A O   1 
ATOM   875  C CB  . MET A 1 129 ? -1.80914  0.39318   -8.31230  1.000 54.08961  ? 129 MET A CB  1 
ATOM   876  C CG  . MET A 1 129 ? -2.29619  -0.78725  -9.04363  1.000 69.54969  ? 129 MET A CG  1 
ATOM   877  S SD  . MET A 1 129 ? -1.45054  -0.72102  -10.59644 1.000 89.86898  ? 129 MET A SD  1 
ATOM   878  C CE  . MET A 1 129 ? -2.74722  -0.02906  -11.61386 1.000 78.70660  ? 129 MET A CE  1 
ATOM   879  N N   . VAL A 1 130 ? 0.04054   2.20174   -6.55905  1.000 50.76612  ? 130 VAL A N   1 
ATOM   880  C CA  . VAL A 1 130 ? 0.04221   3.30655   -5.60577  1.000 54.56824  ? 130 VAL A CA  1 
ATOM   881  C C   . VAL A 1 130 ? 0.26160   4.60802   -6.35521  1.000 60.47096  ? 130 VAL A C   1 
ATOM   882  O O   . VAL A 1 130 ? 0.97583   4.65593   -7.36304  1.000 62.64527  ? 130 VAL A O   1 
ATOM   883  C CB  . VAL A 1 130 ? 1.10675   3.11305   -4.49844  1.000 52.70150  ? 130 VAL A CB  1 
ATOM   884  C CG1 . VAL A 1 130 ? 2.47729   3.31495   -5.04682  1.000 62.69371  ? 130 VAL A CG1 1 
ATOM   885  C CG2 . VAL A 1 130 ? 0.88158   4.11151   -3.37473  1.000 63.57567  ? 130 VAL A CG2 1 
ATOM   886  N N   . HIS A 1 131 ? -0.35617  5.67427   -5.85164  1.000 78.84581  ? 131 HIS A N   1 
ATOM   887  C CA  . HIS A 1 131 ? -0.25581  7.01204   -6.41606  1.000 59.52269  ? 131 HIS A CA  1 
ATOM   888  C C   . HIS A 1 131 ? 0.63998   7.83191   -5.50237  1.000 60.91709  ? 131 HIS A C   1 
ATOM   889  O O   . HIS A 1 131 ? 0.37148   7.95583   -4.30483  1.000 60.97100  ? 131 HIS A O   1 
ATOM   890  C CB  . HIS A 1 131 ? -1.63045  7.65988   -6.55702  1.000 61.32154  ? 131 HIS A CB  1 
ATOM   891  N N   . ALA A 1 132 ? 1.72309   8.36196   -6.05126  1.000 88.01029  ? 132 ALA A N   1 
ATOM   892  C CA  . ALA A 1 132 ? 2.65463   9.11658   -5.22561  1.000 95.39040  ? 132 ALA A CA  1 
ATOM   893  C C   . ALA A 1 132 ? 2.16194   10.55713  -5.12818  1.000 88.57520  ? 132 ALA A C   1 
ATOM   894  O O   . ALA A 1 132 ? 1.99312   11.23699  -6.15018  1.000 80.57366  ? 132 ALA A O   1 
ATOM   895  C CB  . ALA A 1 132 ? 4.07151   9.04279   -5.78995  1.000 74.63255  ? 132 ALA A CB  1 
ATOM   896  N N   . ILE A 1 133 ? 1.89318   10.98757  -3.89533  1.000 74.27391  ? 133 ILE A N   1 
ATOM   897  C CA  . ILE A 1 133 ? 1.48234   12.34145  -3.55257  1.000 85.18498  ? 133 ILE A CA  1 
ATOM   898  C C   . ILE A 1 133 ? 2.53749   13.32120  -4.03661  1.000 94.02377  ? 133 ILE A C   1 
ATOM   899  O O   . ILE A 1 133 ? 2.42380   13.91598  -5.11770  1.000 91.52415  ? 133 ILE A O   1 
ATOM   900  C CB  . ILE A 1 133 ? 1.27557   12.47686  -2.02979  1.000 77.09521  ? 133 ILE A CB  1 
ATOM   901  N N   . ASP A 1 134 ? 3.56112   13.49586  -3.21631  1.000 97.51626  ? 134 ASP A N   1 
ATOM   902  C CA  . ASP A 1 134 ? 4.77331   14.21243  -3.56198  1.000 99.99004  ? 134 ASP A CA  1 
ATOM   903  C C   . ASP A 1 134 ? 5.80204   13.24465  -4.14592  1.000 102.96456 ? 134 ASP A C   1 
ATOM   904  O O   . ASP A 1 134 ? 5.60020   12.02837  -4.19407  1.000 107.93698 ? 134 ASP A O   1 
ATOM   905  C CB  . ASP A 1 134 ? 5.31240   14.91762  -2.31548  1.000 97.64107  ? 134 ASP A CB  1 
ATOM   906  C CG  . ASP A 1 134 ? 5.09677   14.10056  -1.04977  1.000 98.56276  ? 134 ASP A CG  1 
ATOM   907  O OD1 . ASP A 1 134 ? 4.19705   14.45157  -0.25144  1.000 106.25540 ? 134 ASP A OD1 1 
ATOM   908  O OD2 . ASP A 1 134 ? 5.81347   13.09190  -0.86155  1.000 98.26866  ? 134 ASP A OD2 1 
ATOM   909  N N   . ASP A 1 135 ? 6.91859   13.80187  -4.60743  1.000 104.97197 ? 135 ASP A N   1 
ATOM   910  C CA  . ASP A 1 135 ? 8.01186   12.94925  -5.05671  1.000 106.49180 ? 135 ASP A CA  1 
ATOM   911  C C   . ASP A 1 135 ? 8.60899   12.14509  -3.90294  1.000 98.01693  ? 135 ASP A C   1 
ATOM   912  O O   . ASP A 1 135 ? 9.16875   11.06444  -4.13093  1.000 98.68660  ? 135 ASP A O   1 
ATOM   913  C CB  . ASP A 1 135 ? 9.08047   13.79417  -5.75853  1.000 102.38574 ? 135 ASP A CB  1 
ATOM   914  C CG  . ASP A 1 135 ? 9.37647   15.09088  -5.02375  1.000 114.04974 ? 135 ASP A CG  1 
ATOM   915  O OD1 . ASP A 1 135 ? 9.41538   15.07286  -3.77401  1.000 122.38948 ? 135 ASP A OD1 1 
ATOM   916  O OD2 . ASP A 1 135 ? 9.55733   16.13090  -5.69878  1.000 107.46008 ? 135 ASP A OD2 1 
ATOM   917  N N   . ASP A 1 136 ? 8.48475   12.63794  -2.66089  1.000 101.38630 ? 136 ASP A N   1 
ATOM   918  C CA  . ASP A 1 136 ? 9.01170   11.89875  -1.50649  1.000 110.65838 ? 136 ASP A CA  1 
ATOM   919  C C   . ASP A 1 136 ? 8.26691   10.58740  -1.30084  1.000 102.38751 ? 136 ASP A C   1 
ATOM   920  O O   . ASP A 1 136 ? 8.85524   9.58655   -0.87268  1.000 92.85248  ? 136 ASP A O   1 
ATOM   921  C CB  . ASP A 1 136 ? 8.92175   12.72973  -0.22344  1.000 103.10052 ? 136 ASP A CB  1 
ATOM   922  C CG  . ASP A 1 136 ? 9.30754   14.17544  -0.42765  1.000 129.98914 ? 136 ASP A CG  1 
ATOM   923  O OD1 . ASP A 1 136 ? 8.42231   14.95062  -0.88530  1.000 130.05048 ? 136 ASP A OD1 1 
ATOM   924  O OD2 . ASP A 1 136 ? 10.47498  14.52621  -0.10319  1.000 120.68300 ? 136 ASP A OD2 1 
ATOM   925  N N   . ALA A 1 137 ? 6.95485   10.59324  -1.53695  1.000 99.87985  ? 137 ALA A N   1 
ATOM   926  C CA  . ALA A 1 137 ? 6.23739   9.33716   -1.68024  1.000 86.08882  ? 137 ALA A CA  1 
ATOM   927  C C   . ALA A 1 137 ? 6.86578   8.50561   -2.78854  1.000 93.75550  ? 137 ALA A C   1 
ATOM   928  O O   . ALA A 1 137 ? 7.32663   7.38122   -2.55167  1.000 85.23510  ? 137 ALA A O   1 
ATOM   929  C CB  . ALA A 1 137 ? 4.75638   9.60366   -1.95293  1.000 76.55324  ? 137 ALA A CB  1 
ATOM   930  N N   . ARG A 1 138 ? 6.94165   9.07496   -3.99691  1.000 88.27122  ? 138 ARG A N   1 
ATOM   931  C CA  . ARG A 1 138 ? 7.53553   8.37899   -5.13724  1.000 75.94546  ? 138 ARG A CA  1 
ATOM   932  C C   . ARG A 1 138 ? 8.94043   7.88826   -4.83017  1.000 75.72190  ? 138 ARG A C   1 
ATOM   933  O O   . ARG A 1 138 ? 9.30675   6.77114   -5.20705  1.000 79.81578  ? 138 ARG A O   1 
ATOM   934  C CB  . ARG A 1 138 ? 7.55364   9.29219   -6.36174  1.000 74.41578  ? 138 ARG A CB  1 
ATOM   935  C CG  . ARG A 1 138 ? 8.64244   8.96055   -7.35886  1.000 81.07762  ? 138 ARG A CG  1 
ATOM   936  C CD  . ARG A 1 138 ? 8.58386   9.91705   -8.54016  1.000 88.97499  ? 138 ARG A CD  1 
ATOM   937  N NE  . ARG A 1 138 ? 7.46429   9.65076   -9.43857  1.000 80.51121  ? 138 ARG A NE  1 
ATOM   938  C CZ  . ARG A 1 138 ? 7.46331   8.73388   -10.39916 1.000 86.92011  ? 138 ARG A CZ  1 
ATOM   939  N NH1 . ARG A 1 138 ? 8.53917   8.00988   -10.66970 1.000 71.71556  ? 138 ARG A NH1 1 
ATOM   940  N NH2 . ARG A 1 138 ? 6.35820   8.55065   -11.11817 1.000 98.12336  ? 138 ARG A NH2 1 
ATOM   941  N N   . ALA A 1 139 ? 9.74617   8.69868   -4.14537  1.000 79.16842  ? 139 ALA A N   1 
ATOM   942  C CA  . ALA A 1 139 ? 11.10551  8.25293   -3.85500  1.000 78.02404  ? 139 ALA A CA  1 
ATOM   943  C C   . ALA A 1 139 ? 11.10148  7.10634   -2.85654  1.000 63.57493  ? 139 ALA A C   1 
ATOM   944  O O   . ALA A 1 139 ? 11.87167  6.15133   -2.99953  1.000 73.49429  ? 139 ALA A O   1 
ATOM   945  C CB  . ALA A 1 139 ? 11.96089  9.41048   -3.34344  1.000 88.32098  ? 139 ALA A CB  1 
ATOM   946  N N   . PHE A 1 140 ? 10.24753  7.19178   -1.83459  1.000 84.71646  ? 140 PHE A N   1 
ATOM   947  C CA  . PHE A 1 140 ? 10.06228  6.08479   -0.89793  1.000 67.59477  ? 140 PHE A CA  1 
ATOM   948  C C   . PHE A 1 140 ? 9.60636   4.83280   -1.63245  1.000 67.87341  ? 140 PHE A C   1 
ATOM   949  O O   . PHE A 1 140 ? 10.13766  3.73589   -1.42134  1.000 58.62623  ? 140 PHE A O   1 
ATOM   950  C CB  . PHE A 1 140 ? 9.04362   6.50803   0.15866   1.000 58.88538  ? 140 PHE A CB  1 
ATOM   951  C CG  . PHE A 1 140 ? 8.49535   5.38553   0.99629   1.000 55.68407  ? 140 PHE A CG  1 
ATOM   952  C CD1 . PHE A 1 140 ? 9.12586   5.00315   2.16858   1.000 55.36720  ? 140 PHE A CD1 1 
ATOM   953  C CD2 . PHE A 1 140 ? 7.32814   4.73415   0.62788   1.000 56.94297  ? 140 PHE A CD2 1 
ATOM   954  C CE1 . PHE A 1 140 ? 8.61075   3.97730   2.95595   1.000 55.19391  ? 140 PHE A CE1 1 
ATOM   955  C CE2 . PHE A 1 140 ? 6.80890   3.71762   1.40226   1.000 55.66030  ? 140 PHE A CE2 1 
ATOM   956  C CZ  . PHE A 1 140 ? 7.45154   3.33425   2.56530   1.000 64.01216  ? 140 PHE A CZ  1 
ATOM   957  N N   . TYR A 1 141 ? 8.62585   4.99133   -2.52204  1.000 75.58835  ? 141 TYR A N   1 
ATOM   958  C CA  . TYR A 1 141 ? 8.03436   3.85543   -3.21380  1.000 61.80623  ? 141 TYR A CA  1 
ATOM   959  C C   . TYR A 1 141 ? 8.94840   3.33567   -4.32439  1.000 56.72478  ? 141 TYR A C   1 
ATOM   960  O O   . TYR A 1 141 ? 8.94642   2.13843   -4.61439  1.000 61.13798  ? 141 TYR A O   1 
ATOM   961  C CB  . TYR A 1 141 ? 6.63251   4.24613   -3.73010  1.000 61.67099  ? 141 TYR A CB  1 
ATOM   962  C CG  . TYR A 1 141 ? 5.54804   4.35194   -2.62098  1.000 78.75180  ? 141 TYR A CG  1 
ATOM   963  C CD1 . TYR A 1 141 ? 5.23724   3.26641   -1.80672  1.000 53.33097  ? 141 TYR A CD1 1 
ATOM   964  C CD2 . TYR A 1 141 ? 4.82835   5.54755   -2.41070  1.000 75.01643  ? 141 TYR A CD2 1 
ATOM   965  C CE1 . TYR A 1 141 ? 4.24432   3.37833   -0.81654  1.000 67.64755  ? 141 TYR A CE1 1 
ATOM   966  C CE2 . TYR A 1 141 ? 3.84060   5.65307   -1.42162  1.000 57.48460  ? 141 TYR A CE2 1 
ATOM   967  C CZ  . TYR A 1 141 ? 3.55357   4.56999   -0.63196  1.000 52.87465  ? 141 TYR A CZ  1 
ATOM   968  N N   . GLU A 1 142 ? 9.78189   4.18616   -4.91803  1.000 73.99911  ? 142 GLU A N   1 
ATOM   969  C CA  . GLU A 1 142 ? 10.74194  3.68336   -5.89473  1.000 63.31826  ? 142 GLU A CA  1 
ATOM   970  C C   . GLU A 1 142 ? 11.96335  3.04995   -5.21306  1.000 63.56891  ? 142 GLU A C   1 
ATOM   971  O O   . GLU A 1 142 ? 12.55793  2.12104   -5.76634  1.000 72.80062  ? 142 GLU A O   1 
ATOM   972  C CB  . GLU A 1 142 ? 11.12928  4.80790   -6.85753  1.000 61.21919  ? 142 GLU A CB  1 
ATOM   973  C CG  . GLU A 1 142 ? 10.27339  4.83054   -8.14784  1.000 77.91527  ? 142 GLU A CG  1 
ATOM   974  C CD  . GLU A 1 142 ? 10.58664  6.01204   -9.08316  1.000 88.34096  ? 142 GLU A CD  1 
ATOM   975  O OE1 . GLU A 1 142 ? 11.20027  6.99293   -8.59676  1.000 90.06819  ? 142 GLU A OE1 1 
ATOM   976  O OE2 . GLU A 1 142 ? 10.24407  5.94676   -10.29766 1.000 82.20531  ? 142 GLU A OE2 1 
ATOM   977  N N   . ARG A 1 143 ? 12.31962  3.48009   -3.99644  1.000 59.13662  ? 143 ARG A N   1 
ATOM   978  C CA  . ARG A 1 143 ? 13.39313  2.84155   -3.23967  1.000 57.91291  ? 143 ARG A CA  1 
ATOM   979  C C   . ARG A 1 143 ? 13.06300  1.41388   -2.81162  1.000 59.27313  ? 143 ARG A C   1 
ATOM   980  O O   . ARG A 1 143 ? 13.92191  0.74779   -2.21406  1.000 67.54221  ? 143 ARG A O   1 
ATOM   981  C CB  . ARG A 1 143 ? 13.74310  3.67537   -1.98906  1.000 63.71147  ? 143 ARG A CB  1 
ATOM   982  C CG  . ARG A 1 143 ? 15.24826  3.65882   -1.56629  1.000 87.07133  ? 143 ARG A CG  1 
ATOM   983  C CD  . ARG A 1 143 ? 16.18678  4.27258   -2.64901  1.000 83.00765  ? 143 ARG A CD  1 
ATOM   984  N NE  . ARG A 1 143 ? 17.17830  5.18302   -2.08130  1.000 95.71082  ? 143 ARG A NE  1 
ATOM   985  C CZ  . ARG A 1 143 ? 18.28412  5.59446   -2.69253  1.000 109.65269 ? 143 ARG A CZ  1 
ATOM   986  N NH1 . ARG A 1 143 ? 18.59234  5.19421   -3.91850  1.000 110.25326 ? 143 ARG A NH1 1 
ATOM   987  N NH2 . ARG A 1 143 ? 19.09129  6.44996   -2.06536  1.000 104.02331 ? 143 ARG A NH2 1 
ATOM   988  N N   . PHE A 1 144 ? 11.85562  0.91702   -3.09826  1.000 73.54934  ? 144 PHE A N   1 
ATOM   989  C CA  . PHE A 1 144 ? 11.36450  -0.33510  -2.51888  1.000 66.66475  ? 144 PHE A CA  1 
ATOM   990  C C   . PHE A 1 144 ? 10.60393  -1.17768  -3.54221  1.000 53.88946  ? 144 PHE A C   1 
ATOM   991  O O   . PHE A 1 144 ? 9.87022   -2.09422  -3.17576  1.000 46.77425  ? 144 PHE A O   1 
ATOM   992  C CB  . PHE A 1 144 ? 10.51370  -0.04402  -1.28832  1.000 49.12403  ? 144 PHE A CB  1 
ATOM   993  C CG  . PHE A 1 144 ? 11.31183  0.34073   -0.06684  1.000 55.77042  ? 144 PHE A CG  1 
ATOM   994  C CD1 . PHE A 1 144 ? 12.11050  -0.58491  0.57879   1.000 62.42235  ? 144 PHE A CD1 1 
ATOM   995  C CD2 . PHE A 1 144 ? 11.25633  1.62470   0.43082   1.000 50.38077  ? 144 PHE A CD2 1 
ATOM   996  C CE1 . PHE A 1 144 ? 12.83545  -0.22770  1.71831   1.000 63.68676  ? 144 PHE A CE1 1 
ATOM   997  C CE2 . PHE A 1 144 ? 11.97189  1.98661   1.56010   1.000 51.35009  ? 144 PHE A CE2 1 
ATOM   998  C CZ  . PHE A 1 144 ? 12.76366  1.06180   2.20163   1.000 63.79997  ? 144 PHE A CZ  1 
ATOM   999  N N   . GLY A 1 145 ? 10.81199  -0.89388  -4.82897  1.000 51.89286  ? 145 GLY A N   1 
ATOM   1000 C CA  . GLY A 1 145 ? 10.49547  -1.81773  -5.88630  1.000 60.25871  ? 145 GLY A CA  1 
ATOM   1001 C C   . GLY A 1 145 ? 9.52908   -1.26875  -6.90181  1.000 57.19396  ? 145 GLY A C   1 
ATOM   1002 O O   . GLY A 1 145 ? 9.55685   -1.68619  -8.06694  1.000 61.14597  ? 145 GLY A O   1 
ATOM   1003 N N   . PHE A 1 146 ? 8.69447   -0.33631  -6.48590  1.000 63.81070  ? 146 PHE A N   1 
ATOM   1004 C CA  . PHE A 1 146 ? 7.68042   0.22219   -7.33539  1.000 53.37110  ? 146 PHE A CA  1 
ATOM   1005 C C   . PHE A 1 146 ? 8.32730   0.78512   -8.59239  1.000 64.53051  ? 146 PHE A C   1 
ATOM   1006 O O   . PHE A 1 146 ? 9.50974   1.14656   -8.60295  1.000 62.93521  ? 146 PHE A O   1 
ATOM   1007 C CB  . PHE A 1 146 ? 6.89490   1.26334   -6.53081  1.000 57.53831  ? 146 PHE A CB  1 
ATOM   1008 C CG  . PHE A 1 146 ? 5.85760   0.64233   -5.62260  1.000 67.23108  ? 146 PHE A CG  1 
ATOM   1009 C CD1 . PHE A 1 146 ? 6.23656   -0.05004  -4.46795  1.000 54.69681  ? 146 PHE A CD1 1 
ATOM   1010 C CD2 . PHE A 1 146 ? 4.50486   0.70352   -5.94614  1.000 55.90059  ? 146 PHE A CD2 1 
ATOM   1011 C CE1 . PHE A 1 146 ? 5.27553   -0.65363  -3.65579  1.000 61.76772  ? 146 PHE A CE1 1 
ATOM   1012 C CE2 . PHE A 1 146 ? 3.54093   0.10241   -5.13027  1.000 59.33919  ? 146 PHE A CE2 1 
ATOM   1013 C CZ  . PHE A 1 146 ? 3.91684   -0.58120  -3.99127  1.000 48.91391  ? 146 PHE A CZ  1 
ATOM   1014 N N   . VAL A 1 147 ? 7.55340   0.78770   -9.68010  1.000 56.34794  ? 147 VAL A N   1 
ATOM   1015 C CA  . VAL A 1 147 ? 8.02958   1.17663   -10.99582 1.000 51.05199  ? 147 VAL A CA  1 
ATOM   1016 C C   . VAL A 1 147 ? 6.97805   2.09555   -11.57102 1.000 64.45024  ? 147 VAL A C   1 
ATOM   1017 O O   . VAL A 1 147 ? 5.79158   1.91823   -11.28146 1.000 69.35309  ? 147 VAL A O   1 
ATOM   1018 C CB  . VAL A 1 147 ? 8.25092   -0.05258  -11.89713 1.000 54.05515  ? 147 VAL A CB  1 
ATOM   1019 C CG1 . VAL A 1 147 ? 8.56343   0.35784   -13.32615 1.000 54.29113  ? 147 VAL A CG1 1 
ATOM   1020 C CG2 . VAL A 1 147 ? 9.36099   -0.91443  -11.33932 1.000 59.06069  ? 147 VAL A CG2 1 
ATOM   1021 N N   . GLN A 1 148 ? 7.41078   3.09570   -12.33708 1.000 54.77840  ? 148 GLN A N   1 
ATOM   1022 C CA  . GLN A 1 148 ? 6.48747   3.98184   -13.01781 1.000 58.42031  ? 148 GLN A CA  1 
ATOM   1023 C C   . GLN A 1 148 ? 5.67379   3.20186   -14.04323 1.000 57.22668  ? 148 GLN A C   1 
ATOM   1024 O O   . GLN A 1 148 ? 6.23278   2.46998   -14.86686 1.000 63.53167  ? 148 GLN A O   1 
ATOM   1025 C CB  . GLN A 1 148 ? 7.27370   5.09730   -13.70166 1.000 74.38683  ? 148 GLN A CB  1 
ATOM   1026 C CG  . GLN A 1 148 ? 6.46688   5.89999   -14.69040 1.000 67.06613  ? 148 GLN A CG  1 
ATOM   1027 C CD  . GLN A 1 148 ? 5.54189   6.87258   -13.98343 1.000 86.37772  ? 148 GLN A CD  1 
ATOM   1028 O OE1 . GLN A 1 148 ? 5.92902   7.48147   -12.98504 1.000 76.41332  ? 148 GLN A OE1 1 
ATOM   1029 N NE2 . GLN A 1 148 ? 4.30582   7.00130   -14.47345 1.000 77.99825  ? 148 GLN A NE2 1 
ATOM   1030 N N   . SER A 1 149 ? 4.35179   3.37049   -14.00033 1.000 62.84311  ? 149 SER A N   1 
ATOM   1031 C CA  . SER A 1 149 ? 3.41737   2.71915   -14.91052 1.000 77.53862  ? 149 SER A CA  1 
ATOM   1032 C C   . SER A 1 149 ? 2.91465   3.69913   -15.97186 1.000 81.26940  ? 149 SER A C   1 
ATOM   1033 O O   . SER A 1 149 ? 3.29724   4.87395   -16.01116 1.000 67.16796  ? 149 SER A O   1 
ATOM   1034 C CB  . SER A 1 149 ? 2.21249   2.17438   -14.15991 1.000 65.90925  ? 149 SER A CB  1 
ATOM   1035 O OG  . SER A 1 149 ? 1.66613   3.23768   -13.41731 1.000 72.51956  ? 149 SER A OG  1 
ATOM   1036 N N   . VAL A 1 150 ? 2.01124   3.19148   -16.81943 1.000 81.20616  ? 150 VAL A N   1 
ATOM   1037 C CA  . VAL A 1 150 ? 1.33538   3.99886   -17.82640 1.000 70.64967  ? 150 VAL A CA  1 
ATOM   1038 C C   . VAL A 1 150 ? -0.07104  4.42208   -17.40481 1.000 85.94388  ? 150 VAL A C   1 
ATOM   1039 O O   . VAL A 1 150 ? -0.66156  5.28654   -18.06966 1.000 105.15512 ? 150 VAL A O   1 
ATOM   1040 C CB  . VAL A 1 150 ? 1.26267   3.24781   -19.17242 1.000 88.20811  ? 150 VAL A CB  1 
ATOM   1041 C CG1 . VAL A 1 150 ? 0.96372   4.22387   -20.32155 1.000 97.43855  ? 150 VAL A CG1 1 
ATOM   1042 C CG2 . VAL A 1 150 ? 2.53990   2.46897   -19.43784 1.000 72.52440  ? 150 VAL A CG2 1 
ATOM   1043 N N   . VAL A 1 151 ? -0.62868  3.83603   -16.33442 1.000 88.95654  ? 151 VAL A N   1 
ATOM   1044 C CA  . VAL A 1 151 ? -1.99991  4.16126   -15.93352 1.000 95.93318  ? 151 VAL A CA  1 
ATOM   1045 C C   . VAL A 1 151 ? -2.12792  5.65888   -15.64109 1.000 98.00098  ? 151 VAL A C   1 
ATOM   1046 O O   . VAL A 1 151 ? -3.01799  6.33894   -16.16985 1.000 103.60190 ? 151 VAL A O   1 
ATOM   1047 C CB  . VAL A 1 151 ? -2.44431  3.29158   -14.73463 1.000 75.83011  ? 151 VAL A CB  1 
ATOM   1048 C CG1 . VAL A 1 151 ? -3.49086  2.27260   -15.16361 1.000 68.67279  ? 151 VAL A CG1 1 
ATOM   1049 C CG2 . VAL A 1 151 ? -1.27273  2.56396   -14.13346 1.000 82.46991  ? 151 VAL A CG2 1 
ATOM   1050 N N   . ALA A 1 152 ? -1.22594  6.20080   -14.82225 1.000 83.09689  ? 152 ALA A N   1 
ATOM   1051 C CA  . ALA A 1 152 ? -1.19671  7.62807   -14.50581 1.000 90.64568  ? 152 ALA A CA  1 
ATOM   1052 C C   . ALA A 1 152 ? 0.23500   8.02410   -14.14385 1.000 83.74989  ? 152 ALA A C   1 
ATOM   1053 O O   . ALA A 1 152 ? 0.99268   7.18520   -13.65369 1.000 81.07423  ? 152 ALA A O   1 
ATOM   1054 C CB  . ALA A 1 152 ? -2.14696  7.97799   -13.35065 1.000 74.67407  ? 152 ALA A CB  1 
ATOM   1055 N N   . PRO A 1 153 ? 0.62140   9.28105   -14.37484 1.000 82.05514  ? 153 PRO A N   1 
ATOM   1056 C CA  . PRO A 1 153 ? 2.03712   9.64213   -14.16516 1.000 78.69292  ? 153 PRO A CA  1 
ATOM   1057 C C   . PRO A 1 153 ? 2.51129   9.52370   -12.72577 1.000 82.74692  ? 153 PRO A C   1 
ATOM   1058 O O   . PRO A 1 153 ? 3.71681   9.32539   -12.51448 1.000 89.50367  ? 153 PRO A O   1 
ATOM   1059 C CB  . PRO A 1 153 ? 2.10821   11.09141  -14.67256 1.000 86.50402  ? 153 PRO A CB  1 
ATOM   1060 C CG  . PRO A 1 153 ? 0.69480   11.57414  -14.66000 1.000 83.42791  ? 153 PRO A CG  1 
ATOM   1061 C CD  . PRO A 1 153 ? -0.13733  10.37996  -14.98896 1.000 85.66094  ? 153 PRO A CD  1 
ATOM   1062 N N   . ASN A 1 154 ? 1.61887   9.64131   -11.73278 1.000 78.56409  ? 154 ASN A N   1 
ATOM   1063 C CA  . ASN A 1 154 ? 1.95559   9.38406   -10.33101 1.000 74.91931  ? 154 ASN A CA  1 
ATOM   1064 C C   . ASN A 1 154 ? 1.61924   7.96330   -9.88041  1.000 72.75702  ? 154 ASN A C   1 
ATOM   1065 O O   . ASN A 1 154 ? 1.89751   7.62418   -8.72807  1.000 76.54794  ? 154 ASN A O   1 
ATOM   1066 C CB  . ASN A 1 154 ? 1.23014   10.38232  -9.40134  1.000 85.24126  ? 154 ASN A CB  1 
ATOM   1067 C CG  . ASN A 1 154 ? 1.60857   11.84857  -9.67288  1.000 93.30348  ? 154 ASN A CG  1 
ATOM   1068 O OD1 . ASN A 1 154 ? 2.67939   12.32794  -9.28232  1.000 89.10394  ? 154 ASN A OD1 1 
ATOM   1069 N ND2 . ASN A 1 154 ? 0.72056   12.55460  -10.37252 1.000 80.55031  ? 154 ASN A ND2 1 
ATOM   1070 N N   . THR A 1 155 ? 1.00661   7.14239   -10.74180 1.000 70.18527  ? 155 THR A N   1 
ATOM   1071 C CA  . THR A 1 155 ? 0.71539   5.74413   -10.43049 1.000 65.93849  ? 155 THR A CA  1 
ATOM   1072 C C   . THR A 1 155 ? 1.93181   4.86450   -10.72862 1.000 73.93601  ? 155 THR A C   1 
ATOM   1073 O O   . THR A 1 155 ? 2.36711   4.74810   -11.87981 1.000 64.28987  ? 155 THR A O   1 
ATOM   1074 C CB  . THR A 1 155 ? -0.50352  5.23968   -11.20951 1.000 62.83489  ? 155 THR A CB  1 
ATOM   1075 O OG1 . THR A 1 155 ? -1.64561  6.08069   -10.95304 1.000 72.70747  ? 155 THR A OG1 1 
ATOM   1076 C CG2 . THR A 1 155 ? -0.82710  3.79541   -10.82590 1.000 68.39504  ? 155 THR A CG2 1 
ATOM   1077 N N   . LEU A 1 156 ? 2.47163   4.24720   -9.67859  1.000 74.71449  ? 156 LEU A N   1 
ATOM   1078 C CA  . LEU A 1 156 ? 3.53865   3.26215   -9.74334  1.000 63.45947  ? 156 LEU A CA  1 
ATOM   1079 C C   . LEU A 1 156 ? 2.97936   1.87212   -9.46897  1.000 64.39702  ? 156 LEU A C   1 
ATOM   1080 O O   . LEU A 1 156 ? 2.02766   1.71902   -8.70409  1.000 69.79980  ? 156 LEU A O   1 
ATOM   1081 C CB  . LEU A 1 156 ? 4.62558   3.60034   -8.71256  1.000 65.00269  ? 156 LEU A CB  1 
ATOM   1082 C CG  . LEU A 1 156 ? 5.13923   5.05310   -8.83892  1.000 83.46683  ? 156 LEU A CG  1 
ATOM   1083 C CD1 . LEU A 1 156 ? 4.96579   5.86835   -7.56228  1.000 64.32453  ? 156 LEU A CD1 1 
ATOM   1084 C CD2 . LEU A 1 156 ? 6.60173   5.08736   -9.28467  1.000 80.71361  ? 156 LEU A CD2 1 
ATOM   1085 N N   . PHE A 1 157 ? 3.57318   0.84677   -10.07673 1.000 71.09306  ? 157 PHE A N   1 
ATOM   1086 C CA  . PHE A 1 157 ? 3.12867   -0.51672  -9.80991  1.000 55.88131  ? 157 PHE A CA  1 
ATOM   1087 C C   . PHE A 1 157 ? 4.29383   -1.38637  -9.34354  1.000 57.86883  ? 157 PHE A C   1 
ATOM   1088 O O   . PHE A 1 157 ? 5.44214   -1.17337  -9.74242  1.000 61.85372  ? 157 PHE A O   1 
ATOM   1089 C CB  . PHE A 1 157 ? 2.49409   -1.12800  -11.03540 1.000 45.88137  ? 157 PHE A CB  1 
ATOM   1090 C CG  . PHE A 1 157 ? 3.47670   -1.62254  -12.00377 1.000 51.31927  ? 157 PHE A CG  1 
ATOM   1091 C CD1 . PHE A 1 157 ? 4.17356   -0.72574  -12.76143 1.000 57.32502  ? 157 PHE A CD1 1 
ATOM   1092 C CD2 . PHE A 1 157 ? 3.68457   -2.98060  -12.20358 1.000 68.54618  ? 157 PHE A CD2 1 
ATOM   1093 C CE1 . PHE A 1 157 ? 5.10543   -1.15373  -13.68833 1.000 59.60214  ? 157 PHE A CE1 1 
ATOM   1094 C CE2 . PHE A 1 157 ? 4.62445   -3.43164  -13.15140 1.000 47.76525  ? 157 PHE A CE2 1 
ATOM   1095 C CZ  . PHE A 1 157 ? 5.32841   -2.50625  -13.89151 1.000 54.01079  ? 157 PHE A CZ  1 
ATOM   1096 N N   . TYR A 1 158 ? 3.96950   -2.33756  -8.46916  1.000 49.63797  ? 158 TYR A N   1 
ATOM   1097 C CA  . TYR A 1 158 ? 4.83032   -3.39837  -7.95913  1.000 45.70943  ? 158 TYR A CA  1 
ATOM   1098 C C   . TYR A 1 158 ? 4.22424   -4.73168  -8.39088  1.000 50.30960  ? 158 TYR A C   1 
ATOM   1099 O O   . TYR A 1 158 ? 3.23133   -5.17445  -7.80443  1.000 44.57966  ? 158 TYR A O   1 
ATOM   1100 C CB  . TYR A 1 158 ? 4.88663   -3.32493  -6.43072  1.000 53.38950  ? 158 TYR A CB  1 
ATOM   1101 C CG  . TYR A 1 158 ? 5.85046   -4.26468  -5.72080  1.000 50.41705  ? 158 TYR A CG  1 
ATOM   1102 C CD1 . TYR A 1 158 ? 5.52422   -5.59623  -5.48324  1.000 52.35608  ? 158 TYR A CD1 1 
ATOM   1103 C CD2 . TYR A 1 158 ? 7.04580   -3.78553  -5.21556  1.000 46.28239  ? 158 TYR A CD2 1 
ATOM   1104 C CE1 . TYR A 1 158 ? 6.39209   -6.44358  -4.79872  1.000 46.80680  ? 158 TYR A CE1 1 
ATOM   1105 C CE2 . TYR A 1 158 ? 7.91169   -4.60805  -4.53130  1.000 54.64652  ? 158 TYR A CE2 1 
ATOM   1106 C CZ  . TYR A 1 158 ? 7.59079   -5.94436  -4.32745  1.000 54.57269  ? 158 TYR A CZ  1 
ATOM   1107 O OH  . TYR A 1 158 ? 8.48945   -6.74061  -3.64027  1.000 48.67955  ? 158 TYR A OH  1 
ATOM   1108 N N   . LYS A 1 159 ? 4.82410   -5.38679  -9.38902  1.000 49.76484  ? 159 LYS A N   1 
ATOM   1109 C CA  . LYS A 1 159 ? 4.28302   -6.65163  -9.89814  1.000 48.64711  ? 159 LYS A CA  1 
ATOM   1110 C C   . LYS A 1 159 ? 4.35452   -7.76820  -8.85178  1.000 50.61750  ? 159 LYS A C   1 
ATOM   1111 O O   . LYS A 1 159 ? 5.27936   -7.82538  -8.04153  1.000 55.05711  ? 159 LYS A O   1 
ATOM   1112 C CB  . LYS A 1 159 ? 5.03142   -7.05996  -11.16779 1.000 47.00280  ? 159 LYS A CB  1 
ATOM   1113 C CG  . LYS A 1 159 ? 4.50930   -8.27911  -11.90192 1.000 49.72492  ? 159 LYS A CG  1 
ATOM   1114 C CD  . LYS A 1 159 ? 5.23363   -8.44136  -13.24830 1.000 48.57889  ? 159 LYS A CD  1 
ATOM   1115 C CE  . LYS A 1 159 ? 5.14449   -9.87746  -13.72213 1.000 58.50165  ? 159 LYS A CE  1 
ATOM   1116 N NZ  . LYS A 1 159 ? 5.10535   -10.04255 -15.19243 1.000 52.96506  ? 159 LYS A NZ  1 
ATOM   1117 N N   . VAL A 1 160 ? 3.36664   -8.66061  -8.86475  1.000 59.35919  ? 160 VAL A N   1 
ATOM   1118 C CA  . VAL A 1 160 ? 3.24549   -9.73052  -7.87929  1.000 54.31726  ? 160 VAL A CA  1 
ATOM   1119 C C   . VAL A 1 160 ? 3.58901   -11.04683 -8.56193  1.000 63.09691  ? 160 VAL A C   1 
ATOM   1120 O O   . VAL A 1 160 ? 3.00724   -11.38997 -9.59829  1.000 73.00255  ? 160 VAL A O   1 
ATOM   1121 C CB  . VAL A 1 160 ? 1.82155   -9.78188  -7.27378  1.000 57.98392  ? 160 VAL A CB  1 
ATOM   1122 C CG1 . VAL A 1 160 ? 1.58865   -11.05997 -6.46285  1.000 53.50892  ? 160 VAL A CG1 1 
ATOM   1123 C CG2 . VAL A 1 160 ? 1.50810   -8.54887  -6.43493  1.000 49.23571  ? 160 VAL A CG2 1 
ATOM   1124 N N   . LEU A 1 161 ? 4.49850   -11.80316 -7.96685  1.000 79.03018  ? 161 LEU A N   1 
ATOM   1125 C CA  . LEU A 1 161 ? 4.80663   -13.15564 -8.41005  1.000 68.89625  ? 161 LEU A CA  1 
ATOM   1126 C C   . LEU A 1 161 ? 4.30583   -14.15839 -7.37806  1.000 87.77214  ? 161 LEU A C   1 
ATOM   1127 O O   . LEU A 1 161 ? 4.30201   -13.87618 -6.17177  1.000 82.73589  ? 161 LEU A O   1 
ATOM   1128 C CB  . LEU A 1 161 ? 6.30932   -13.31112 -8.60503  1.000 69.50609  ? 161 LEU A CB  1 
ATOM   1129 C CG  . LEU A 1 161 ? 6.79834   -12.06502 -9.35358  1.000 79.53314  ? 161 LEU A CG  1 
ATOM   1130 C CD1 . LEU A 1 161 ? 8.21105   -11.73275 -8.92790  1.000 81.45449  ? 161 LEU A CD1 1 
ATOM   1131 C CD2 . LEU A 1 161 ? 6.67686   -12.14946 -10.88874 1.000 80.54047  ? 161 LEU A CD2 1 
ATOM   1132 N N   . GLU A 1 162 ? 3.88801   -15.33337 -7.86354  1.000 102.63424 ? 162 GLU A N   1 
ATOM   1133 C CA  . GLU A 1 162 ? 3.34417   -16.38523 -7.00071  1.000 116.35683 ? 162 GLU A CA  1 
ATOM   1134 C C   . GLU A 1 162 ? 4.32720   -16.77108 -5.88392  1.000 113.20663 ? 162 GLU A C   1 
ATOM   1135 O O   . GLU A 1 162 ? 5.54580   -16.77800 -6.07539  1.000 112.69779 ? 162 GLU A O   1 
ATOM   1136 C CB  . GLU A 1 162 ? 2.97773   -17.62539 -7.84192  1.000 104.57856 ? 162 GLU A CB  1 
ATOM   1137 C CG  . GLU A 1 162 ? 4.13304   -18.59939 -8.20438  1.000 116.48234 ? 162 GLU A CG  1 
ATOM   1138 C CD  . GLU A 1 162 ? 5.18239   -18.03419 -9.17131  1.000 124.52219 ? 162 GLU A CD  1 
ATOM   1139 O OE1 . GLU A 1 162 ? 4.82611   -17.19443 -10.03113 1.000 125.07108 ? 162 GLU A OE1 1 
ATOM   1140 O OE2 . GLU A 1 162 ? 6.36472   -18.45092 -9.07769  1.000 130.10451 ? 162 GLU A OE2 1 
ATOM   1141 N N   . HIS A 1 163 ? 3.78150   -17.08234 -4.69883  1.000 117.33624 ? 163 HIS A N   1 
ATOM   1142 C CA  . HIS A 1 163 ? 4.58074   -17.56661 -3.56771  1.000 114.49116 ? 163 HIS A CA  1 
ATOM   1143 C C   . HIS A 1 163 ? 5.02449   -19.01166 -3.82938  1.000 127.83367 ? 163 HIS A C   1 
ATOM   1144 O O   . HIS A 1 163 ? 4.25900   -19.82633 -4.35741  1.000 126.04316 ? 163 HIS A O   1 
ATOM   1145 C CB  . HIS A 1 163 ? 3.75961   -17.44864 -2.25737  1.000 113.95000 ? 163 HIS A CB  1 
ATOM   1146 C CG  . HIS A 1 163 ? 4.56789   -17.37616 -0.98326  1.000 122.39819 ? 163 HIS A CG  1 
ATOM   1147 N ND1 . HIS A 1 163 ? 4.00498   -17.59677 0.25875   1.000 105.37757 ? 163 HIS A ND1 1 
ATOM   1148 C CD2 . HIS A 1 163 ? 5.87468   -17.09689 -0.75265  1.000 124.39684 ? 163 HIS A CD2 1 
ATOM   1149 C CE1 . HIS A 1 163 ? 4.92861   -17.46876 1.19488   1.000 115.08267 ? 163 HIS A CE1 1 
ATOM   1150 N NE2 . HIS A 1 163 ? 6.07249   -17.16402 0.60835   1.000 113.16315 ? 163 HIS A NE2 1 
ATOM   1151 N N   . HIS A 1 164 ? 6.28222   -19.31356 -3.48507  1.000 130.39956 ? 164 HIS A N   1 
ATOM   1152 C CA  . HIS A 1 164 ? 6.92290   -20.61932 -3.74272  1.000 119.27783 ? 164 HIS A CA  1 
ATOM   1153 C C   . HIS A 1 164 ? 6.94850   -20.96662 -5.24040  1.000 117.16028 ? 164 HIS A C   1 
ATOM   1154 O O   . HIS A 1 164 ? 7.61551   -20.30387 -6.04654  1.000 101.54552 ? 164 HIS A O   1 
ATOM   1155 C CB  . HIS A 1 164 ? 6.21391   -21.73731 -2.96169  1.000 111.86188 ? 164 HIS A CB  1 
ATOM   1156 C CG  . HIS A 1 164 ? 6.95152   -22.19553 -1.73840  1.000 113.76392 ? 164 HIS A CG  1 
ATOM   1157 N ND1 . HIS A 1 164 ? 8.22098   -22.73069 -1.78066  1.000 120.21274 ? 164 HIS A ND1 1 
ATOM   1158 C CD2 . HIS A 1 164 ? 6.59856   -22.17407 -0.43000  1.000 127.92536 ? 164 HIS A CD2 1 
ATOM   1159 C CE1 . HIS A 1 164 ? 8.61180   -23.03445 -0.55426  1.000 128.94204 ? 164 HIS A CE1 1 
ATOM   1160 N NE2 . HIS A 1 164 ? 7.64599   -22.70415 0.28448   1.000 133.23516 ? 164 HIS A NE2 1 
ATOM   1161 N N   . GLN B 2 4   ? -9.54734  6.41708   -6.62280  1.000 83.49944  ? 62  GLN B N   1 
ATOM   1162 C CA  . GLN B 2 4   ? -9.71638  5.65305   -7.85950  1.000 81.30609  ? 62  GLN B CA  1 
ATOM   1163 C C   . GLN B 2 4   ? -9.36383  4.16151   -7.73694  1.000 103.25955 ? 62  GLN B C   1 
ATOM   1164 O O   . GLN B 2 4   ? -8.28882  3.81607   -7.22814  1.000 92.26029  ? 62  GLN B O   1 
ATOM   1165 C CB  . GLN B 2 4   ? -8.84966  6.24703   -8.95358  1.000 84.69851  ? 62  GLN B CB  1 
ATOM   1166 C CG  . GLN B 2 4   ? -9.01736  5.57802   -10.30566 1.000 87.33028  ? 62  GLN B CG  1 
ATOM   1167 C CD  . GLN B 2 4   ? -7.97038  6.05639   -11.30728 1.000 113.08248 ? 62  GLN B CD  1 
ATOM   1168 O OE1 . GLN B 2 4   ? -8.01433  5.70895   -12.49786 1.000 110.70850 ? 62  GLN B OE1 1 
ATOM   1169 N NE2 . GLN B 2 4   ? -6.98735  6.81931   -10.81437 1.000 118.31650 ? 62  GLN B NE2 1 
ATOM   1170 N N   . ARG B 2 5   ? -10.25915 3.29448   -8.26449  1.000 102.44745 ? 63  ARG B N   1 
ATOM   1171 C CA  . ARG B 2 5   ? -10.10546 1.84231   -8.17415  1.000 81.51312  ? 63  ARG B CA  1 
ATOM   1172 C C   . ARG B 2 5   ? -10.32520 1.06480   -9.47328  1.000 80.59461  ? 63  ARG B C   1 
ATOM   1173 O O   . ARG B 2 5   ? -10.14400 -0.15588  -9.45840  1.000 85.25853  ? 63  ARG B O   1 
ATOM   1174 C CB  . ARG B 2 5   ? -11.05622 1.27549   -7.09315  1.000 71.65914  ? 63  ARG B CB  1 
ATOM   1175 C CG  . ARG B 2 5   ? -10.54920 1.54521   -5.68092  1.000 73.53080  ? 63  ARG B CG  1 
ATOM   1176 C CD  . ARG B 2 5   ? -11.46214 1.13317   -4.52928  1.000 89.02810  ? 63  ARG B CD  1 
ATOM   1177 N NE  . ARG B 2 5   ? -12.88342 1.08822   -4.85081  1.000 77.31863  ? 63  ARG B NE  1 
ATOM   1178 C CZ  . ARG B 2 5   ? -13.49918 0.00912   -5.30062  1.000 78.73275  ? 63  ARG B CZ  1 
ATOM   1179 N NH1 . ARG B 2 5   ? -12.82815 -1.10275  -5.57063  1.000 80.66905  ? 63  ARG B NH1 1 
ATOM   1180 N NH2 . ARG B 2 5   ? -14.81682 0.03947   -5.46049  1.000 77.08774  ? 63  ARG B NH2 1 
ATOM   1181 N N   . LEU B 2 6   ? -10.71685 1.69958   -10.58656 1.000 78.16251  ? 64  LEU B N   1 
ATOM   1182 C CA  . LEU B 2 6   ? -10.90597 0.98588   -11.86191 1.000 75.05992  ? 64  LEU B CA  1 
ATOM   1183 C C   . LEU B 2 6   ? -10.30098 1.84432   -12.96430 1.000 90.27467  ? 64  LEU B C   1 
ATOM   1184 O O   . LEU B 2 6   ? -10.88806 2.84793   -13.36984 1.000 95.10311  ? 64  LEU B O   1 
ATOM   1185 C CB  . LEU B 2 6   ? -12.37289 0.66150   -12.15142 1.000 68.24589  ? 64  LEU B CB  1 
ATOM   1186 C CG  . LEU B 2 6   ? -12.80486 0.18753   -13.55545 1.000 76.06270  ? 64  LEU B CG  1 
ATOM   1187 C CD1 . LEU B 2 6   ? -12.65769 -1.31528  -13.77148 1.000 76.08901  ? 64  LEU B CD1 1 
ATOM   1188 C CD2 . LEU B 2 6   ? -14.24662 0.61654   -13.86988 1.000 73.97193  ? 64  LEU B CD2 1 
ATOM   1189 N N   . PHE B 2 7   ? -9.12727  1.45073   -13.44331 1.000 99.92186  ? 65  PHE B N   1 
ATOM   1190 C CA  . PHE B 2 7   ? -8.42605  2.22155   -14.45716 1.000 91.19529  ? 65  PHE B CA  1 
ATOM   1191 C C   . PHE B 2 7   ? -8.92713  1.75846   -15.82022 1.000 98.01583  ? 65  PHE B C   1 
ATOM   1192 O O   . PHE B 2 7   ? -8.72018  0.60354   -16.21352 1.000 98.79997  ? 65  PHE B O   1 
ATOM   1193 C CB  . PHE B 2 7   ? -6.91990  2.05848   -14.30279 1.000 71.56739  ? 65  PHE B CB  1 
ATOM   1194 C CG  . PHE B 2 7   ? -6.39708  2.52405   -12.96992 1.000 75.88477  ? 65  PHE B CG  1 
ATOM   1195 C CD1 . PHE B 2 7   ? -6.55835  1.75381   -11.84133 1.000 74.41545  ? 65  PHE B CD1 1 
ATOM   1196 C CD2 . PHE B 2 7   ? -5.75582  3.74208   -12.84515 1.000 104.07943 ? 65  PHE B CD2 1 
ATOM   1197 C CE1 . PHE B 2 7   ? -6.07257  2.18833   -10.60576 1.000 99.00902  ? 65  PHE B CE1 1 
ATOM   1198 C CE2 . PHE B 2 7   ? -5.26838  4.18402   -11.60712 1.000 97.28956  ? 65  PHE B CE2 1 
ATOM   1199 C CZ  . PHE B 2 7   ? -5.42973  3.40527   -10.49173 1.000 95.66013  ? 65  PHE B CZ  1 
ATOM   1200 N N   . VAL B 2 8   ? -9.63725  2.63801   -16.51557 1.000 81.86942  ? 66  VAL B N   1 
ATOM   1201 C CA  . VAL B 2 8   ? -10.12559 2.35258   -17.85498 1.000 77.62421  ? 66  VAL B CA  1 
ATOM   1202 C C   . VAL B 2 8   ? -9.22258  3.09379   -18.82157 1.000 92.05938  ? 66  VAL B C   1 
ATOM   1203 O O   . VAL B 2 8   ? -8.99956  4.30301   -18.67739 1.000 106.36080 ? 66  VAL B O   1 
ATOM   1204 C CB  . VAL B 2 8   ? -11.59433 2.75623   -18.02180 1.000 85.69219  ? 66  VAL B CB  1 
ATOM   1205 C CG1 . VAL B 2 8   ? -12.20710 1.98255   -19.17936 1.000 97.98864  ? 66  VAL B CG1 1 
ATOM   1206 C CG2 . VAL B 2 8   ? -12.34008 2.48595   -16.73794 1.000 82.64031  ? 66  VAL B CG2 1 
ATOM   1207 N N   . LEU B 2 9   ? -8.67016  2.36399   -19.77843 1.000 85.69211  ? 67  LEU B N   1 
ATOM   1208 C CA  . LEU B 2 9   ? -7.62400  2.89028   -20.63053 1.000 87.77537  ? 67  LEU B CA  1 
ATOM   1209 C C   . LEU B 2 9   ? -8.00079  2.66321   -22.08404 1.000 88.14962  ? 67  LEU B C   1 
ATOM   1210 O O   . LEU B 2 9   ? -8.63082  1.65764   -22.42884 1.000 81.87855  ? 67  LEU B O   1 
ATOM   1211 C CB  . LEU B 2 9   ? -6.27740  2.22524   -20.31419 1.000 76.90761  ? 67  LEU B CB  1 
ATOM   1212 C CG  . LEU B 2 9   ? -5.68832  2.57142   -18.94670 1.000 76.58275  ? 67  LEU B CG  1 
ATOM   1213 C CD1 . LEU B 2 9   ? -4.21679  2.23017   -18.92329 1.000 85.00321  ? 67  LEU B CD1 1 
ATOM   1214 C CD2 . LEU B 2 9   ? -5.90082  4.03443   -18.56269 1.000 84.08643  ? 67  LEU B CD2 1 
ATOM   1215 N N   . ASP B 2 10  ? -7.62289  3.62445   -22.92836 1.000 83.15525  ? 68  ASP B N   1 
ATOM   1216 C CA  . ASP B 2 10  ? -7.70023  3.44763   -24.37137 1.000 81.52463  ? 68  ASP B CA  1 
ATOM   1217 C C   . ASP B 2 10  ? -6.88961  2.21474   -24.78393 1.000 95.64802  ? 68  ASP B C   1 
ATOM   1218 O O   . ASP B 2 10  ? -6.10429  1.66125   -24.00164 1.000 117.94375 ? 68  ASP B O   1 
ATOM   1219 C CB  . ASP B 2 10  ? -7.23735  4.72728   -25.07807 1.000 79.30785  ? 68  ASP B CB  1 
ATOM   1220 C CG  . ASP B 2 10  ? -5.71197  4.94653   -25.02389 1.000 102.57536 ? 68  ASP B CG  1 
ATOM   1221 O OD1 . ASP B 2 10  ? -5.29734  6.07286   -24.65906 1.000 107.46786 ? 68  ASP B OD1 1 
ATOM   1222 O OD2 . ASP B 2 10  ? -4.92342  4.03577   -25.38247 1.000 96.67885  ? 68  ASP B OD2 1 
ATOM   1223 N N   . ASN B 2 11  ? -7.07176  1.78799   -26.03569 1.000 81.03483  ? 69  ASN B N   1 
ATOM   1224 C CA  . ASN B 2 11  ? -6.47619  0.52686   -26.47825 1.000 83.31916  ? 69  ASN B CA  1 
ATOM   1225 C C   . ASN B 2 11  ? -4.95898  0.55346   -26.39444 1.000 84.11304  ? 69  ASN B C   1 
ATOM   1226 O O   . ASN B 2 11  ? -4.32634  -0.45454  -26.04897 1.000 85.55150  ? 69  ASN B O   1 
ATOM   1227 C CB  . ASN B 2 11  ? -6.91084  0.22400   -27.90369 1.000 92.97007  ? 69  ASN B CB  1 
ATOM   1228 C CG  . ASN B 2 11  ? -8.08977  -0.70313  -27.95356 1.000 105.10063 ? 69  ASN B CG  1 
ATOM   1229 O OD1 . ASN B 2 11  ? -9.07023  -0.51922  -27.22938 1.000 92.77498  ? 69  ASN B OD1 1 
ATOM   1230 N ND2 . ASN B 2 11  ? -8.00733  -1.71595  -28.82214 1.000 98.72368  ? 69  ASN B ND2 1 
ATOM   1231 N N   . GLU B 2 12  ? -4.35827  1.69950   -26.71326 1.000 96.48588  ? 70  GLU B N   1 
ATOM   1232 C CA  . GLU B 2 12  ? -2.90389  1.79495   -26.78276 1.000 90.87376  ? 70  GLU B CA  1 
ATOM   1233 C C   . GLU B 2 12  ? -2.27395  1.89831   -25.39905 1.000 87.64756  ? 70  GLU B C   1 
ATOM   1234 O O   . GLU B 2 12  ? -1.25144  1.25562   -25.14591 1.000 72.83347  ? 70  GLU B O   1 
ATOM   1235 C CB  . GLU B 2 12  ? -2.47330  2.98238   -27.65864 1.000 80.22211  ? 70  GLU B CB  1 
ATOM   1236 C CG  . GLU B 2 12  ? -2.99818  3.02478   -29.11123 1.000 92.82641  ? 70  GLU B CG  1 
ATOM   1237 C CD  . GLU B 2 12  ? -4.52207  2.98073   -29.27566 1.000 115.24153 ? 70  GLU B CD  1 
ATOM   1238 O OE1 . GLU B 2 12  ? -5.00769  2.55913   -30.35087 1.000 107.11248 ? 70  GLU B OE1 1 
ATOM   1239 O OE2 . GLU B 2 12  ? -5.23336  3.40728   -28.33027 1.000 113.86819 ? 70  GLU B OE2 1 
ATOM   1240 N N   . ARG B 2 13  ? -2.84986  2.70767   -24.50114 1.000 82.95823  ? 71  ARG B N   1 
ATOM   1241 C CA  . ARG B 2 13  ? -2.39545  2.67773   -23.11583 1.000 82.34085  ? 71  ARG B CA  1 
ATOM   1242 C C   . ARG B 2 13  ? -2.56104  1.28060   -22.52367 1.000 92.84310  ? 71  ARG B C   1 
ATOM   1243 O O   . ARG B 2 13  ? -1.69824  0.82154   -21.76096 1.000 80.90959  ? 71  ARG B O   1 
ATOM   1244 C CB  . ARG B 2 13  ? -3.14179  3.72174   -22.26824 1.000 73.27894  ? 71  ARG B CB  1 
ATOM   1245 C CG  . ARG B 2 13  ? -2.47360  5.10773   -22.17209 1.000 72.03081  ? 71  ARG B CG  1 
ATOM   1246 C CD  . ARG B 2 13  ? -3.25406  6.04568   -21.23595 1.000 76.93107  ? 71  ARG B CD  1 
ATOM   1247 N NE  . ARG B 2 13  ? -3.60070  7.29695   -21.90649 1.000 109.96602 ? 71  ARG B NE  1 
ATOM   1248 C CZ  . ARG B 2 13  ? -4.83200  7.63340   -22.27798 1.000 101.49309 ? 71  ARG B CZ  1 
ATOM   1249 N NH1 . ARG B 2 13  ? -5.87322  6.86346   -21.99249 1.000 89.75782  ? 71  ARG B NH1 1 
ATOM   1250 N NH2 . ARG B 2 13  ? -5.01785  8.75137   -22.97989 1.000 86.48031  ? 71  ARG B NH2 1 
ATOM   1251 N N   . TYR B 2 14  ? -3.62866  0.56688   -22.90007 1.000 89.06534  ? 72  TYR B N   1 
ATOM   1252 C CA  . TYR B 2 14  ? -3.84349  -0.75897  -22.32602 1.000 86.93931  ? 72  TYR B CA  1 
ATOM   1253 C C   . TYR B 2 14  ? -2.75202  -1.73732  -22.75775 1.000 82.43435  ? 72  TYR B C   1 
ATOM   1254 O O   . TYR B 2 14  ? -2.22123  -2.48105  -21.92415 1.000 86.84719  ? 72  TYR B O   1 
ATOM   1255 C CB  . TYR B 2 14  ? -5.23133  -1.29601  -22.69661 1.000 74.35482  ? 72  TYR B CB  1 
ATOM   1256 C CG  . TYR B 2 14  ? -5.57726  -2.60711  -22.00185 1.000 84.59286  ? 72  TYR B CG  1 
ATOM   1257 C CD1 . TYR B 2 14  ? -5.90654  -2.65146  -20.64470 1.000 73.97864  ? 72  TYR B CD1 1 
ATOM   1258 C CD2 . TYR B 2 14  ? -5.54613  -3.80777  -22.70167 1.000 82.74619  ? 72  TYR B CD2 1 
ATOM   1259 C CE1 . TYR B 2 14  ? -6.21575  -3.86728  -20.02185 1.000 70.80487  ? 72  TYR B CE1 1 
ATOM   1260 C CE2 . TYR B 2 14  ? -5.86283  -5.00711  -22.09027 1.000 73.03604  ? 72  TYR B CE2 1 
ATOM   1261 C CZ  . TYR B 2 14  ? -6.19354  -5.03327  -20.76158 1.000 70.05210  ? 72  TYR B CZ  1 
ATOM   1262 O OH  . TYR B 2 14  ? -6.48853  -6.24579  -20.18962 1.000 79.22310  ? 72  TYR B OH  1 
ATOM   1263 N N   . ASP B 2 15  ? -2.37946  -1.73687  -24.04379 1.000 89.55248  ? 73  ASP B N   1 
ATOM   1264 C CA  . ASP B 2 15  ? -1.29265  -2.60933  -24.49510 1.000 84.31305  ? 73  ASP B CA  1 
ATOM   1265 C C   . ASP B 2 15  ? 0.03982   -2.23288  -23.84984 1.000 74.55487  ? 73  ASP B C   1 
ATOM   1266 O O   . ASP B 2 15  ? 0.83504   -3.11656  -23.50982 1.000 83.45276  ? 73  ASP B O   1 
ATOM   1267 C CB  . ASP B 2 15  ? -1.19072  -2.57369  -26.01937 1.000 78.09920  ? 73  ASP B CB  1 
ATOM   1268 C CG  . ASP B 2 15  ? -2.50675  -2.90241  -26.68849 1.000 76.82486  ? 73  ASP B CG  1 
ATOM   1269 O OD1 . ASP B 2 15  ? -3.31859  -3.61377  -26.07193 1.000 90.10699  ? 73  ASP B OD1 1 
ATOM   1270 O OD2 . ASP B 2 15  ? -2.76398  -2.40961  -27.80127 1.000 83.20852  ? 73  ASP B OD2 1 
ATOM   1271 N N   . SER B 2 16  ? 0.29491   -0.93360  -23.65322 1.000 73.69544  ? 74  SER B N   1 
ATOM   1272 C CA  . SER B 2 16  ? 1.54955   -0.50410  -23.03264 1.000 71.44846  ? 74  SER B CA  1 
ATOM   1273 C C   . SER B 2 16  ? 1.61762   -0.92892  -21.57689 1.000 77.80565  ? 74  SER B C   1 
ATOM   1274 O O   . SER B 2 16  ? 2.66452   -1.37815  -21.09443 1.000 85.86780  ? 74  SER B O   1 
ATOM   1275 C CB  . SER B 2 16  ? 1.70921   1.01304   -23.12854 1.000 79.24297  ? 74  SER B CB  1 
ATOM   1276 O OG  . SER B 2 16  ? 1.15848   1.51614   -24.33025 1.000 83.70020  ? 74  SER B OG  1 
ATOM   1277 N N   . PHE B 2 17  ? 0.51857   -0.75446  -20.85404 1.000 80.94091  ? 75  PHE B N   1 
ATOM   1278 C CA  . PHE B 2 17  ? 0.40998   -1.29537  -19.51089 1.000 73.08607  ? 75  PHE B CA  1 
ATOM   1279 C C   . PHE B 2 17  ? 0.56339   -2.81437  -19.51793 1.000 70.70417  ? 75  PHE B C   1 
ATOM   1280 O O   . PHE B 2 17  ? 1.29436   -3.37581  -18.68882 1.000 69.17436  ? 75  PHE B O   1 
ATOM   1281 C CB  . PHE B 2 17  ? -0.93036  -0.85872  -18.93027 1.000 77.93798  ? 75  PHE B CB  1 
ATOM   1282 C CG  . PHE B 2 17  ? -1.26118  -1.48876  -17.64168 1.000 62.95567  ? 75  PHE B CG  1 
ATOM   1283 C CD1 . PHE B 2 17  ? -1.95897  -2.68234  -17.61573 1.000 64.58320  ? 75  PHE B CD1 1 
ATOM   1284 C CD2 . PHE B 2 17  ? -0.96063  -0.85591  -16.45933 1.000 60.63741  ? 75  PHE B CD2 1 
ATOM   1285 C CE1 . PHE B 2 17  ? -2.29635  -3.27428  -16.43429 1.000 61.33582  ? 75  PHE B CE1 1 
ATOM   1286 C CE2 . PHE B 2 17  ? -1.28741  -1.43653  -15.26748 1.000 64.79046  ? 75  PHE B CE2 1 
ATOM   1287 C CZ  . PHE B 2 17  ? -1.96471  -2.64946  -15.25308 1.000 76.11154  ? 75  PHE B CZ  1 
ATOM   1288 N N   . ILE B 2 18  ? -0.10745  -3.50075  -20.45051 1.000 70.63270  ? 76  ILE B N   1 
ATOM   1289 C CA  . ILE B 2 18  ? -0.03843  -4.96111  -20.46179 1.000 71.89795  ? 76  ILE B CA  1 
ATOM   1290 C C   . ILE B 2 18  ? 1.39427   -5.42428  -20.70911 1.000 69.42025  ? 76  ILE B C   1 
ATOM   1291 O O   . ILE B 2 18  ? 1.97611   -6.13954  -19.88221 1.000 75.31552  ? 76  ILE B O   1 
ATOM   1292 C CB  . ILE B 2 18  ? -1.01886  -5.56120  -21.48217 1.000 68.95849  ? 76  ILE B CB  1 
ATOM   1293 C CG1 . ILE B 2 18  ? -2.41451  -5.67544  -20.86935 1.000 61.12291  ? 76  ILE B CG1 1 
ATOM   1294 C CG2 . ILE B 2 18  ? -0.57574  -6.97631  -21.83088 1.000 74.69022  ? 76  ILE B CG2 1 
ATOM   1295 C CD1 . ILE B 2 18  ? -2.61625  -6.91932  -20.03817 1.000 61.11279  ? 76  ILE B CD1 1 
ATOM   1296 N N   . THR B 2 19  ? 2.00113   -4.97851  -21.81860 1.000 70.79237  ? 77  THR B N   1 
ATOM   1297 C CA  . THR B 2 19  ? 3.38639   -5.35701  -22.09329 1.000 79.70905  ? 77  THR B CA  1 
ATOM   1298 C C   . THR B 2 19  ? 4.30346   -5.03699  -20.92025 1.000 63.76844  ? 77  THR B C   1 
ATOM   1299 O O   . THR B 2 19  ? 5.15352   -5.85675  -20.55719 1.000 64.11712  ? 77  THR B O   1 
ATOM   1300 C CB  . THR B 2 19  ? 3.91850   -4.65315  -23.33384 1.000 67.04922  ? 77  THR B CB  1 
ATOM   1301 O OG1 . THR B 2 19  ? 3.40566   -3.31994  -23.37824 1.000 77.10717  ? 77  THR B OG1 1 
ATOM   1302 C CG2 . THR B 2 19  ? 3.51826   -5.39087  -24.60588 1.000 62.32860  ? 77  THR B CG2 1 
ATOM   1303 N N   . GLN B 2 20  ? 4.17103   -3.84840  -20.32100 1.000 59.15381  ? 78  GLN B N   1 
ATOM   1304 C CA  . GLN B 2 20  ? 5.10027   -3.54947  -19.24763 1.000 57.18686  ? 78  GLN B CA  1 
ATOM   1305 C C   . GLN B 2 20  ? 4.82989   -4.40727  -18.01596 1.000 69.98416  ? 78  GLN B C   1 
ATOM   1306 O O   . GLN B 2 20  ? 5.74131   -4.58094  -17.19725 1.000 79.48602  ? 78  GLN B O   1 
ATOM   1307 C CB  . GLN B 2 20  ? 5.11420   -2.04746  -18.92131 1.000 52.48472  ? 78  GLN B CB  1 
ATOM   1308 C CG  . GLN B 2 20  ? 3.99688   -1.57616  -18.05873 1.000 68.93747  ? 78  GLN B CG  1 
ATOM   1309 C CD  . GLN B 2 20  ? 4.17711   -0.15072  -17.48222 1.000 77.58083  ? 78  GLN B CD  1 
ATOM   1310 O OE1 . GLN B 2 20  ? 5.29039   0.40488   -17.40653 1.000 55.45831  ? 78  GLN B OE1 1 
ATOM   1311 N NE2 . GLN B 2 20  ? 3.05496   0.42716   -17.04402 1.000 69.84266  ? 78  GLN B NE2 1 
ATOM   1312 N N   . LEU B 2 21  ? 3.64008   -5.02113  -17.91292 1.000 75.23998  ? 79  LEU B N   1 
ATOM   1313 C CA  . LEU B 2 21  ? 3.27459   -5.92959  -16.82634 1.000 56.71186  ? 79  LEU B CA  1 
ATOM   1314 C C   . LEU B 2 21  ? 3.66433   -7.38305  -17.09117 1.000 56.81514  ? 79  LEU B C   1 
ATOM   1315 O O   . LEU B 2 21  ? 4.04727   -8.09722  -16.15873 1.000 66.38686  ? 79  LEU B O   1 
ATOM   1316 C CB  . LEU B 2 21  ? 1.76492   -5.84151  -16.55992 1.000 71.07829  ? 79  LEU B CB  1 
ATOM   1317 C CG  . LEU B 2 21  ? 1.25875   -6.26725  -15.16505 1.000 69.64028  ? 79  LEU B CG  1 
ATOM   1318 C CD1 . LEU B 2 21  ? 1.49396   -5.14856  -14.17672 1.000 75.73902  ? 79  LEU B CD1 1 
ATOM   1319 C CD2 . LEU B 2 21  ? -0.21223  -6.62934  -15.18448 1.000 53.28641  ? 79  LEU B CD2 1 
ATOM   1320 N N   . GLU B 2 22  ? 3.55271   -7.85998  -18.33109 1.000 67.14641  ? 80  GLU B N   1 
ATOM   1321 C CA  . GLU B 2 22  ? 4.04898   -9.19656  -18.64192 1.000 64.77224  ? 80  GLU B CA  1 
ATOM   1322 C C   . GLU B 2 22  ? 5.56114   -9.20620  -18.81725 1.000 66.23850  ? 80  GLU B C   1 
ATOM   1323 O O   . GLU B 2 22  ? 6.15461   -10.28254 -18.96397 1.000 78.19806  ? 80  GLU B O   1 
ATOM   1324 C CB  . GLU B 2 22  ? 3.43188   -9.72699  -19.92508 1.000 75.44533  ? 80  GLU B CB  1 
ATOM   1325 C CG  . GLU B 2 22  ? 3.05780   -8.61823  -20.91167 1.000 95.70118  ? 80  GLU B CG  1 
ATOM   1326 C CD  . GLU B 2 22  ? 2.62225   -9.14834  -22.27714 1.000 109.78792 ? 80  GLU B CD  1 
ATOM   1327 O OE1 . GLU B 2 22  ? 1.85416   -10.13740 -22.27843 1.000 107.53949 ? 80  GLU B OE1 1 
ATOM   1328 O OE2 . GLU B 2 22  ? 3.09773   -8.60814  -23.33037 1.000 87.24336  ? 80  GLU B OE2 1 
ATOM   1329 N N   . ALA B 2 23  ? 6.18955   -8.03140  -18.83095 1.000 60.44959  ? 81  ALA B N   1 
ATOM   1330 C CA  . ALA B 2 23  ? 7.62813   -7.93557  -18.86830 1.000 65.53483  ? 81  ALA B CA  1 
ATOM   1331 C C   . ALA B 2 23  ? 8.22719   -8.44338  -17.56968 1.000 63.55768  ? 81  ALA B C   1 
ATOM   1332 O O   . ALA B 2 23  ? 7.57875   -8.42405  -16.52150 1.000 61.33319  ? 81  ALA B O   1 
ATOM   1333 C CB  . ALA B 2 23  ? 8.04499   -6.49062  -19.12036 1.000 75.67755  ? 81  ALA B CB  1 
ATOM   1334 N N   . PRO B 2 24  ? 9.46555   -8.92082  -17.62227 1.000 76.73695  ? 82  PRO B N   1 
ATOM   1335 C CA  . PRO B 2 24  ? 10.15027  -9.33677  -16.39632 1.000 63.07671  ? 82  PRO B CA  1 
ATOM   1336 C C   . PRO B 2 24  ? 10.21707  -8.20560  -15.39084 1.000 49.26456  ? 82  PRO B C   1 
ATOM   1337 O O   . PRO B 2 24  ? 10.29147  -7.02017  -15.73094 1.000 47.09736  ? 82  PRO B O   1 
ATOM   1338 C CB  . PRO B 2 24  ? 11.55662  -9.73329  -16.86586 1.000 51.74520  ? 82  PRO B CB  1 
ATOM   1339 C CG  . PRO B 2 24  ? 11.51733  -9.78018  -18.31155 1.000 56.82848  ? 82  PRO B CG  1 
ATOM   1340 C CD  . PRO B 2 24  ? 10.23214  -9.23666  -18.82795 1.000 72.80269  ? 82  PRO B CD  1 
ATOM   1341 N N   . VAL B 2 25  ? 10.20354  -8.60291  -14.12672 1.000 45.44363  ? 83  VAL B N   1 
ATOM   1342 C CA  . VAL B 2 25  ? 10.18369  -7.62288  -13.06853 1.000 49.76238  ? 83  VAL B CA  1 
ATOM   1343 C C   . VAL B 2 25  ? 11.38567  -6.71051  -13.18773 1.000 47.57136  ? 83  VAL B C   1 
ATOM   1344 O O   . VAL B 2 25  ? 12.45219  -7.09332  -13.68129 1.000 42.35761  ? 83  VAL B O   1 
ATOM   1345 C CB  . VAL B 2 25  ? 10.11693  -8.32749  -11.71239 1.000 48.82852  ? 83  VAL B CB  1 
ATOM   1346 C CG1 . VAL B 2 25  ? 9.71176   -7.31856  -10.65827 1.000 57.72024  ? 83  VAL B CG1 1 
ATOM   1347 C CG2 . VAL B 2 25  ? 9.08125   -9.39130  -11.79492 1.000 55.07264  ? 83  VAL B CG2 1 
ATOM   1348 N N   . GLN B 2 26  ? 11.17490  -5.47492  -12.78024 1.000 53.72240  ? 84  GLN B N   1 
ATOM   1349 C CA  . GLN B 2 26  ? 12.11530  -4.37654  -12.81402 1.000 48.80729  ? 84  GLN B CA  1 
ATOM   1350 C C   . GLN B 2 26  ? 12.26616  -3.85682  -11.39820 1.000 57.94607  ? 84  GLN B C   1 
ATOM   1351 O O   . GLN B 2 26  ? 11.65187  -4.38698  -10.46316 1.000 56.83357  ? 84  GLN B O   1 
ATOM   1352 C CB  . GLN B 2 26  ? 11.63257  -3.28481  -13.76558 1.000 53.91756  ? 84  GLN B CB  1 
ATOM   1353 C CG  . GLN B 2 26  ? 10.72700  -3.78901  -14.88547 1.000 69.36971  ? 84  GLN B CG  1 
ATOM   1354 C CD  . GLN B 2 26  ? 10.13749  -2.63630  -15.69812 1.000 89.26663  ? 84  GLN B CD  1 
ATOM   1355 O OE1 . GLN B 2 26  ? 10.83006  -1.63619  -15.92785 1.000 98.75407  ? 84  GLN B OE1 1 
ATOM   1356 N NE2 . GLN B 2 26  ? 8.87731   -2.77196  -16.16004 1.000 67.50987  ? 84  GLN B NE2 1 
ATOM   1357 N N   . ASN B 2 27  ? 13.07525  -2.80254  -11.24975 1.000 50.38654  ? 85  ASN B N   1 
ATOM   1358 C CA  . ASN B 2 27  ? 13.45062  -2.28596  -9.92777  1.000 45.47969  ? 85  ASN B CA  1 
ATOM   1359 C C   . ASN B 2 27  ? 13.75506  -3.41911  -8.95217  1.000 58.26736  ? 85  ASN B C   1 
ATOM   1360 O O   . ASN B 2 27  ? 13.41189  -3.36469  -7.76331  1.000 57.18804  ? 85  ASN B O   1 
ATOM   1361 C CB  . ASN B 2 27  ? 12.37716  -1.36616  -9.37174  1.000 54.48994  ? 85  ASN B CB  1 
ATOM   1362 C CG  . ASN B 2 27  ? 12.83937  -0.60941  -8.14049  1.000 66.89446  ? 85  ASN B CG  1 
ATOM   1363 O OD1 . ASN B 2 27  ? 13.95317  -0.83149  -7.65167  1.000 67.50590  ? 85  ASN B OD1 1 
ATOM   1364 N ND2 . ASN B 2 27  ? 11.99719  0.27661   -7.62935  1.000 63.01656  ? 85  ASN B ND2 1 
ATOM   1365 N N   . ALA B 2 28  ? 14.41113  -4.46453  -9.46444  1.000 49.54375  ? 86  ALA B N   1 
ATOM   1366 C CA  . ALA B 2 28  ? 14.78572  -5.58331  -8.61583  1.000 45.84461  ? 86  ALA B CA  1 
ATOM   1367 C C   . ALA B 2 28  ? 15.56544  -5.12338  -7.38116  1.000 51.29660  ? 86  ALA B C   1 
ATOM   1368 O O   . ALA B 2 28  ? 15.45699  -5.72045  -6.29832  1.000 48.79655  ? 86  ALA B O   1 
ATOM   1369 C CB  . ALA B 2 28  ? 15.59336  -6.56553  -9.45659  1.000 52.36390  ? 86  ALA B CB  1 
ATOM   1370 N N   . GLU B 2 29  ? 16.30583  -4.02491  -7.51144  1.000 58.05044  ? 87  GLU B N   1 
ATOM   1371 C CA  . GLU B 2 29  ? 17.14371  -3.54381  -6.41659  1.000 53.62882  ? 87  GLU B CA  1 
ATOM   1372 C C   . GLU B 2 29  ? 16.31783  -3.17303  -5.19101  1.000 61.61376  ? 87  GLU B C   1 
ATOM   1373 O O   . GLU B 2 29  ? 16.62733  -3.60935  -4.07622  1.000 61.92563  ? 87  GLU B O   1 
ATOM   1374 C CB  . GLU B 2 29  ? 17.96829  -2.35968  -6.91874  1.000 62.33525  ? 87  GLU B CB  1 
ATOM   1375 C CG  . GLU B 2 29  ? 18.99141  -2.77942  -7.96642  1.000 57.14629  ? 87  GLU B CG  1 
ATOM   1376 C CD  . GLU B 2 29  ? 18.42544  -2.97730  -9.37783  1.000 62.58465  ? 87  GLU B CD  1 
ATOM   1377 O OE1 . GLU B 2 29  ? 17.20648  -2.74781  -9.61279  1.000 46.21761  ? 87  GLU B OE1 1 
ATOM   1378 O OE2 . GLU B 2 29  ? 19.21791  -3.43618  -10.23776 1.000 73.30160  ? 87  GLU B OE2 1 
ATOM   1379 N N   . GLY B 2 30  ? 15.26341  -2.37041  -5.37575  1.000 54.65807  ? 88  GLY B N   1 
ATOM   1380 C CA  . GLY B 2 30  ? 14.41122  -2.00518  -4.25102  1.000 52.23306  ? 88  GLY B CA  1 
ATOM   1381 C C   . GLY B 2 30  ? 13.71214  -3.20451  -3.63909  1.000 51.41475  ? 88  GLY B C   1 
ATOM   1382 O O   . GLY B 2 30  ? 13.79483  -3.43112  -2.43306  1.000 52.37526  ? 88  GLY B O   1 
ATOM   1383 N N   . ARG B 2 31  ? 13.04057  -4.00690  -4.46920  1.000 48.29099  ? 89  ARG B N   1 
ATOM   1384 C CA  . ARG B 2 31  ? 12.41566  -5.23986  -3.99735  1.000 44.24590  ? 89  ARG B CA  1 
ATOM   1385 C C   . ARG B 2 31  ? 13.33532  -6.03644  -3.08859  1.000 57.17932  ? 89  ARG B C   1 
ATOM   1386 O O   . ARG B 2 31  ? 12.88868  -6.62652  -2.09746  1.000 67.69101  ? 89  ARG B O   1 
ATOM   1387 C CB  . ARG B 2 31  ? 11.97860  -6.09817  -5.16969  1.000 43.73510  ? 89  ARG B CB  1 
ATOM   1388 C CG  . ARG B 2 31  ? 11.01976  -5.40253  -6.09585  1.000 48.55187  ? 89  ARG B CG  1 
ATOM   1389 C CD  . ARG B 2 31  ? 10.67180  -6.22754  -7.34231  1.000 68.69000  ? 89  ARG B CD  1 
ATOM   1390 N NE  . ARG B 2 31  ? 9.97532   -7.48618  -7.06366  1.000 71.88460  ? 89  ARG B NE  1 
ATOM   1391 C CZ  . ARG B 2 31  ? 8.70312   -7.72414  -7.37097  1.000 68.07248  ? 89  ARG B CZ  1 
ATOM   1392 N NH1 . ARG B 2 31  ? 7.95750   -6.81805  -7.98696  1.000 55.65044  ? 89  ARG B NH1 1 
ATOM   1393 N NH2 . ARG B 2 31  ? 8.17397   -8.90355  -7.06511  1.000 54.05946  ? 89  ARG B NH2 1 
ATOM   1394 N N   . GLU B 2 32  ? 14.62231  -6.09017  -3.40528  1.000 56.75111  ? 90  GLU B N   1 
ATOM   1395 C CA  . GLU B 2 32  ? 15.52594  -6.71084  -2.45250  1.000 48.39201  ? 90  GLU B CA  1 
ATOM   1396 C C   . GLU B 2 32  ? 15.60534  -5.91448  -1.18096  1.000 53.78704  ? 90  GLU B C   1 
ATOM   1397 O O   . GLU B 2 32  ? 15.65314  -6.48257  -0.08854  1.000 59.11290  ? 90  GLU B O   1 
ATOM   1398 C CB  . GLU B 2 32  ? 16.89997  -6.84665  -3.04638  1.000 70.49791  ? 90  GLU B CB  1 
ATOM   1399 C CG  . GLU B 2 32  ? 17.09812  -8.18153  -3.57711  1.000 84.35596  ? 90  GLU B CG  1 
ATOM   1400 C CD  . GLU B 2 32  ? 18.53930  -8.41475  -3.77606  1.000 93.65371  ? 90  GLU B CD  1 
ATOM   1401 O OE1 . GLU B 2 32  ? 18.88422  -9.09255  -4.77544  1.000 88.09003  ? 90  GLU B OE1 1 
ATOM   1402 O OE2 . GLU B 2 32  ? 19.31396  -7.86393  -2.95371  1.000 83.85645  ? 90  GLU B OE2 1 
ATOM   1403 N N   . ARG B 2 33  ? 15.67542  -4.59455  -1.30658  1.000 52.25410  ? 91  ARG B N   1 
ATOM   1404 C CA  . ARG B 2 33  ? 15.72376  -3.76216  -0.12124  1.000 53.35050  ? 91  ARG B CA  1 
ATOM   1405 C C   . ARG B 2 33  ? 14.45594  -3.93446  0.69198   1.000 61.69207  ? 91  ARG B C   1 
ATOM   1406 O O   . ARG B 2 33  ? 14.51722  -4.15224  1.90746   1.000 71.83536  ? 91  ARG B O   1 
ATOM   1407 C CB  . ARG B 2 33  ? 15.93522  -2.31087  -0.51646  1.000 61.67386  ? 91  ARG B CB  1 
ATOM   1408 C CG  . ARG B 2 33  ? 16.32198  -1.44972  0.63710   1.000 63.58782  ? 91  ARG B CG  1 
ATOM   1409 C CD  . ARG B 2 33  ? 17.40831  -0.48957  0.23473   1.000 68.34077  ? 91  ARG B CD  1 
ATOM   1410 N NE  . ARG B 2 33  ? 17.10227  0.16549   -1.02898  1.000 75.14773  ? 91  ARG B NE  1 
ATOM   1411 C CZ  . ARG B 2 33  ? 17.93651  0.24623   -2.05727  1.000 84.62281  ? 91  ARG B CZ  1 
ATOM   1412 N NH1 . ARG B 2 33  ? 19.16146  -0.25572  -1.99219  1.000 90.67456  ? 91  ARG B NH1 1 
ATOM   1413 N NH2 . ARG B 2 33  ? 17.53175  0.84748   -3.17744  1.000 65.49389  ? 91  ARG B NH2 1 
ATOM   1414 N N   . LEU B 2 34  ? 13.29163  -3.89293  0.03967   1.000 60.71885  ? 92  LEU B N   1 
ATOM   1415 C CA  . LEU B 2 34  ? 12.04639  -4.09061  0.78363   1.000 65.17256  ? 92  LEU B CA  1 
ATOM   1416 C C   . LEU B 2 34  ? 11.97070  -5.48668  1.38158   1.000 59.39117  ? 92  LEU B C   1 
ATOM   1417 O O   . LEU B 2 34  ? 11.58213  -5.65283  2.54408   1.000 58.31149  ? 92  LEU B O   1 
ATOM   1418 C CB  . LEU B 2 34  ? 10.82908  -3.80710  -0.09361  1.000 58.65610  ? 92  LEU B CB  1 
ATOM   1419 C CG  . LEU B 2 34  ? 9.52171   -3.72905  0.70830   1.000 56.76081  ? 92  LEU B CG  1 
ATOM   1420 C CD1 . LEU B 2 34  ? 8.86124   -5.08465  0.81841   1.000 75.39342  ? 92  LEU B CD1 1 
ATOM   1421 C CD2 . LEU B 2 34  ? 9.77390   -3.18741  2.11297   1.000 50.73023  ? 92  LEU B CD2 1 
ATOM   1422 N N   . MET B 2 35  ? 12.33810  -6.50243  0.60217   1.000 72.47296  ? 93  MET B N   1 
ATOM   1423 C CA  . MET B 2 35  ? 12.26181  -7.87598  1.08795   1.000 61.80324  ? 93  MET B CA  1 
ATOM   1424 C C   . MET B 2 35  ? 13.23238  -8.12090  2.22234   1.000 69.92202  ? 93  MET B C   1 
ATOM   1425 O O   . MET B 2 35  ? 13.11629  -9.13867  2.91550   1.000 75.12178  ? 93  MET B O   1 
ATOM   1426 C CB  . MET B 2 35  ? 12.51722  -8.83973  -0.06963  1.000 66.22901  ? 93  MET B CB  1 
ATOM   1427 C CG  . MET B 2 35  ? 11.26669  -9.13552  -0.89898  1.000 75.35480  ? 93  MET B CG  1 
ATOM   1428 S SD  . MET B 2 35  ? 9.78060   -9.27896  0.12730   1.000 83.09963  ? 93  MET B SD  1 
ATOM   1429 C CE  . MET B 2 35  ? 8.63021   -8.20392  -0.72622  1.000 79.14242  ? 93  MET B CE  1 
ATOM   1430 N N   . ALA B 2 36  ? 14.18019  -7.20309  2.42977   1.000 70.67464  ? 94  ALA B N   1 
ATOM   1431 C CA  . ALA B 2 36  ? 15.13623  -7.31101  3.52458   1.000 64.28279  ? 94  ALA B CA  1 
ATOM   1432 C C   . ALA B 2 36  ? 14.64000  -6.63945  4.79814   1.000 90.92118  ? 94  ALA B C   1 
ATOM   1433 O O   . ALA B 2 36  ? 14.93867  -7.12618  5.89527   1.000 90.96737  ? 94  ALA B O   1 
ATOM   1434 C CB  . ALA B 2 36  ? 16.48342  -6.70735  3.11022   1.000 59.93903  ? 94  ALA B CB  1 
ATOM   1435 N N   . VAL B 2 37  ? 13.90564  -5.52802  4.68077   1.000 76.85991  ? 95  VAL B N   1 
ATOM   1436 C CA  . VAL B 2 37  ? 13.27080  -4.92142  5.83942   1.000 61.31193  ? 95  VAL B CA  1 
ATOM   1437 C C   . VAL B 2 37  ? 12.59910  -6.04729  6.61411   1.000 71.74244  ? 95  VAL B C   1 
ATOM   1438 O O   . VAL B 2 37  ? 11.51146  -6.49988  6.24023   1.000 91.14376  ? 95  VAL B O   1 
ATOM   1439 C CB  . VAL B 2 37  ? 12.25058  -3.84139  5.42772   1.000 65.65546  ? 95  VAL B CB  1 
ATOM   1440 C CG1 . VAL B 2 37  ? 11.49400  -3.32063  6.63987   1.000 60.40811  ? 95  VAL B CG1 1 
ATOM   1441 C CG2 . VAL B 2 37  ? 12.91908  -2.72737  4.62377   1.000 61.51459  ? 95  VAL B CG2 1 
ATOM   1442 N N   . LYS B 2 38  ? 13.29245  -6.57993  7.62987   1.000 72.34685  ? 96  LYS B N   1 
ATOM   1443 C CA  . LYS B 2 38  ? 12.69118  -7.47871  8.60885   1.000 75.51913  ? 96  LYS B CA  1 
ATOM   1444 C C   . LYS B 2 38  ? 12.22629  -6.62677  9.77482   1.000 72.86500  ? 96  LYS B C   1 
ATOM   1445 O O   . LYS B 2 38  ? 13.06327  -6.12407  10.54076  1.000 82.39490  ? 96  LYS B O   1 
ATOM   1446 C CB  . LYS B 2 38  ? 13.68717  -8.53514  9.09319   1.000 71.86005  ? 96  LYS B CB  1 
ATOM   1447 N N   . PRO B 2 39  ? 10.92764  -6.40023  9.93727   1.000 82.64809  ? 97  PRO B N   1 
ATOM   1448 C CA  . PRO B 2 39  ? 10.44079  -5.59832  11.06613  1.000 82.45189  ? 97  PRO B CA  1 
ATOM   1449 C C   . PRO B 2 39  ? 10.39869  -6.39838  12.36302  1.000 82.98085  ? 97  PRO B C   1 
ATOM   1450 O O   . PRO B 2 39  ? 10.36105  -7.62783  12.36411  1.000 92.71947  ? 97  PRO B O   1 
ATOM   1451 C CB  . PRO B 2 39  ? 9.02945   -5.18133  10.61788  1.000 88.82680  ? 97  PRO B CB  1 
ATOM   1452 C CG  . PRO B 2 39  ? 8.77625   -5.88663  9.28273   1.000 77.38527  ? 97  PRO B CG  1 
ATOM   1453 C CD  . PRO B 2 39  ? 9.83737   -6.90000  9.08507   1.000 70.49973  ? 97  PRO B CD  1 
ATOM   1454 N N   . GLU B 2 40  ? 10.41244  -5.67307  13.48398  1.000 97.91767  ? 98  GLU B N   1 
ATOM   1455 C CA  . GLU B 2 40  ? 10.33645  -6.26077  14.83343  1.000 99.79138  ? 98  GLU B CA  1 
ATOM   1456 C C   . GLU B 2 40  ? 9.02524   -5.80952  15.47925  1.000 103.51487 ? 98  GLU B C   1 
ATOM   1457 O O   . GLU B 2 40  ? 8.98477   -4.82796  16.22413  1.000 109.31455 ? 98  GLU B O   1 
ATOM   1458 C CB  . GLU B 2 40  ? 11.57260  -5.85816  15.71348  1.000 74.61934  ? 98  GLU B CB  1 
ATOM   1459 N N   . TRP B 2 41  ? 7.94502   -6.52421  15.18484  1.000 100.17996 ? 99  TRP B N   1 
ATOM   1460 C CA  . TRP B 2 41  ? 6.65446   -6.17276  15.75521  1.000 93.58031  ? 99  TRP B CA  1 
ATOM   1461 C C   . TRP B 2 41  ? 6.47655   -6.80201  17.13824  1.000 105.28969 ? 99  TRP B C   1 
ATOM   1462 O O   . TRP B 2 41  ? 7.09518   -7.81593  17.47438  1.000 101.89507 ? 99  TRP B O   1 
ATOM   1463 C CB  . TRP B 2 41  ? 5.52915   -6.62946  14.83166  1.000 89.44227  ? 99  TRP B CB  1 
ATOM   1464 C CG  . TRP B 2 41  ? 5.60463   -6.11808  13.41871  1.000 88.65617  ? 99  TRP B CG  1 
ATOM   1465 C CD1 . TRP B 2 41  ? 5.86468   -6.85135  12.29873  1.000 78.53825  ? 99  TRP B CD1 1 
ATOM   1466 C CD2 . TRP B 2 41  ? 5.38972   -4.77434  12.97463  1.000 78.67639  ? 99  TRP B CD2 1 
ATOM   1467 N NE1 . TRP B 2 41  ? 5.84191   -6.04832  11.19308  1.000 80.11214  ? 99  TRP B NE1 1 
ATOM   1468 C CE2 . TRP B 2 41  ? 5.54559   -4.76782  11.58034  1.000 72.71588  ? 99  TRP B CE2 1 
ATOM   1469 C CE3 . TRP B 2 41  ? 5.08934   -3.57800  13.62144  1.000 78.88438  ? 99  TRP B CE3 1 
ATOM   1470 C CZ2 . TRP B 2 41  ? 5.40372   -3.61514  10.82230  1.000 73.35183  ? 99  TRP B CZ2 1 
ATOM   1471 C CZ3 . TRP B 2 41  ? 4.96022   -2.43487  12.86813  1.000 82.15719  ? 99  TRP B CZ3 1 
ATOM   1472 C CH2 . TRP B 2 41  ? 5.10580   -2.46117  11.48401  1.000 76.82151  ? 99  TRP B CH2 1 
ATOM   1473 N N   . LYS B 2 42  ? 5.60543   -6.20083  17.94130  1.000 93.91192  ? 100 LYS B N   1 
ATOM   1474 C CA  . LYS B 2 42  ? 5.35052   -6.76922  19.25855  1.000 78.72462  ? 100 LYS B CA  1 
ATOM   1475 C C   . LYS B 2 42  ? 3.87342   -7.04385  19.48854  1.000 81.10162  ? 100 LYS B C   1 
ATOM   1476 O O   . LYS B 2 42  ? 3.51411   -7.80324  20.38293  1.000 76.40709  ? 100 LYS B O   1 
ATOM   1477 C CB  . LYS B 2 42  ? 5.89032   -5.85063  20.34781  1.000 76.70711  ? 100 LYS B CB  1 
HETATM 1478 P P   . PO4 C 3 .   ? -11.78107 6.38053   -0.09697  1.000 123.44643 ? 201 PO4 A P   1 
HETATM 1479 O O1  . PO4 C 3 .   ? -11.37178 7.67046   0.58880   1.000 106.92215 ? 201 PO4 A O1  1 
HETATM 1480 O O2  . PO4 C 3 .   ? -11.00867 6.25588   -1.39460  1.000 95.18359  ? 201 PO4 A O2  1 
HETATM 1481 O O3  . PO4 C 3 .   ? -11.49588 5.21354   0.83973   1.000 107.56549 ? 201 PO4 A O3  1 
HETATM 1482 O O4  . PO4 C 3 .   ? -13.26840 6.38600   -0.41229  1.000 133.36318 ? 201 PO4 A O4  1 
HETATM 1483 O O   . HOH D 4 .   ? 7.91424   -9.55316  -3.73514  1.000 56.79346  ? 301 HOH A O   1 
HETATM 1484 O O   . HOH D 4 .   ? 1.58607   -10.28955 6.93725   1.000 54.78313  ? 302 HOH A O   1 
# 
